data_4TTV
#
_entry.id   4TTV
#
_cell.length_a   92.020
_cell.length_b   134.610
_cell.length_c   128.670
_cell.angle_alpha   90.000
_cell.angle_beta   90.100
_cell.angle_gamma   90.000
#
_symmetry.space_group_name_H-M   'P 1 21 1'
#
loop_
_entity.id
_entity.type
_entity.pdbx_description
1 polymer 'Threonine--tRNA ligase, cytoplasmic'
2 non-polymer '(1R,2R)-2-[(2S,6E,8R,9S,11R,13S,15S,16S)-7-cyano-8,16-dihydroxy-9,11,13,15-tetramethyl-18-oxooxacyclooctadec-6-en-2-yl]cyclobutanecarboxylic acid'
3 non-polymer 'ZINC ION'
4 water water
#
_entity_poly.entity_id   1
_entity_poly.type   'polypeptide(L)'
_entity_poly.pdbx_seq_one_letter_code
;MGSSHHHHHHSSDHRKIGRDQELYFFHELSPGSCFFLPKGAYIYNALIEFIRSEYRKRGFQEVVTPNIFNSRLWMTSGHW
QHYSENMFSFEVEKELFALKPMNCPGHCLMFDHRPRSWRELPLRLADFGVLHRNELSGALTGLTRVRRFQQDDAHIFCAM
EQIEDEIKGCLDFLRTVYSVFGFSFKLNLSTRPEKFLGDIEVWDQAEKQLENSLNEFGEKWELNSGDGAFYGPKIDIQIK
DAIGRYHQCATIQLDFQLPIRFNLTYVSHDGDDKKRPVIVHRAILGSVERMIAILTENYGGKWPFWLSPRQVMVVPVGPT
CDEYAQKVRQQFHDAKFMADIDLDPGCTLNKKIRNAQLAQYNFILVVGEKEKISGTVNIRTRDNKVHGERTISETIERLQ
QLKEFRSKQAEEEF
;
_entity_poly.pdbx_strand_id   A,B,C,D
#
loop_
_chem_comp.id
_chem_comp.type
_chem_comp.name
_chem_comp.formula
BC9 non-polymer '(1R,2R)-2-[(2S,6E,8R,9S,11R,13S,15S,16S)-7-cyano-8,16-dihydroxy-9,11,13,15-tetramethyl-18-oxooxacyclooctadec-6-en-2-yl]cyclobutanecarboxylic acid' 'C27 H43 N O6'
ZN non-polymer 'ZINC ION' 'Zn 2'
#
# COMPACT_ATOMS: atom_id res chain seq x y z
N SER A 12 -14.38 -40.43 13.58
CA SER A 12 -15.27 -39.36 14.01
C SER A 12 -15.01 -38.09 13.22
N ASP A 13 -15.82 -37.83 12.20
CA ASP A 13 -15.61 -36.72 11.29
C ASP A 13 -16.77 -35.73 11.30
N HIS A 14 -16.47 -34.43 11.39
CA HIS A 14 -17.48 -33.40 11.51
C HIS A 14 -18.20 -33.09 10.20
N ARG A 15 -17.62 -33.52 9.09
CA ARG A 15 -18.23 -33.34 7.78
C ARG A 15 -19.39 -34.32 7.58
N LYS A 16 -19.14 -35.59 7.87
CA LYS A 16 -20.16 -36.62 7.78
C LYS A 16 -21.27 -36.38 8.81
N ILE A 17 -20.87 -36.22 10.06
CA ILE A 17 -21.81 -35.90 11.13
C ILE A 17 -22.58 -34.63 10.79
N GLY A 18 -21.90 -33.69 10.14
CA GLY A 18 -22.53 -32.47 9.67
C GLY A 18 -23.64 -32.76 8.68
N ARG A 19 -23.36 -33.62 7.70
CA ARG A 19 -24.35 -34.01 6.70
C ARG A 19 -25.54 -34.77 7.30
N ASP A 20 -25.25 -35.75 8.15
CA ASP A 20 -26.30 -36.66 8.64
C ASP A 20 -27.29 -36.00 9.61
N GLN A 21 -26.84 -35.00 10.36
CA GLN A 21 -27.73 -34.29 11.28
C GLN A 21 -28.37 -33.07 10.63
N GLU A 22 -28.04 -32.86 9.35
CA GLU A 22 -28.50 -31.68 8.61
C GLU A 22 -28.16 -30.40 9.36
N LEU A 23 -26.90 -30.30 9.77
CA LEU A 23 -26.38 -29.09 10.40
C LEU A 23 -25.81 -28.17 9.33
N TYR A 24 -24.79 -28.66 8.63
CA TYR A 24 -24.12 -27.88 7.60
C TYR A 24 -23.60 -28.74 6.45
N PHE A 25 -23.39 -28.11 5.29
CA PHE A 25 -22.77 -28.79 4.15
C PHE A 25 -21.87 -27.85 3.37
N PHE A 26 -21.27 -28.36 2.30
CA PHE A 26 -20.32 -27.58 1.52
C PHE A 26 -20.61 -27.68 0.02
N HIS A 27 -20.14 -26.71 -0.75
CA HIS A 27 -20.39 -26.67 -2.18
C HIS A 27 -19.21 -26.07 -2.94
N GLU A 28 -18.97 -26.56 -4.14
CA GLU A 28 -17.81 -26.14 -4.93
C GLU A 28 -17.93 -24.69 -5.41
N LEU A 29 -19.14 -24.15 -5.34
CA LEU A 29 -19.40 -22.79 -5.83
C LEU A 29 -18.88 -21.73 -4.85
N SER A 30 -18.62 -22.14 -3.60
CA SER A 30 -17.98 -21.26 -2.63
C SER A 30 -17.02 -22.05 -1.73
N PRO A 31 -15.85 -22.43 -2.26
CA PRO A 31 -14.88 -23.21 -1.49
C PRO A 31 -14.33 -22.45 -0.28
N GLY A 32 -14.26 -23.09 0.86
CA GLY A 32 -13.77 -22.44 2.07
C GLY A 32 -14.86 -21.70 2.81
N SER A 33 -16.09 -21.85 2.34
CA SER A 33 -17.24 -21.22 2.98
C SER A 33 -18.31 -22.27 3.27
N CYS A 34 -19.04 -22.09 4.37
CA CYS A 34 -19.96 -23.13 4.83
C CYS A 34 -21.42 -22.77 4.67
N PHE A 35 -22.26 -23.79 4.44
CA PHE A 35 -23.70 -23.61 4.39
C PHE A 35 -24.34 -24.20 5.64
N PHE A 36 -24.85 -23.34 6.52
CA PHE A 36 -25.46 -23.83 7.75
C PHE A 36 -26.97 -23.96 7.61
N LEU A 37 -27.44 -25.21 7.61
CA LEU A 37 -28.86 -25.54 7.68
C LEU A 37 -29.38 -25.09 9.05
N PRO A 38 -30.71 -24.94 9.21
CA PRO A 38 -31.29 -24.37 10.44
C PRO A 38 -30.73 -24.90 11.76
N LYS A 39 -30.49 -26.21 11.86
CA LYS A 39 -29.96 -26.80 13.08
C LYS A 39 -28.54 -26.31 13.38
N GLY A 40 -27.66 -26.41 12.39
CA GLY A 40 -26.31 -25.90 12.51
C GLY A 40 -26.29 -24.42 12.82
N ALA A 41 -27.20 -23.68 12.20
CA ALA A 41 -27.35 -22.25 12.46
C ALA A 41 -27.72 -22.00 13.92
N TYR A 42 -28.60 -22.85 14.45
CA TYR A 42 -28.95 -22.77 15.87
C TYR A 42 -27.70 -22.92 16.71
N ILE A 43 -26.93 -23.97 16.44
CA ILE A 43 -25.68 -24.19 17.18
C ILE A 43 -24.78 -22.95 17.15
N TYR A 44 -24.61 -22.40 15.94
CA TYR A 44 -23.87 -21.17 15.68
C TYR A 44 -24.26 -20.05 16.63
N ASN A 45 -25.53 -19.61 16.51
CA ASN A 45 -26.04 -18.52 17.32
C ASN A 45 -26.00 -18.82 18.82
N ALA A 46 -26.10 -20.10 19.17
CA ALA A 46 -26.01 -20.52 20.56
C ALA A 46 -24.62 -20.23 21.13
N LEU A 47 -23.59 -20.61 20.39
CA LEU A 47 -22.22 -20.30 20.78
C LEU A 47 -22.02 -18.78 20.91
N ILE A 48 -22.44 -18.05 19.87
CA ILE A 48 -22.31 -16.60 19.86
C ILE A 48 -22.93 -15.96 21.10
N GLU A 49 -24.15 -16.39 21.45
CA GLU A 49 -24.86 -15.76 22.55
C GLU A 49 -24.32 -16.22 23.92
N PHE A 50 -23.73 -17.40 23.96
CA PHE A 50 -22.96 -17.83 25.13
C PHE A 50 -21.86 -16.80 25.41
N ILE A 51 -21.03 -16.58 24.39
CA ILE A 51 -19.96 -15.60 24.48
C ILE A 51 -20.51 -14.21 24.87
N ARG A 52 -21.67 -13.85 24.32
CA ARG A 52 -22.29 -12.56 24.63
C ARG A 52 -22.70 -12.42 26.09
N SER A 53 -23.33 -13.45 26.64
CA SER A 53 -23.69 -13.45 28.05
C SER A 53 -22.44 -13.21 28.89
N GLU A 54 -21.39 -13.97 28.58
CA GLU A 54 -20.14 -13.80 29.32
C GLU A 54 -19.57 -12.38 29.17
N TYR A 55 -19.73 -11.80 27.99
CA TYR A 55 -19.34 -10.42 27.72
C TYR A 55 -20.06 -9.47 28.67
N ARG A 56 -21.38 -9.63 28.78
CA ARG A 56 -22.17 -8.74 29.63
C ARG A 56 -21.86 -8.94 31.10
N LYS A 57 -21.29 -10.09 31.46
CA LYS A 57 -20.74 -10.23 32.81
C LYS A 57 -19.42 -9.48 32.97
N ARG A 58 -18.57 -9.55 31.94
CA ARG A 58 -17.17 -9.13 32.06
C ARG A 58 -16.83 -7.72 31.57
N GLY A 59 -17.83 -6.95 31.14
CA GLY A 59 -17.60 -5.58 30.72
C GLY A 59 -17.04 -5.42 29.32
N PHE A 60 -17.50 -6.27 28.41
CA PHE A 60 -17.16 -6.12 26.99
C PHE A 60 -18.30 -5.44 26.25
N GLN A 61 -17.95 -4.60 25.28
CA GLN A 61 -18.96 -3.89 24.49
C GLN A 61 -18.86 -4.29 23.01
N GLU A 62 -19.93 -4.85 22.47
CA GLU A 62 -19.93 -5.32 21.08
C GLU A 62 -20.16 -4.17 20.11
N VAL A 63 -19.44 -4.20 18.99
CA VAL A 63 -19.58 -3.21 17.94
C VAL A 63 -19.79 -3.90 16.58
N VAL A 64 -20.22 -3.13 15.58
CA VAL A 64 -20.35 -3.64 14.22
C VAL A 64 -19.52 -2.77 13.27
N THR A 65 -18.62 -3.40 12.52
CA THR A 65 -17.68 -2.68 11.66
C THR A 65 -17.80 -3.11 10.20
N PRO A 66 -17.34 -2.25 9.26
CA PRO A 66 -17.37 -2.55 7.82
C PRO A 66 -16.60 -3.81 7.45
N ASN A 67 -17.02 -4.50 6.40
CA ASN A 67 -16.33 -5.71 5.94
C ASN A 67 -15.27 -5.44 4.85
N ILE A 68 -15.29 -4.24 4.28
CA ILE A 68 -14.30 -3.87 3.27
C ILE A 68 -13.68 -2.52 3.59
N PHE A 69 -12.44 -2.32 3.17
CA PHE A 69 -11.75 -1.06 3.47
C PHE A 69 -10.84 -0.62 2.33
N ASN A 70 -10.61 0.70 2.27
CA ASN A 70 -9.68 1.27 1.31
C ASN A 70 -8.27 0.79 1.59
N SER A 71 -7.42 0.76 0.57
CA SER A 71 -6.08 0.21 0.68
C SER A 71 -5.21 0.96 1.69
N ARG A 72 -5.55 2.21 1.97
CA ARG A 72 -4.76 3.04 2.87
C ARG A 72 -4.84 2.55 4.32
N LEU A 73 -5.91 1.84 4.65
CA LEU A 73 -6.07 1.28 5.99
C LEU A 73 -5.17 0.07 6.17
N TRP A 74 -5.11 -0.78 5.15
CA TRP A 74 -4.22 -1.94 5.16
C TRP A 74 -2.79 -1.47 4.94
N MET A 75 -2.67 -0.21 4.55
CA MET A 75 -1.39 0.46 4.43
C MET A 75 -0.90 0.76 5.83
N THR A 76 -1.68 1.56 6.55
CA THR A 76 -1.39 1.89 7.95
C THR A 76 -1.18 0.65 8.83
N SER A 77 -2.10 -0.31 8.75
CA SER A 77 -2.09 -1.46 9.66
C SER A 77 -0.90 -2.39 9.48
N GLY A 78 -0.36 -2.43 8.26
CA GLY A 78 0.76 -3.31 7.97
C GLY A 78 0.36 -4.56 7.21
N HIS A 79 -0.88 -4.60 6.72
CA HIS A 79 -1.40 -5.78 6.05
C HIS A 79 -0.96 -5.96 4.59
N TRP A 80 -0.76 -4.87 3.85
CA TRP A 80 -0.27 -5.00 2.49
C TRP A 80 1.22 -5.37 2.48
N GLN A 81 1.95 -4.81 3.39
CA GLN A 81 3.33 -5.18 3.53
C GLN A 81 3.46 -6.62 3.95
N HIS A 82 2.62 -7.04 4.86
CA HIS A 82 2.75 -8.35 5.43
C HIS A 82 1.75 -9.41 5.04
N TYR A 83 0.52 -9.01 4.82
CA TYR A 83 -0.55 -9.97 4.72
C TYR A 83 -1.21 -10.08 3.38
N SER A 84 -0.63 -9.44 2.39
CA SER A 84 -1.34 -9.20 1.16
C SER A 84 -1.78 -10.50 0.57
N GLU A 85 -0.97 -11.52 0.72
CA GLU A 85 -1.23 -12.77 0.04
C GLU A 85 -2.55 -13.35 0.44
N ASN A 86 -2.89 -13.20 1.69
CA ASN A 86 -4.07 -13.80 2.24
C ASN A 86 -5.32 -13.01 2.00
N MET A 87 -5.20 -11.88 1.33
CA MET A 87 -6.33 -10.95 1.26
C MET A 87 -6.96 -10.88 -0.13
N PHE A 88 -8.30 -10.91 -0.14
CA PHE A 88 -9.05 -10.69 -1.37
C PHE A 88 -9.13 -9.19 -1.63
N SER A 89 -8.62 -8.76 -2.78
CA SER A 89 -8.61 -7.34 -3.12
C SER A 89 -9.27 -7.09 -4.46
N PHE A 90 -9.85 -5.91 -4.60
CA PHE A 90 -10.53 -5.53 -5.84
C PHE A 90 -10.53 -4.01 -5.98
N GLU A 91 -10.65 -3.53 -7.21
CA GLU A 91 -10.56 -2.09 -7.44
C GLU A 91 -11.95 -1.45 -7.61
N VAL A 92 -12.20 -0.45 -6.77
CA VAL A 92 -13.42 0.34 -6.83
C VAL A 92 -13.09 1.80 -7.19
N GLU A 93 -13.61 2.26 -8.31
CA GLU A 93 -13.41 3.63 -8.78
C GLU A 93 -11.93 4.04 -8.76
N LYS A 94 -11.10 3.22 -9.39
CA LYS A 94 -9.66 3.44 -9.52
C LYS A 94 -8.87 3.33 -8.21
N GLU A 95 -9.57 3.13 -7.10
CA GLU A 95 -8.90 2.95 -5.81
C GLU A 95 -8.94 1.49 -5.35
N LEU A 96 -7.92 1.04 -4.64
CA LEU A 96 -7.90 -0.35 -4.16
C LEU A 96 -8.74 -0.53 -2.90
N PHE A 97 -9.39 -1.68 -2.82
CA PHE A 97 -10.17 -2.07 -1.65
C PHE A 97 -9.92 -3.54 -1.31
N ALA A 98 -10.18 -3.90 -0.06
CA ALA A 98 -10.00 -5.30 0.36
C ALA A 98 -10.97 -5.71 1.48
N LEU A 99 -11.35 -6.99 1.45
CA LEU A 99 -12.14 -7.59 2.52
C LEU A 99 -11.25 -7.75 3.75
N LYS A 100 -11.79 -7.42 4.93
CA LYS A 100 -11.00 -7.44 6.16
C LYS A 100 -10.65 -8.86 6.60
N PRO A 101 -9.35 -9.17 6.63
CA PRO A 101 -8.83 -10.42 7.20
C PRO A 101 -8.92 -10.41 8.72
N MET A 102 -8.94 -9.22 9.31
CA MET A 102 -9.01 -9.04 10.76
C MET A 102 -9.81 -7.82 11.15
N ASN A 103 -10.27 -7.75 12.38
CA ASN A 103 -11.11 -6.66 12.86
C ASN A 103 -10.34 -5.47 13.48
N CYS A 104 -9.04 -5.65 13.68
CA CYS A 104 -8.24 -4.72 14.50
C CYS A 104 -8.19 -3.25 14.01
N PRO A 105 -7.84 -3.00 12.74
CA PRO A 105 -7.68 -1.61 12.32
C PRO A 105 -8.97 -0.79 12.41
N GLY A 106 -10.09 -1.42 12.11
CA GLY A 106 -11.39 -0.77 12.25
C GLY A 106 -11.61 -0.33 13.68
N HIS A 107 -11.28 -1.20 14.63
CA HIS A 107 -11.41 -0.89 16.05
C HIS A 107 -10.46 0.23 16.45
N CYS A 108 -9.29 0.27 15.82
CA CYS A 108 -8.35 1.37 16.04
C CYS A 108 -8.95 2.68 15.55
N LEU A 109 -9.75 2.60 14.48
CA LEU A 109 -10.47 3.76 13.98
C LEU A 109 -11.56 4.18 14.96
N MET A 110 -12.24 3.21 15.55
CA MET A 110 -13.31 3.51 16.52
C MET A 110 -12.73 4.14 17.79
N PHE A 111 -11.54 3.71 18.19
CA PHE A 111 -10.86 4.28 19.36
C PHE A 111 -10.43 5.72 19.07
N ASP A 112 -10.03 5.97 17.84
CA ASP A 112 -9.52 7.28 17.43
C ASP A 112 -10.65 8.23 17.03
N HIS A 113 -11.89 7.75 17.12
CA HIS A 113 -13.06 8.54 16.71
C HIS A 113 -13.15 9.88 17.44
N ARG A 114 -12.92 9.85 18.76
CA ARG A 114 -12.94 11.07 19.57
C ARG A 114 -11.88 10.98 20.67
N PRO A 115 -11.46 12.14 21.21
CA PRO A 115 -10.56 12.15 22.38
C PRO A 115 -11.08 11.29 23.52
N ARG A 116 -10.23 10.42 24.06
CA ARG A 116 -10.62 9.54 25.17
C ARG A 116 -9.70 9.75 26.36
N SER A 117 -10.25 9.66 27.56
CA SER A 117 -9.46 9.85 28.77
C SER A 117 -9.10 8.53 29.46
N TRP A 118 -8.38 8.65 30.56
CA TRP A 118 -8.01 7.51 31.40
C TRP A 118 -9.23 6.87 32.03
N ARG A 119 -10.30 7.65 32.17
CA ARG A 119 -11.52 7.20 32.81
C ARG A 119 -12.21 6.07 32.06
N GLU A 120 -11.99 6.01 30.75
CA GLU A 120 -12.67 5.03 29.91
C GLU A 120 -11.90 3.72 29.79
N LEU A 121 -10.67 3.71 30.27
CA LEU A 121 -9.83 2.52 30.18
C LEU A 121 -10.00 1.61 31.39
N PRO A 122 -9.95 0.28 31.18
CA PRO A 122 -9.78 -0.38 29.87
C PRO A 122 -11.04 -0.34 29.02
N LEU A 123 -10.88 -0.13 27.72
CA LEU A 123 -11.99 -0.15 26.77
C LEU A 123 -11.97 -1.45 25.98
N ARG A 124 -12.99 -2.29 26.20
CA ARG A 124 -13.04 -3.59 25.55
C ARG A 124 -14.06 -3.61 24.43
N LEU A 125 -13.57 -3.66 23.19
CA LEU A 125 -14.46 -3.66 22.04
C LEU A 125 -14.51 -5.04 21.40
N ALA A 126 -15.72 -5.58 21.25
CA ALA A 126 -15.89 -6.93 20.72
C ALA A 126 -16.54 -6.92 19.34
N ASP A 127 -16.08 -7.83 18.48
CA ASP A 127 -16.61 -7.98 17.13
C ASP A 127 -16.77 -9.45 16.76
N PHE A 128 -17.95 -9.77 16.24
CA PHE A 128 -18.26 -11.06 15.63
C PHE A 128 -18.18 -11.01 14.10
N GLY A 129 -17.77 -9.87 13.57
CA GLY A 129 -17.81 -9.59 12.14
C GLY A 129 -17.16 -10.64 11.26
N VAL A 130 -17.62 -10.73 10.02
CA VAL A 130 -17.18 -11.77 9.09
C VAL A 130 -15.77 -11.48 8.54
N LEU A 131 -14.89 -12.46 8.68
CA LEU A 131 -13.51 -12.34 8.21
C LEU A 131 -13.26 -13.28 7.04
N HIS A 132 -12.58 -12.75 6.02
CA HIS A 132 -12.21 -13.52 4.83
C HIS A 132 -10.69 -13.54 4.67
N ARG A 133 -10.15 -14.74 4.48
CA ARG A 133 -8.72 -14.89 4.22
C ARG A 133 -8.51 -15.80 3.03
N ASN A 134 -7.59 -15.44 2.15
CA ASN A 134 -7.36 -16.21 0.94
C ASN A 134 -6.43 -17.38 1.25
N GLU A 135 -6.97 -18.58 1.13
CA GLU A 135 -6.23 -19.80 1.44
C GLU A 135 -6.39 -20.78 0.29
N LEU A 136 -5.31 -21.47 -0.05
CA LEU A 136 -5.26 -22.28 -1.25
C LEU A 136 -6.31 -23.39 -1.27
N SER A 137 -6.85 -23.67 -2.46
CA SER A 137 -7.95 -24.61 -2.65
C SER A 137 -7.63 -26.01 -2.14
N GLY A 138 -6.37 -26.43 -2.30
CA GLY A 138 -5.95 -27.76 -1.87
C GLY A 138 -5.68 -27.79 -0.37
N ALA A 139 -5.54 -26.62 0.24
CA ALA A 139 -5.36 -26.52 1.68
C ALA A 139 -6.70 -26.62 2.41
N LEU A 140 -7.78 -26.28 1.71
CA LEU A 140 -9.10 -26.17 2.32
C LEU A 140 -9.68 -27.53 2.71
N THR A 141 -10.01 -27.68 4.00
CA THR A 141 -10.73 -28.87 4.47
C THR A 141 -11.81 -28.52 5.49
N GLY A 142 -13.05 -28.85 5.16
CA GLY A 142 -14.17 -28.70 6.08
C GLY A 142 -14.29 -27.36 6.78
N LEU A 143 -14.61 -27.39 8.06
CA LEU A 143 -14.68 -26.18 8.88
C LEU A 143 -13.34 -25.88 9.58
N THR A 144 -12.40 -26.82 9.50
CA THR A 144 -11.11 -26.65 10.15
C THR A 144 -10.27 -25.58 9.43
N ARG A 145 -10.12 -25.72 8.12
CA ARG A 145 -9.45 -24.69 7.32
C ARG A 145 -10.41 -24.07 6.31
N VAL A 146 -10.70 -22.79 6.51
CA VAL A 146 -11.73 -22.09 5.75
C VAL A 146 -11.28 -20.71 5.29
N ARG A 147 -11.93 -20.20 4.25
CA ARG A 147 -11.72 -18.82 3.82
C ARG A 147 -12.57 -17.82 4.61
N ARG A 148 -13.83 -18.17 4.86
CA ARG A 148 -14.74 -17.31 5.58
C ARG A 148 -15.02 -17.84 6.99
N PHE A 149 -14.89 -16.97 7.98
CA PHE A 149 -15.24 -17.36 9.34
C PHE A 149 -15.62 -16.17 10.21
N GLN A 150 -16.42 -16.41 11.23
CA GLN A 150 -16.70 -15.39 12.23
C GLN A 150 -15.92 -15.71 13.50
N GLN A 151 -15.29 -14.72 14.07
CA GLN A 151 -14.37 -14.92 15.16
C GLN A 151 -14.95 -14.29 16.36
N ASP A 152 -14.70 -14.83 17.54
CA ASP A 152 -15.11 -14.10 18.72
C ASP A 152 -13.89 -13.24 19.00
N ASP A 153 -14.02 -11.95 18.69
CA ASP A 153 -12.83 -11.13 18.64
C ASP A 153 -12.99 -9.97 19.60
N ALA A 154 -11.94 -9.63 20.32
CA ALA A 154 -12.01 -8.41 21.13
C ALA A 154 -10.66 -7.75 21.24
N HIS A 155 -10.70 -6.42 21.36
CA HIS A 155 -9.49 -5.66 21.60
C HIS A 155 -9.66 -4.86 22.88
N ILE A 156 -8.69 -5.02 23.78
CA ILE A 156 -8.69 -4.28 25.03
C ILE A 156 -7.68 -3.13 24.96
N PHE A 157 -8.18 -1.91 24.99
CA PHE A 157 -7.31 -0.75 25.00
C PHE A 157 -7.07 -0.34 26.44
N CYS A 158 -5.82 -0.40 26.89
CA CYS A 158 -5.55 -0.08 28.30
C CYS A 158 -4.24 0.65 28.56
N ALA A 159 -4.12 1.23 29.75
CA ALA A 159 -2.84 1.78 30.19
C ALA A 159 -1.90 0.61 30.50
N MET A 160 -0.59 0.87 30.43
CA MET A 160 0.42 -0.16 30.63
C MET A 160 0.24 -0.92 31.95
N GLU A 161 -0.16 -0.17 32.95
CA GLU A 161 -0.27 -0.62 34.32
C GLU A 161 -1.51 -1.46 34.64
N GLN A 162 -2.62 -1.21 33.95
CA GLN A 162 -3.87 -1.97 34.02
C GLN A 162 -3.72 -3.35 33.41
N ILE A 163 -2.76 -3.47 32.49
CA ILE A 163 -2.49 -4.71 31.77
C ILE A 163 -2.50 -5.89 32.70
N GLU A 164 -1.80 -5.78 33.84
CA GLU A 164 -1.69 -6.95 34.71
C GLU A 164 -3.09 -7.45 35.04
N ASP A 165 -3.90 -6.57 35.62
CA ASP A 165 -5.25 -6.93 36.01
C ASP A 165 -6.02 -7.48 34.82
N GLU A 166 -5.87 -6.81 33.68
CA GLU A 166 -6.58 -7.22 32.47
C GLU A 166 -6.30 -8.67 32.15
N ILE A 167 -5.02 -9.05 32.19
CA ILE A 167 -4.64 -10.40 31.83
C ILE A 167 -5.31 -11.38 32.79
N LYS A 168 -5.36 -11.02 34.07
CA LYS A 168 -6.04 -11.82 35.06
C LYS A 168 -7.44 -12.11 34.55
N GLY A 169 -8.17 -11.05 34.24
CA GLY A 169 -9.52 -11.15 33.70
C GLY A 169 -9.53 -12.11 32.53
N CYS A 170 -8.62 -11.87 31.59
CA CYS A 170 -8.55 -12.69 30.38
C CYS A 170 -8.49 -14.15 30.76
N LEU A 171 -7.55 -14.50 31.63
CA LEU A 171 -7.37 -15.89 32.03
C LEU A 171 -8.67 -16.42 32.60
N ASP A 172 -9.26 -15.66 33.53
CA ASP A 172 -10.51 -16.05 34.16
C ASP A 172 -11.53 -16.37 33.08
N PHE A 173 -11.64 -15.46 32.10
CA PHE A 173 -12.58 -15.58 31.02
C PHE A 173 -12.42 -16.97 30.40
N LEU A 174 -11.19 -17.28 29.98
CA LEU A 174 -10.88 -18.56 29.37
C LEU A 174 -11.45 -19.68 30.20
N ARG A 175 -11.05 -19.69 31.47
CA ARG A 175 -11.37 -20.77 32.38
C ARG A 175 -12.85 -21.02 32.28
N THR A 176 -13.63 -19.96 32.50
CA THR A 176 -15.07 -20.07 32.59
C THR A 176 -15.57 -20.81 31.35
N VAL A 177 -15.25 -20.26 30.19
CA VAL A 177 -15.75 -20.79 28.93
C VAL A 177 -15.44 -22.27 28.85
N TYR A 178 -14.18 -22.62 29.08
CA TYR A 178 -13.76 -23.98 28.82
C TYR A 178 -14.29 -24.90 29.90
N SER A 179 -14.53 -24.36 31.09
CA SER A 179 -15.09 -25.16 32.17
C SER A 179 -16.50 -25.59 31.78
N VAL A 180 -17.16 -24.79 30.94
CA VAL A 180 -18.49 -25.14 30.46
C VAL A 180 -18.38 -26.29 29.45
N PHE A 181 -17.32 -26.27 28.64
CA PHE A 181 -17.12 -27.33 27.64
C PHE A 181 -16.47 -28.56 28.26
N GLY A 182 -15.81 -28.37 29.41
CA GLY A 182 -15.13 -29.46 30.09
C GLY A 182 -13.75 -29.72 29.52
N PHE A 183 -13.26 -28.77 28.73
CA PHE A 183 -11.91 -28.87 28.16
C PHE A 183 -10.84 -28.56 29.20
N SER A 184 -9.61 -28.99 28.93
CA SER A 184 -8.48 -28.64 29.80
C SER A 184 -7.56 -27.76 28.98
N PHE A 185 -6.68 -26.98 29.61
CA PHE A 185 -5.80 -26.15 28.80
C PHE A 185 -4.38 -25.96 29.33
N LYS A 186 -3.47 -25.65 28.41
CA LYS A 186 -2.07 -25.43 28.71
C LYS A 186 -1.66 -24.03 28.25
N LEU A 187 -0.79 -23.39 29.04
CA LEU A 187 -0.46 -21.99 28.83
C LEU A 187 1.01 -21.81 28.44
N ASN A 188 1.31 -20.95 27.49
CA ASN A 188 2.69 -20.68 27.30
C ASN A 188 2.93 -19.27 26.98
N LEU A 189 3.99 -18.77 27.58
CA LEU A 189 4.43 -17.39 27.51
C LEU A 189 5.51 -17.22 26.46
N SER A 190 5.17 -16.51 25.39
CA SER A 190 6.11 -16.21 24.33
C SER A 190 6.58 -14.76 24.45
N THR A 191 7.87 -14.60 24.77
CA THR A 191 8.44 -13.29 25.07
C THR A 191 9.20 -12.70 23.87
N ARG A 192 9.85 -11.55 24.08
CA ARG A 192 10.50 -10.80 23.01
C ARG A 192 11.54 -11.60 22.25
N PRO A 193 11.40 -11.63 20.90
CA PRO A 193 12.38 -12.28 20.02
C PRO A 193 13.54 -11.34 19.68
N GLU A 194 14.51 -11.84 18.91
CA GLU A 194 15.66 -11.04 18.53
C GLU A 194 15.26 -9.98 17.50
N LYS A 195 14.30 -10.34 16.66
CA LYS A 195 13.71 -9.38 15.73
C LYS A 195 12.47 -8.77 16.37
N PHE A 196 12.55 -7.50 16.73
CA PHE A 196 11.42 -6.85 17.38
C PHE A 196 11.36 -5.35 17.09
N LEU A 197 10.15 -4.80 17.13
CA LEU A 197 9.92 -3.38 16.93
C LEU A 197 9.24 -2.80 18.16
N GLY A 198 9.86 -1.80 18.78
CA GLY A 198 9.28 -1.15 19.94
C GLY A 198 10.34 -0.63 20.89
N ASP A 199 9.91 -0.09 22.02
CA ASP A 199 10.84 0.39 23.03
C ASP A 199 11.02 -0.68 24.10
N ILE A 200 12.27 -1.09 24.31
CA ILE A 200 12.60 -2.23 25.18
C ILE A 200 12.00 -2.12 26.59
N GLU A 201 11.90 -0.89 27.10
CA GLU A 201 11.31 -0.64 28.41
C GLU A 201 9.85 -1.12 28.46
N VAL A 202 9.07 -0.69 27.48
CA VAL A 202 7.68 -1.11 27.31
C VAL A 202 7.55 -2.63 27.32
N TRP A 203 8.36 -3.28 26.48
CA TRP A 203 8.43 -4.73 26.42
C TRP A 203 8.65 -5.34 27.80
N ASP A 204 9.66 -4.83 28.51
CA ASP A 204 10.04 -5.37 29.81
C ASP A 204 8.94 -5.26 30.85
N GLN A 205 8.34 -4.08 30.97
CA GLN A 205 7.25 -3.89 31.93
C GLN A 205 6.07 -4.81 31.59
N ALA A 206 5.71 -4.82 30.31
CA ALA A 206 4.62 -5.67 29.84
C ALA A 206 4.83 -7.14 30.21
N GLU A 207 5.98 -7.68 29.84
CA GLU A 207 6.32 -9.07 30.13
C GLU A 207 6.35 -9.35 31.62
N LYS A 208 6.83 -8.38 32.40
CA LYS A 208 6.78 -8.47 33.86
C LYS A 208 5.35 -8.72 34.33
N GLN A 209 4.43 -7.87 33.87
CA GLN A 209 3.02 -7.98 34.28
C GLN A 209 2.40 -9.30 33.83
N LEU A 210 2.71 -9.70 32.59
CA LEU A 210 2.23 -10.98 32.06
C LEU A 210 2.66 -12.15 32.94
N GLU A 211 3.96 -12.24 33.22
CA GLU A 211 4.51 -13.28 34.08
C GLU A 211 3.84 -13.27 35.45
N ASN A 212 3.71 -12.07 36.02
CA ASN A 212 3.07 -11.90 37.33
C ASN A 212 1.64 -12.44 37.37
N SER A 213 0.81 -12.03 36.42
CA SER A 213 -0.58 -12.49 36.39
C SER A 213 -0.67 -13.99 36.07
N LEU A 214 0.32 -14.50 35.34
CA LEU A 214 0.40 -15.93 35.05
C LEU A 214 0.64 -16.73 36.34
N ASN A 215 1.59 -16.29 37.15
CA ASN A 215 1.83 -16.93 38.44
C ASN A 215 0.64 -16.76 39.38
N GLU A 216 0.09 -15.54 39.40
CA GLU A 216 -1.09 -15.19 40.18
C GLU A 216 -2.29 -16.09 39.86
N PHE A 217 -2.38 -16.52 38.60
CA PHE A 217 -3.50 -17.35 38.15
C PHE A 217 -3.53 -18.69 38.88
N GLY A 218 -2.35 -19.30 39.07
CA GLY A 218 -2.24 -20.50 39.88
C GLY A 218 -2.15 -21.80 39.10
N GLU A 219 -2.00 -21.73 37.78
CA GLU A 219 -1.87 -22.95 37.00
C GLU A 219 -0.57 -22.98 36.22
N LYS A 220 -0.06 -24.19 36.00
CA LYS A 220 1.24 -24.40 35.36
C LYS A 220 1.32 -23.82 33.96
N TRP A 221 2.51 -23.35 33.59
CA TRP A 221 2.74 -22.80 32.25
C TRP A 221 4.20 -22.96 31.84
N GLU A 222 4.44 -22.92 30.55
CA GLU A 222 5.79 -23.02 30.04
C GLU A 222 6.21 -21.67 29.48
N LEU A 223 7.49 -21.38 29.55
CA LEU A 223 8.04 -20.12 29.04
C LEU A 223 8.90 -20.42 27.82
N ASN A 224 8.48 -19.96 26.65
CA ASN A 224 9.15 -20.30 25.40
C ASN A 224 10.26 -19.34 24.99
N SER A 225 10.38 -18.20 25.68
CA SER A 225 11.58 -17.38 25.64
C SER A 225 12.02 -16.90 24.25
N GLY A 226 11.30 -15.95 23.68
CA GLY A 226 11.70 -15.37 22.40
C GLY A 226 10.88 -15.88 21.23
N ASP A 227 9.80 -16.58 21.53
CA ASP A 227 8.90 -17.07 20.50
C ASP A 227 7.76 -16.09 20.25
N GLY A 228 7.80 -14.94 20.92
CA GLY A 228 6.81 -13.90 20.73
C GLY A 228 6.88 -13.29 19.34
N ALA A 229 5.90 -12.43 19.02
CA ALA A 229 5.89 -11.75 17.73
C ALA A 229 6.77 -10.50 17.78
N PHE A 230 6.91 -9.82 16.65
CA PHE A 230 7.78 -8.65 16.58
C PHE A 230 7.09 -7.40 17.12
N TYR A 231 5.76 -7.42 17.14
CA TYR A 231 4.98 -6.29 17.64
C TYR A 231 4.53 -6.43 19.09
N GLY A 232 4.79 -7.59 19.70
CA GLY A 232 4.40 -7.80 21.08
C GLY A 232 4.59 -9.20 21.62
N PRO A 233 4.60 -9.34 22.96
CA PRO A 233 4.64 -10.63 23.65
C PRO A 233 3.27 -11.27 23.64
N LYS A 234 3.17 -12.59 23.83
CA LYS A 234 1.86 -13.22 23.81
C LYS A 234 1.73 -14.40 24.76
N ILE A 235 0.49 -14.64 25.19
CA ILE A 235 0.13 -15.86 25.88
C ILE A 235 -0.71 -16.73 24.95
N ASP A 236 -0.18 -17.91 24.64
CA ASP A 236 -0.85 -18.88 23.79
C ASP A 236 -1.50 -19.95 24.63
N ILE A 237 -2.66 -20.42 24.20
CA ILE A 237 -3.42 -21.39 24.97
C ILE A 237 -3.78 -22.60 24.11
N GLN A 238 -3.48 -23.79 24.62
CA GLN A 238 -3.84 -25.03 23.96
C GLN A 238 -4.99 -25.70 24.70
N ILE A 239 -6.04 -26.09 24.00
CA ILE A 239 -7.13 -26.81 24.65
C ILE A 239 -7.07 -28.29 24.33
N LYS A 240 -7.42 -29.11 25.31
CA LYS A 240 -7.52 -30.55 25.13
C LYS A 240 -8.96 -30.98 25.36
N ASP A 241 -9.50 -31.68 24.37
CA ASP A 241 -10.88 -32.17 24.39
C ASP A 241 -10.97 -33.57 24.99
N ALA A 242 -12.15 -34.17 24.86
CA ALA A 242 -12.41 -35.48 25.46
C ALA A 242 -11.78 -36.63 24.68
N ILE A 243 -11.45 -36.38 23.41
CA ILE A 243 -10.82 -37.41 22.59
C ILE A 243 -9.31 -37.39 22.79
N GLY A 244 -8.84 -36.39 23.53
CA GLY A 244 -7.43 -36.24 23.79
C GLY A 244 -6.71 -35.47 22.69
N ARG A 245 -7.46 -34.66 21.96
CA ARG A 245 -6.87 -33.85 20.89
C ARG A 245 -6.50 -32.46 21.41
N TYR A 246 -5.38 -31.94 20.90
CA TYR A 246 -4.93 -30.61 21.28
C TYR A 246 -5.21 -29.61 20.16
N HIS A 247 -5.78 -28.46 20.52
CA HIS A 247 -6.16 -27.45 19.55
C HIS A 247 -5.65 -26.07 19.96
N GLN A 248 -5.23 -25.29 18.97
CA GLN A 248 -4.88 -23.89 19.22
C GLN A 248 -6.07 -23.01 18.86
N CYS A 249 -6.71 -22.43 19.87
CA CYS A 249 -7.93 -21.66 19.66
C CYS A 249 -7.81 -20.26 20.24
N ALA A 250 -7.69 -20.19 21.56
CA ALA A 250 -7.64 -18.91 22.25
C ALA A 250 -6.28 -18.25 22.12
N THR A 251 -6.26 -16.93 22.16
CA THR A 251 -5.00 -16.18 22.18
C THR A 251 -5.11 -14.86 22.93
N ILE A 252 -4.03 -14.52 23.63
CA ILE A 252 -3.85 -13.19 24.20
C ILE A 252 -2.58 -12.59 23.61
N GLN A 253 -2.73 -11.55 22.78
CA GLN A 253 -1.59 -10.98 22.07
C GLN A 253 -1.46 -9.48 22.30
N LEU A 254 -0.36 -9.05 22.89
CA LEU A 254 -0.13 -7.62 23.10
C LEU A 254 0.37 -6.95 21.82
N ASP A 255 -0.05 -5.71 21.61
CA ASP A 255 0.36 -4.91 20.48
C ASP A 255 0.73 -3.50 20.95
N PHE A 256 2.01 -3.20 20.78
CA PHE A 256 2.58 -1.86 20.96
C PHE A 256 2.71 -1.10 19.63
N GLN A 257 2.55 -1.81 18.52
CA GLN A 257 2.81 -1.27 17.19
C GLN A 257 1.59 -0.52 16.66
N LEU A 258 0.49 -1.25 16.54
CA LEU A 258 -0.79 -0.72 16.08
C LEU A 258 -1.17 0.65 16.69
N PRO A 259 -0.98 0.85 18.03
CA PRO A 259 -1.29 2.19 18.53
C PRO A 259 -0.37 3.27 17.97
N ILE A 260 0.85 2.90 17.63
CA ILE A 260 1.79 3.84 17.03
C ILE A 260 1.40 4.15 15.58
N ARG A 261 1.18 3.11 14.79
CA ARG A 261 0.84 3.28 13.38
C ARG A 261 -0.43 4.09 13.17
N PHE A 262 -1.40 3.92 14.06
CA PHE A 262 -2.65 4.67 13.96
C PHE A 262 -2.66 5.92 14.85
N ASN A 263 -1.55 6.15 15.53
CA ASN A 263 -1.39 7.34 16.38
C ASN A 263 -2.47 7.45 17.44
N LEU A 264 -2.64 6.40 18.24
CA LEU A 264 -3.66 6.40 19.29
C LEU A 264 -3.14 7.07 20.56
N THR A 265 -4.00 7.89 21.18
CA THR A 265 -3.62 8.63 22.39
C THR A 265 -4.78 8.74 23.37
N TYR A 266 -4.46 8.98 24.64
CA TYR A 266 -5.48 9.21 25.65
C TYR A 266 -4.99 10.19 26.72
N VAL A 267 -5.94 10.86 27.36
CA VAL A 267 -5.64 11.77 28.46
C VAL A 267 -5.43 10.98 29.75
N SER A 268 -4.29 11.16 30.39
CA SER A 268 -4.03 10.50 31.68
C SER A 268 -4.45 11.43 32.81
N HIS A 269 -4.34 10.97 34.05
CA HIS A 269 -4.82 11.75 35.20
C HIS A 269 -3.81 12.81 35.65
N ASP A 270 -2.56 12.68 35.20
CA ASP A 270 -1.55 13.69 35.49
C ASP A 270 -1.48 14.74 34.38
N GLY A 271 -2.36 14.61 33.39
CA GLY A 271 -2.52 15.62 32.38
C GLY A 271 -1.92 15.34 31.02
N ASP A 272 -1.03 14.36 30.93
CA ASP A 272 -0.35 14.06 29.67
C ASP A 272 -1.32 13.42 28.67
N ASP A 273 -1.48 14.07 27.52
CA ASP A 273 -2.40 13.60 26.48
C ASP A 273 -1.67 12.81 25.39
N LYS A 274 -0.35 12.72 25.50
CA LYS A 274 0.46 12.09 24.47
C LYS A 274 0.73 10.61 24.75
N LYS A 275 0.16 10.12 25.85
CA LYS A 275 0.34 8.73 26.25
C LYS A 275 -0.28 7.75 25.25
N ARG A 276 0.47 6.72 24.88
CA ARG A 276 -0.03 5.66 24.01
C ARG A 276 -0.67 4.55 24.81
N PRO A 277 -1.74 3.94 24.25
CA PRO A 277 -2.33 2.79 24.94
C PRO A 277 -1.66 1.48 24.54
N VAL A 278 -2.08 0.40 25.16
CA VAL A 278 -1.65 -0.94 24.79
C VAL A 278 -2.88 -1.67 24.24
N ILE A 279 -2.69 -2.34 23.11
CA ILE A 279 -3.81 -3.07 22.50
C ILE A 279 -3.69 -4.57 22.80
N VAL A 280 -4.73 -5.15 23.38
CA VAL A 280 -4.72 -6.59 23.62
C VAL A 280 -5.69 -7.28 22.68
N HIS A 281 -5.15 -8.00 21.70
CA HIS A 281 -5.95 -8.85 20.84
C HIS A 281 -6.30 -10.10 21.63
N ARG A 282 -7.59 -10.38 21.77
CA ARG A 282 -7.99 -11.57 22.51
C ARG A 282 -9.09 -12.34 21.79
N ALA A 283 -8.93 -13.66 21.77
CA ALA A 283 -9.97 -14.57 21.29
C ALA A 283 -10.01 -15.80 22.18
N ILE A 284 -11.17 -16.45 22.27
CA ILE A 284 -11.31 -17.64 23.09
C ILE A 284 -11.72 -18.85 22.24
N LEU A 285 -12.90 -18.78 21.64
CA LEU A 285 -13.39 -19.84 20.78
C LEU A 285 -12.55 -19.98 19.50
N GLY A 286 -11.67 -19.03 19.24
CA GLY A 286 -11.03 -18.92 17.94
C GLY A 286 -12.08 -18.47 16.96
N SER A 287 -12.27 -19.22 15.87
CA SER A 287 -13.38 -18.96 14.97
C SER A 287 -14.57 -19.85 15.34
N VAL A 288 -15.78 -19.30 15.20
CA VAL A 288 -17.01 -20.04 15.49
C VAL A 288 -17.08 -21.34 14.68
N GLU A 289 -16.67 -21.27 13.41
CA GLU A 289 -16.67 -22.43 12.53
C GLU A 289 -15.80 -23.56 13.05
N ARG A 290 -14.53 -23.26 13.29
CA ARG A 290 -13.57 -24.27 13.73
C ARG A 290 -13.98 -24.83 15.09
N MET A 291 -14.54 -23.97 15.94
CA MET A 291 -15.03 -24.43 17.24
C MET A 291 -16.21 -25.39 17.06
N ILE A 292 -17.05 -25.11 16.07
CA ILE A 292 -18.17 -25.99 15.74
C ILE A 292 -17.65 -27.35 15.28
N ALA A 293 -16.60 -27.34 14.47
CA ALA A 293 -15.97 -28.59 14.04
C ALA A 293 -15.45 -29.39 15.24
N ILE A 294 -14.62 -28.72 16.05
CA ILE A 294 -14.04 -29.32 17.25
C ILE A 294 -15.10 -29.92 18.15
N LEU A 295 -16.13 -29.14 18.48
CA LEU A 295 -17.22 -29.60 19.32
C LEU A 295 -17.99 -30.77 18.68
N THR A 296 -18.18 -30.69 17.37
CA THR A 296 -18.90 -31.73 16.63
C THR A 296 -18.21 -33.07 16.78
N GLU A 297 -16.91 -33.09 16.52
CA GLU A 297 -16.15 -34.34 16.63
C GLU A 297 -15.97 -34.77 18.08
N ASN A 298 -15.83 -33.80 18.98
CA ASN A 298 -15.63 -34.07 20.40
C ASN A 298 -16.85 -34.74 21.05
N TYR A 299 -18.02 -34.27 20.66
CA TYR A 299 -19.27 -34.80 21.21
C TYR A 299 -19.73 -36.03 20.44
N GLY A 300 -19.13 -36.27 19.29
CA GLY A 300 -19.53 -37.39 18.44
C GLY A 300 -20.90 -37.16 17.83
N GLY A 301 -21.30 -35.89 17.74
CA GLY A 301 -22.61 -35.55 17.24
C GLY A 301 -23.65 -35.60 18.34
N LYS A 302 -23.21 -35.97 19.55
CA LYS A 302 -24.11 -36.07 20.68
C LYS A 302 -23.95 -34.81 21.52
N TRP A 303 -24.92 -33.91 21.39
CA TRP A 303 -24.76 -32.54 21.89
C TRP A 303 -25.29 -32.38 23.30
N PRO A 304 -24.67 -31.46 24.07
CA PRO A 304 -25.25 -31.07 25.36
C PRO A 304 -26.61 -30.41 25.14
N PHE A 305 -27.46 -30.41 26.16
CA PHE A 305 -28.82 -29.91 26.01
C PHE A 305 -28.88 -28.45 25.57
N TRP A 306 -28.04 -27.61 26.16
CA TRP A 306 -28.04 -26.18 25.85
C TRP A 306 -27.57 -25.90 24.43
N LEU A 307 -26.69 -26.75 23.92
CA LEU A 307 -26.12 -26.57 22.59
C LEU A 307 -26.90 -27.30 21.48
N SER A 308 -27.86 -28.13 21.88
CA SER A 308 -28.51 -29.05 20.95
C SER A 308 -29.66 -28.43 20.15
N PRO A 309 -29.58 -28.53 18.81
CA PRO A 309 -30.65 -28.10 17.90
C PRO A 309 -31.86 -29.03 17.99
N ARG A 310 -31.64 -30.25 18.47
CA ARG A 310 -32.74 -31.14 18.79
C ARG A 310 -32.78 -31.40 20.29
N GLN A 311 -33.77 -30.81 20.95
CA GLN A 311 -33.86 -30.87 22.40
C GLN A 311 -34.99 -31.80 22.85
N VAL A 312 -36.22 -31.45 22.49
CA VAL A 312 -37.38 -32.26 22.89
C VAL A 312 -38.08 -32.89 21.68
N MET A 313 -38.30 -34.21 21.75
CA MET A 313 -39.11 -34.89 20.74
C MET A 313 -40.40 -35.39 21.37
N VAL A 314 -41.52 -34.83 20.91
CA VAL A 314 -42.82 -35.21 21.44
C VAL A 314 -43.45 -36.32 20.59
N VAL A 315 -43.78 -37.44 21.26
CA VAL A 315 -44.38 -38.57 20.60
C VAL A 315 -45.71 -38.94 21.26
N PRO A 316 -46.71 -39.26 20.48
CA PRO A 316 -47.98 -39.69 21.03
C PRO A 316 -48.03 -41.19 21.06
N VAL A 317 -49.09 -41.77 21.58
CA VAL A 317 -49.17 -43.20 21.56
C VAL A 317 -49.99 -43.63 20.36
N GLY A 318 -50.91 -42.80 19.92
CA GLY A 318 -51.68 -43.12 18.75
C GLY A 318 -52.48 -41.93 18.37
N PRO A 319 -53.12 -41.97 17.12
CA PRO A 319 -53.81 -40.71 16.77
C PRO A 319 -54.80 -40.30 17.82
N THR A 320 -55.10 -41.22 18.72
CA THR A 320 -55.99 -40.97 19.82
C THR A 320 -55.74 -39.63 20.44
N CYS A 321 -54.47 -39.33 20.61
CA CYS A 321 -54.09 -38.09 21.26
C CYS A 321 -52.91 -37.44 20.57
N ASP A 322 -53.15 -36.85 19.43
CA ASP A 322 -52.19 -36.03 18.76
C ASP A 322 -52.49 -34.62 19.16
N GLU A 323 -53.75 -34.33 19.39
CA GLU A 323 -54.16 -33.00 19.75
C GLU A 323 -53.37 -32.60 20.97
N TYR A 324 -53.07 -33.57 21.79
CA TYR A 324 -52.44 -33.29 23.04
C TYR A 324 -50.96 -33.25 22.90
N ALA A 325 -50.44 -33.91 21.87
CA ALA A 325 -49.03 -33.87 21.65
C ALA A 325 -48.75 -32.52 21.08
N GLN A 326 -49.63 -32.07 20.20
CA GLN A 326 -49.51 -30.77 19.60
C GLN A 326 -49.53 -29.69 20.63
N LYS A 327 -50.47 -29.75 21.55
CA LYS A 327 -50.45 -28.77 22.63
C LYS A 327 -49.15 -28.82 23.47
N VAL A 328 -48.71 -30.03 23.81
CA VAL A 328 -47.46 -30.20 24.55
C VAL A 328 -46.26 -29.58 23.83
N ARG A 329 -46.08 -29.96 22.58
CA ARG A 329 -44.98 -29.44 21.75
C ARG A 329 -45.04 -27.92 21.65
N GLN A 330 -46.24 -27.37 21.51
CA GLN A 330 -46.37 -25.92 21.43
C GLN A 330 -45.95 -25.25 22.73
N GLN A 331 -46.39 -25.81 23.86
CA GLN A 331 -46.00 -25.27 25.16
C GLN A 331 -44.50 -25.33 25.39
N PHE A 332 -43.85 -26.35 24.84
CA PHE A 332 -42.39 -26.42 24.94
C PHE A 332 -41.70 -25.52 23.92
N HIS A 333 -42.42 -25.15 22.87
CA HIS A 333 -41.87 -24.28 21.83
C HIS A 333 -41.84 -22.82 22.31
N ASP A 334 -42.88 -22.42 23.04
CA ASP A 334 -43.00 -21.06 23.53
C ASP A 334 -42.11 -20.82 24.75
N ALA A 335 -41.53 -21.90 25.27
CA ALA A 335 -40.57 -21.83 26.37
C ALA A 335 -39.17 -21.70 25.79
N LYS A 336 -39.12 -21.53 24.47
CA LYS A 336 -37.87 -21.38 23.72
C LYS A 336 -37.00 -22.62 23.77
N PHE A 337 -37.63 -23.78 23.57
CA PHE A 337 -36.89 -25.03 23.36
C PHE A 337 -37.01 -25.44 21.90
N MET A 338 -36.00 -26.11 21.37
CA MET A 338 -36.13 -26.68 20.03
C MET A 338 -36.85 -27.99 20.21
N ALA A 339 -38.06 -28.07 19.68
CA ALA A 339 -38.94 -29.19 19.97
C ALA A 339 -39.74 -29.59 18.73
N ASP A 340 -39.74 -30.89 18.45
CA ASP A 340 -40.49 -31.39 17.31
C ASP A 340 -41.51 -32.44 17.75
N ILE A 341 -42.21 -33.00 16.79
CA ILE A 341 -43.27 -33.97 17.10
C ILE A 341 -43.32 -35.04 16.03
N ASP A 342 -43.64 -36.28 16.42
CA ASP A 342 -43.83 -37.33 15.41
C ASP A 342 -45.27 -37.81 15.39
N LEU A 343 -46.02 -37.42 14.36
CA LEU A 343 -47.43 -37.79 14.25
C LEU A 343 -47.68 -38.98 13.32
N ASP A 344 -46.62 -39.52 12.73
CA ASP A 344 -46.75 -40.56 11.71
C ASP A 344 -47.49 -41.80 12.24
N PRO A 345 -48.67 -42.07 11.68
CA PRO A 345 -49.46 -43.25 12.06
C PRO A 345 -48.87 -44.55 11.57
N GLY A 346 -47.98 -44.47 10.57
CA GLY A 346 -47.39 -45.64 9.98
C GLY A 346 -46.12 -46.09 10.66
N CYS A 347 -45.93 -45.67 11.91
CA CYS A 347 -44.73 -46.04 12.67
C CYS A 347 -45.05 -46.56 14.06
N THR A 348 -44.22 -47.48 14.53
CA THR A 348 -44.34 -48.02 15.88
C THR A 348 -43.79 -47.02 16.89
N LEU A 349 -44.41 -46.96 18.07
CA LEU A 349 -43.95 -46.11 19.16
C LEU A 349 -42.48 -46.35 19.48
N ASN A 350 -42.12 -47.63 19.61
CA ASN A 350 -40.73 -48.03 19.85
C ASN A 350 -39.80 -47.58 18.73
N LYS A 351 -40.31 -47.65 17.50
CA LYS A 351 -39.55 -47.22 16.33
C LYS A 351 -39.31 -45.71 16.34
N LYS A 352 -40.35 -44.96 16.69
CA LYS A 352 -40.25 -43.51 16.82
C LYS A 352 -39.23 -43.11 17.87
N ILE A 353 -39.34 -43.73 19.05
CA ILE A 353 -38.40 -43.47 20.13
C ILE A 353 -36.96 -43.79 19.70
N ARG A 354 -36.79 -44.93 19.05
CA ARG A 354 -35.46 -45.34 18.59
C ARG A 354 -34.89 -44.35 17.58
N ASN A 355 -35.74 -43.84 16.70
CA ASN A 355 -35.32 -42.87 15.69
C ASN A 355 -34.96 -41.52 16.32
N ALA A 356 -35.75 -41.10 17.30
CA ALA A 356 -35.46 -39.88 18.04
C ALA A 356 -34.11 -39.98 18.74
N GLN A 357 -33.84 -41.15 19.32
CA GLN A 357 -32.57 -41.39 20.01
C GLN A 357 -31.41 -41.49 19.02
N LEU A 358 -31.70 -41.95 17.81
CA LEU A 358 -30.69 -42.00 16.74
C LEU A 358 -30.46 -40.62 16.14
N ALA A 359 -31.49 -39.77 16.21
CA ALA A 359 -31.39 -38.40 15.72
C ALA A 359 -30.79 -37.48 16.77
N GLN A 360 -30.41 -38.09 17.89
CA GLN A 360 -29.73 -37.39 19.00
C GLN A 360 -30.60 -36.33 19.69
N TYR A 361 -31.89 -36.62 19.82
CA TYR A 361 -32.77 -35.80 20.64
C TYR A 361 -32.46 -36.07 22.12
N ASN A 362 -32.23 -35.01 22.89
CA ASN A 362 -31.84 -35.17 24.29
C ASN A 362 -32.95 -35.77 25.16
N PHE A 363 -34.18 -35.36 24.92
CA PHE A 363 -35.30 -35.82 25.74
C PHE A 363 -36.48 -36.27 24.89
N ILE A 364 -36.98 -37.48 25.19
CA ILE A 364 -38.15 -37.95 24.46
C ILE A 364 -39.37 -37.91 25.39
N LEU A 365 -40.38 -37.12 25.01
CA LEU A 365 -41.59 -37.02 25.80
C LEU A 365 -42.71 -37.84 25.17
N VAL A 366 -43.05 -38.94 25.82
CA VAL A 366 -44.10 -39.85 25.35
C VAL A 366 -45.42 -39.50 26.03
N VAL A 367 -46.49 -39.47 25.23
CA VAL A 367 -47.81 -39.13 25.74
C VAL A 367 -48.79 -40.29 25.54
N GLY A 368 -49.34 -40.79 26.65
CA GLY A 368 -50.38 -41.79 26.59
C GLY A 368 -51.71 -41.19 27.02
N GLU A 369 -52.63 -42.04 27.48
CA GLU A 369 -53.94 -41.57 27.92
C GLU A 369 -53.89 -40.97 29.33
N LYS A 370 -53.12 -41.58 30.22
CA LYS A 370 -52.90 -41.03 31.55
C LYS A 370 -52.22 -39.66 31.42
N GLU A 371 -51.32 -39.57 30.46
CA GLU A 371 -50.59 -38.34 30.18
C GLU A 371 -51.52 -37.22 29.74
N LYS A 372 -52.51 -37.56 28.91
CA LYS A 372 -53.49 -36.58 28.43
C LYS A 372 -54.46 -36.19 29.53
N ILE A 373 -54.89 -37.18 30.31
CA ILE A 373 -55.87 -36.96 31.37
C ILE A 373 -55.34 -36.12 32.53
N SER A 374 -54.10 -36.38 32.94
CA SER A 374 -53.53 -35.72 34.11
C SER A 374 -52.77 -34.44 33.74
N GLY A 375 -52.67 -34.15 32.46
CA GLY A 375 -51.91 -33.00 32.00
C GLY A 375 -50.42 -33.18 32.25
N THR A 376 -49.89 -34.32 31.80
CA THR A 376 -48.52 -34.70 32.09
C THR A 376 -47.82 -35.35 30.90
N VAL A 377 -46.51 -35.52 31.02
CA VAL A 377 -45.71 -36.17 29.99
C VAL A 377 -44.85 -37.28 30.60
N ASN A 378 -44.48 -38.27 29.80
CA ASN A 378 -43.61 -39.33 30.26
C ASN A 378 -42.25 -39.27 29.61
N ILE A 379 -41.20 -39.41 30.38
CA ILE A 379 -39.90 -39.02 29.91
C ILE A 379 -38.89 -40.11 29.78
N ARG A 380 -38.36 -40.24 28.58
CA ARG A 380 -37.24 -41.13 28.30
C ARG A 380 -36.13 -40.26 27.78
N THR A 381 -34.92 -40.82 27.70
CA THR A 381 -33.76 -40.03 27.30
C THR A 381 -33.08 -40.60 26.06
N ARG A 382 -32.25 -39.78 25.43
CA ARG A 382 -31.52 -40.19 24.25
C ARG A 382 -30.79 -41.51 24.49
N ASP A 383 -30.46 -41.77 25.75
CA ASP A 383 -29.79 -42.98 26.11
C ASP A 383 -30.78 -43.91 26.75
N ASN A 384 -32.03 -43.71 26.41
CA ASN A 384 -33.11 -44.51 26.94
C ASN A 384 -32.96 -44.69 28.42
N LYS A 385 -33.12 -43.60 29.14
CA LYS A 385 -33.34 -43.68 30.54
C LYS A 385 -34.73 -43.17 30.64
N VAL A 386 -35.49 -43.77 31.51
CA VAL A 386 -36.84 -43.34 31.70
C VAL A 386 -36.86 -42.58 32.99
N HIS A 387 -37.01 -41.29 32.89
CA HIS A 387 -37.18 -40.49 34.09
C HIS A 387 -38.61 -40.52 34.52
N GLY A 388 -39.37 -41.40 33.92
CA GLY A 388 -40.75 -41.53 34.31
C GLY A 388 -41.46 -40.22 34.22
N GLU A 389 -42.68 -40.28 34.66
CA GLU A 389 -43.75 -39.29 34.46
C GLU A 389 -43.57 -37.98 35.24
N ARG A 390 -43.86 -36.86 34.58
CA ARG A 390 -43.77 -35.52 35.19
C ARG A 390 -44.85 -34.57 34.68
N THR A 391 -45.10 -33.51 35.45
CA THR A 391 -45.97 -32.42 35.02
C THR A 391 -45.28 -31.66 33.87
N ILE A 392 -46.07 -31.01 33.02
CA ILE A 392 -45.52 -30.17 31.95
C ILE A 392 -44.73 -29.01 32.56
N SER A 393 -45.32 -28.37 33.57
CA SER A 393 -44.70 -27.25 34.27
C SER A 393 -43.34 -27.61 34.84
N GLU A 394 -43.31 -28.67 35.64
CA GLU A 394 -42.07 -29.17 36.25
C GLU A 394 -41.01 -29.46 35.20
N THR A 395 -41.39 -30.22 34.17
CA THR A 395 -40.48 -30.58 33.09
C THR A 395 -39.86 -29.35 32.45
N ILE A 396 -40.71 -28.37 32.12
CA ILE A 396 -40.24 -27.12 31.54
C ILE A 396 -39.26 -26.40 32.46
N GLU A 397 -39.61 -26.28 33.74
CA GLU A 397 -38.75 -25.60 34.71
C GLU A 397 -37.38 -26.27 34.84
N ARG A 398 -37.38 -27.59 35.00
CA ARG A 398 -36.12 -28.33 35.16
C ARG A 398 -35.27 -28.25 33.90
N LEU A 399 -35.91 -28.36 32.73
CA LEU A 399 -35.19 -28.26 31.47
C LEU A 399 -34.62 -26.86 31.25
N GLN A 400 -35.31 -25.83 31.71
CA GLN A 400 -34.81 -24.47 31.57
C GLN A 400 -33.69 -24.20 32.58
N GLN A 401 -33.74 -24.89 33.71
CA GLN A 401 -32.62 -24.87 34.66
C GLN A 401 -31.39 -25.49 34.01
N LEU A 402 -31.56 -26.66 33.42
CA LEU A 402 -30.47 -27.40 32.80
C LEU A 402 -29.93 -26.70 31.56
N LYS A 403 -30.78 -25.87 30.95
CA LYS A 403 -30.37 -25.04 29.81
C LYS A 403 -29.55 -23.86 30.30
N GLU A 404 -30.18 -23.02 31.12
CA GLU A 404 -29.55 -21.80 31.64
C GLU A 404 -28.19 -22.03 32.29
N PHE A 405 -28.00 -23.20 32.92
CA PHE A 405 -26.74 -23.50 33.58
C PHE A 405 -25.78 -24.27 32.68
N ARG A 406 -26.23 -24.58 31.47
CA ARG A 406 -25.42 -25.28 30.47
C ARG A 406 -24.77 -26.55 31.02
N SER A 407 -25.62 -27.42 31.60
CA SER A 407 -25.15 -28.69 32.16
C SER A 407 -24.52 -29.58 31.09
N LYS A 408 -23.42 -30.24 31.44
CA LYS A 408 -22.69 -31.06 30.50
C LYS A 408 -23.42 -32.37 30.22
N GLN A 409 -23.88 -33.04 31.28
CA GLN A 409 -24.82 -34.14 31.09
C GLN A 409 -26.15 -33.73 31.70
N ALA A 410 -27.11 -33.37 30.83
CA ALA A 410 -28.42 -32.93 31.27
C ALA A 410 -29.36 -34.10 31.52
N GLU A 411 -29.32 -35.07 30.60
CA GLU A 411 -30.21 -36.22 30.63
C GLU A 411 -30.11 -36.96 31.95
N GLU A 412 -28.88 -37.16 32.43
CA GLU A 412 -28.63 -37.85 33.68
C GLU A 412 -29.04 -36.99 34.88
N GLU A 413 -28.67 -35.72 34.85
CA GLU A 413 -28.88 -34.82 35.98
C GLU A 413 -30.31 -34.32 36.13
N PHE A 414 -31.18 -34.62 35.17
CA PHE A 414 -32.57 -34.16 35.22
C PHE A 414 -33.24 -34.60 36.52
N SER B 12 -34.22 14.80 12.76
CA SER B 12 -34.10 15.46 11.47
C SER B 12 -33.09 14.75 10.58
N ASP B 13 -31.81 14.87 10.94
CA ASP B 13 -30.74 14.19 10.21
C ASP B 13 -30.13 13.09 11.09
N HIS B 14 -30.09 11.87 10.57
CA HIS B 14 -29.64 10.71 11.34
C HIS B 14 -28.12 10.63 11.50
N ARG B 15 -27.40 11.32 10.62
CA ARG B 15 -25.94 11.32 10.67
C ARG B 15 -25.47 12.11 11.90
N LYS B 16 -26.02 13.30 12.06
CA LYS B 16 -25.71 14.17 13.19
C LYS B 16 -26.13 13.54 14.52
N ILE B 17 -27.37 13.06 14.58
CA ILE B 17 -27.88 12.38 15.76
C ILE B 17 -27.03 11.16 16.08
N GLY B 18 -26.61 10.46 15.04
CA GLY B 18 -25.74 9.30 15.19
C GLY B 18 -24.40 9.69 15.79
N ARG B 19 -23.91 10.88 15.43
CA ARG B 19 -22.68 11.39 16.00
C ARG B 19 -22.82 11.77 17.47
N ASP B 20 -23.81 12.61 17.78
CA ASP B 20 -23.96 13.13 19.14
C ASP B 20 -24.31 12.06 20.18
N GLN B 21 -25.03 11.02 19.78
CA GLN B 21 -25.42 9.96 20.72
C GLN B 21 -24.40 8.83 20.77
N GLU B 22 -23.33 8.96 19.98
CA GLU B 22 -22.31 7.92 19.86
C GLU B 22 -22.94 6.57 19.50
N LEU B 23 -23.88 6.61 18.56
CA LEU B 23 -24.48 5.39 18.03
C LEU B 23 -23.60 4.86 16.90
N TYR B 24 -23.47 5.66 15.84
CA TYR B 24 -22.70 5.27 14.67
C TYR B 24 -22.00 6.47 14.02
N PHE B 25 -20.97 6.19 13.24
CA PHE B 25 -20.32 7.24 12.44
C PHE B 25 -19.80 6.66 11.13
N PHE B 26 -19.22 7.52 10.31
CA PHE B 26 -18.74 7.10 8.99
C PHE B 26 -17.30 7.54 8.79
N HIS B 27 -16.61 6.92 7.84
CA HIS B 27 -15.20 7.24 7.61
C HIS B 27 -14.79 7.16 6.15
N GLU B 28 -13.79 7.96 5.80
CA GLU B 28 -13.24 8.05 4.46
C GLU B 28 -12.75 6.70 3.94
N LEU B 29 -12.25 5.88 4.85
CA LEU B 29 -11.54 4.66 4.48
C LEU B 29 -12.47 3.51 4.07
N SER B 30 -13.76 3.65 4.36
CA SER B 30 -14.75 2.69 3.86
C SER B 30 -16.06 3.38 3.50
N PRO B 31 -16.09 4.05 2.33
CA PRO B 31 -17.30 4.76 1.89
C PRO B 31 -18.44 3.78 1.60
N GLY B 32 -19.64 4.11 2.08
CA GLY B 32 -20.80 3.26 1.85
C GLY B 32 -21.02 2.24 2.96
N SER B 33 -20.10 2.19 3.91
CA SER B 33 -20.22 1.30 5.05
C SER B 33 -20.44 2.11 6.32
N CYS B 34 -20.53 1.43 7.47
CA CYS B 34 -20.82 2.14 8.71
C CYS B 34 -20.06 1.61 9.92
N PHE B 35 -19.73 2.51 10.84
CA PHE B 35 -19.10 2.14 12.10
C PHE B 35 -20.10 2.25 13.23
N PHE B 36 -20.52 1.11 13.79
CA PHE B 36 -21.48 1.12 14.88
C PHE B 36 -20.78 1.01 16.23
N LEU B 37 -20.85 2.10 17.00
CA LEU B 37 -20.38 2.13 18.38
C LEU B 37 -21.32 1.26 19.23
N PRO B 38 -20.91 0.90 20.46
CA PRO B 38 -21.69 -0.01 21.30
C PRO B 38 -23.19 0.28 21.39
N LYS B 39 -23.57 1.55 21.50
CA LYS B 39 -24.98 1.93 21.57
C LYS B 39 -25.74 1.60 20.29
N GLY B 40 -25.24 2.11 19.16
CA GLY B 40 -25.81 1.82 17.86
C GLY B 40 -25.85 0.33 17.59
N ALA B 41 -24.79 -0.37 18.00
CA ALA B 41 -24.74 -1.82 17.88
C ALA B 41 -25.86 -2.49 18.68
N TYR B 42 -26.11 -1.97 19.87
CA TYR B 42 -27.22 -2.45 20.68
C TYR B 42 -28.51 -2.33 19.90
N ILE B 43 -28.75 -1.15 19.33
CA ILE B 43 -29.95 -0.92 18.52
C ILE B 43 -30.06 -1.95 17.39
N TYR B 44 -28.95 -2.15 16.68
CA TYR B 44 -28.83 -3.14 15.61
C TYR B 44 -29.33 -4.52 16.03
N ASN B 45 -28.63 -5.10 17.01
CA ASN B 45 -28.97 -6.43 17.50
C ASN B 45 -30.38 -6.50 18.11
N ALA B 46 -30.87 -5.37 18.61
CA ALA B 46 -32.23 -5.30 19.15
C ALA B 46 -33.26 -5.49 18.03
N LEU B 47 -33.07 -4.77 16.93
CA LEU B 47 -33.93 -4.96 15.76
C LEU B 47 -33.89 -6.40 15.27
N ILE B 48 -32.66 -6.90 15.08
CA ILE B 48 -32.49 -8.29 14.63
C ILE B 48 -33.24 -9.27 15.54
N GLU B 49 -33.10 -9.08 16.86
CA GLU B 49 -33.75 -9.96 17.82
C GLU B 49 -35.28 -9.87 17.78
N PHE B 50 -35.80 -8.66 17.56
CA PHE B 50 -37.23 -8.47 17.37
C PHE B 50 -37.74 -9.33 16.22
N ILE B 51 -37.14 -9.13 15.06
CA ILE B 51 -37.50 -9.91 13.87
C ILE B 51 -37.37 -11.41 14.14
N ARG B 52 -36.35 -11.79 14.91
CA ARG B 52 -36.13 -13.20 15.25
C ARG B 52 -37.24 -13.79 16.11
N SER B 53 -37.66 -13.04 17.13
CA SER B 53 -38.75 -13.49 18.00
C SER B 53 -39.99 -13.72 17.15
N GLU B 54 -40.31 -12.75 16.29
CA GLU B 54 -41.48 -12.91 15.44
C GLU B 54 -41.33 -14.09 14.47
N TYR B 55 -40.11 -14.31 13.99
CA TYR B 55 -39.77 -15.48 13.18
C TYR B 55 -40.17 -16.77 13.90
N ARG B 56 -39.72 -16.88 15.14
CA ARG B 56 -39.97 -18.08 15.94
C ARG B 56 -41.47 -18.26 16.21
N LYS B 57 -42.19 -17.15 16.33
CA LYS B 57 -43.65 -17.25 16.38
C LYS B 57 -44.22 -17.82 15.07
N ARG B 58 -43.67 -17.37 13.95
CA ARG B 58 -44.31 -17.57 12.65
C ARG B 58 -43.78 -18.74 11.80
N GLY B 59 -42.87 -19.53 12.34
CA GLY B 59 -42.38 -20.70 11.63
C GLY B 59 -41.33 -20.43 10.57
N PHE B 60 -40.43 -19.49 10.84
CA PHE B 60 -39.29 -19.23 9.97
C PHE B 60 -38.03 -19.87 10.54
N GLN B 61 -37.17 -20.37 9.66
CA GLN B 61 -35.92 -21.02 10.10
C GLN B 61 -34.70 -20.28 9.56
N GLU B 62 -33.90 -19.75 10.46
CA GLU B 62 -32.72 -18.95 10.08
C GLU B 62 -31.55 -19.83 9.65
N VAL B 63 -30.83 -19.40 8.63
CA VAL B 63 -29.66 -20.12 8.13
C VAL B 63 -28.47 -19.19 7.98
N VAL B 64 -27.28 -19.76 7.81
CA VAL B 64 -26.07 -18.98 7.59
C VAL B 64 -25.43 -19.39 6.27
N THR B 65 -25.28 -18.43 5.36
CA THR B 65 -24.79 -18.69 4.02
C THR B 65 -23.50 -17.94 3.71
N PRO B 66 -22.67 -18.48 2.80
CA PRO B 66 -21.42 -17.85 2.37
C PRO B 66 -21.60 -16.43 1.83
N ASN B 67 -20.63 -15.56 2.10
CA ASN B 67 -20.65 -14.19 1.60
C ASN B 67 -20.12 -14.08 0.16
N ILE B 68 -19.18 -14.95 -0.21
CA ILE B 68 -18.61 -14.93 -1.56
C ILE B 68 -19.00 -16.18 -2.34
N PHE B 69 -19.09 -16.03 -3.67
CA PHE B 69 -19.44 -17.16 -4.52
C PHE B 69 -18.69 -17.14 -5.84
N ASN B 70 -18.51 -18.31 -6.43
CA ASN B 70 -17.92 -18.43 -7.76
C ASN B 70 -18.83 -17.74 -8.77
N SER B 71 -18.24 -17.24 -9.86
CA SER B 71 -18.99 -16.47 -10.85
C SER B 71 -20.09 -17.29 -11.53
N ARG B 72 -19.92 -18.61 -11.57
CA ARG B 72 -20.88 -19.48 -12.22
C ARG B 72 -22.25 -19.44 -11.53
N LEU B 73 -22.25 -19.17 -10.23
CA LEU B 73 -23.49 -19.02 -9.49
C LEU B 73 -24.22 -17.76 -9.93
N TRP B 74 -23.49 -16.65 -10.01
CA TRP B 74 -24.05 -15.37 -10.40
C TRP B 74 -24.46 -15.37 -11.87
N MET B 75 -23.86 -16.27 -12.64
CA MET B 75 -24.22 -16.47 -14.03
C MET B 75 -25.51 -17.29 -14.11
N THR B 76 -25.62 -18.28 -13.24
CA THR B 76 -26.80 -19.14 -13.20
C THR B 76 -28.04 -18.37 -12.74
N SER B 77 -27.91 -17.59 -11.67
CA SER B 77 -29.02 -16.79 -11.16
C SER B 77 -29.37 -15.66 -12.11
N GLY B 78 -28.40 -15.23 -12.90
CA GLY B 78 -28.63 -14.18 -13.89
C GLY B 78 -28.13 -12.82 -13.47
N HIS B 79 -27.33 -12.77 -12.41
CA HIS B 79 -26.80 -11.51 -11.91
C HIS B 79 -25.70 -10.94 -12.82
N TRP B 80 -24.99 -11.82 -13.51
CA TRP B 80 -23.95 -11.38 -14.43
C TRP B 80 -24.53 -10.64 -15.64
N GLN B 81 -25.61 -11.19 -16.20
CA GLN B 81 -26.21 -10.58 -17.39
C GLN B 81 -27.09 -9.38 -17.03
N HIS B 82 -27.40 -9.23 -15.74
CA HIS B 82 -28.20 -8.09 -15.27
C HIS B 82 -27.49 -7.21 -14.25
N TYR B 83 -27.21 -7.77 -13.08
CA TYR B 83 -26.85 -6.97 -11.90
C TYR B 83 -25.35 -6.70 -11.74
N SER B 84 -24.55 -7.11 -12.72
CA SER B 84 -23.09 -7.08 -12.63
C SER B 84 -22.47 -5.73 -12.22
N GLU B 85 -23.15 -4.64 -12.55
CA GLU B 85 -22.62 -3.30 -12.27
C GLU B 85 -22.55 -3.00 -10.78
N ASN B 86 -23.43 -3.62 -9.99
CA ASN B 86 -23.49 -3.38 -8.56
C ASN B 86 -22.66 -4.36 -7.74
N MET B 87 -21.95 -5.27 -8.42
CA MET B 87 -21.27 -6.35 -7.72
C MET B 87 -19.76 -6.18 -7.66
N PHE B 88 -19.19 -6.33 -6.47
CA PHE B 88 -17.75 -6.36 -6.31
C PHE B 88 -17.23 -7.75 -6.70
N SER B 89 -16.37 -7.81 -7.70
CA SER B 89 -15.83 -9.09 -8.15
C SER B 89 -14.31 -9.08 -8.10
N PHE B 90 -13.71 -10.26 -7.93
CA PHE B 90 -12.26 -10.38 -7.85
C PHE B 90 -11.83 -11.79 -8.24
N GLU B 91 -10.57 -11.96 -8.60
CA GLU B 91 -10.09 -13.29 -9.01
C GLU B 91 -9.45 -14.08 -7.87
N VAL B 92 -9.84 -15.35 -7.80
CA VAL B 92 -9.26 -16.31 -6.87
C VAL B 92 -8.82 -17.53 -7.68
N GLU B 93 -7.52 -17.80 -7.67
CA GLU B 93 -6.92 -18.91 -8.41
C GLU B 93 -7.47 -19.02 -9.84
N LYS B 94 -7.21 -17.98 -10.63
CA LYS B 94 -7.59 -17.91 -12.05
C LYS B 94 -9.10 -17.85 -12.29
N GLU B 95 -9.91 -17.98 -11.24
CA GLU B 95 -11.37 -18.01 -11.41
C GLU B 95 -12.05 -16.75 -10.86
N LEU B 96 -13.19 -16.40 -11.44
CA LEU B 96 -13.91 -15.21 -10.97
C LEU B 96 -14.77 -15.53 -9.74
N PHE B 97 -14.76 -14.59 -8.80
CA PHE B 97 -15.60 -14.66 -7.60
C PHE B 97 -16.26 -13.31 -7.36
N ALA B 98 -17.33 -13.31 -6.56
CA ALA B 98 -18.00 -12.06 -6.21
C ALA B 98 -18.66 -12.13 -4.83
N LEU B 99 -18.74 -10.98 -4.17
CA LEU B 99 -19.50 -10.85 -2.93
C LEU B 99 -20.98 -10.87 -3.27
N LYS B 100 -21.80 -11.42 -2.38
CA LYS B 100 -23.22 -11.59 -2.66
C LYS B 100 -24.02 -10.29 -2.51
N PRO B 101 -24.64 -9.85 -3.62
CA PRO B 101 -25.63 -8.77 -3.56
C PRO B 101 -26.93 -9.23 -2.92
N MET B 102 -27.21 -10.53 -3.02
CA MET B 102 -28.45 -11.12 -2.51
C MET B 102 -28.24 -12.51 -1.90
N ASN B 103 -29.19 -12.96 -1.09
CA ASN B 103 -29.12 -14.28 -0.46
C ASN B 103 -29.84 -15.38 -1.26
N CYS B 104 -30.56 -14.99 -2.29
CA CYS B 104 -31.44 -15.91 -3.03
C CYS B 104 -30.77 -17.16 -3.64
N PRO B 105 -29.65 -16.97 -4.38
CA PRO B 105 -29.06 -18.16 -5.00
C PRO B 105 -28.55 -19.18 -3.98
N GLY B 106 -27.96 -18.69 -2.90
CA GLY B 106 -27.47 -19.57 -1.84
C GLY B 106 -28.60 -20.39 -1.23
N HIS B 107 -29.75 -19.74 -1.00
CA HIS B 107 -30.91 -20.43 -0.46
C HIS B 107 -31.45 -21.44 -1.47
N CYS B 108 -31.35 -21.12 -2.75
CA CYS B 108 -31.71 -22.08 -3.79
C CYS B 108 -30.79 -23.29 -3.75
N LEU B 109 -29.54 -23.05 -3.37
CA LEU B 109 -28.58 -24.14 -3.19
C LEU B 109 -28.96 -24.99 -1.98
N MET B 110 -29.40 -24.34 -0.91
CA MET B 110 -29.78 -25.05 0.30
C MET B 110 -31.07 -25.86 0.10
N PHE B 111 -31.94 -25.41 -0.80
CA PHE B 111 -33.15 -26.16 -1.11
C PHE B 111 -32.82 -27.45 -1.87
N ASP B 112 -31.80 -27.37 -2.72
CA ASP B 112 -31.44 -28.48 -3.59
C ASP B 112 -30.45 -29.43 -2.94
N HIS B 113 -30.08 -29.16 -1.69
CA HIS B 113 -29.12 -29.99 -0.95
C HIS B 113 -29.56 -31.46 -0.90
N ARG B 114 -30.83 -31.68 -0.62
CA ARG B 114 -31.40 -33.04 -0.61
C ARG B 114 -32.79 -33.02 -1.23
N PRO B 115 -33.30 -34.20 -1.65
CA PRO B 115 -34.69 -34.28 -2.09
C PRO B 115 -35.66 -33.80 -1.02
N ARG B 116 -36.75 -33.16 -1.44
CA ARG B 116 -37.73 -32.63 -0.50
C ARG B 116 -39.14 -32.96 -0.94
N SER B 117 -40.02 -33.23 0.02
CA SER B 117 -41.40 -33.59 -0.29
C SER B 117 -42.36 -32.44 -0.06
N TRP B 118 -43.63 -32.70 -0.34
CA TRP B 118 -44.71 -31.74 -0.12
C TRP B 118 -44.90 -31.48 1.38
N ARG B 119 -44.56 -32.48 2.18
CA ARG B 119 -44.73 -32.41 3.63
C ARG B 119 -43.89 -31.31 4.26
N GLU B 120 -42.81 -30.93 3.58
CA GLU B 120 -41.88 -29.94 4.10
C GLU B 120 -42.23 -28.52 3.68
N LEU B 121 -43.38 -28.35 3.02
CA LEU B 121 -43.74 -27.05 2.49
C LEU B 121 -44.96 -26.46 3.22
N PRO B 122 -44.98 -25.13 3.37
CA PRO B 122 -43.94 -24.18 2.93
C PRO B 122 -42.66 -24.24 3.76
N LEU B 123 -41.51 -24.10 3.09
CA LEU B 123 -40.22 -24.05 3.76
C LEU B 123 -39.69 -22.62 3.77
N ARG B 124 -39.64 -22.01 4.94
CA ARG B 124 -39.26 -20.60 5.03
C ARG B 124 -37.86 -20.43 5.59
N LEU B 125 -36.93 -20.02 4.73
CA LEU B 125 -35.54 -19.87 5.12
C LEU B 125 -35.18 -18.40 5.29
N ALA B 126 -34.66 -18.05 6.47
CA ALA B 126 -34.32 -16.65 6.76
C ALA B 126 -32.81 -16.43 6.84
N ASP B 127 -32.37 -15.29 6.33
CA ASP B 127 -30.97 -14.89 6.36
C ASP B 127 -30.80 -13.41 6.73
N PHE B 128 -29.91 -13.17 7.70
CA PHE B 128 -29.47 -11.84 8.08
C PHE B 128 -28.13 -11.46 7.44
N GLY B 129 -27.63 -12.33 6.57
CA GLY B 129 -26.26 -12.22 6.07
C GLY B 129 -25.88 -10.89 5.43
N VAL B 130 -24.59 -10.63 5.37
CA VAL B 130 -24.07 -9.34 4.91
C VAL B 130 -24.07 -9.23 3.38
N LEU B 131 -24.75 -8.22 2.86
CA LEU B 131 -24.82 -7.98 1.43
C LEU B 131 -24.00 -6.76 1.03
N HIS B 132 -23.32 -6.87 -0.11
CA HIS B 132 -22.55 -5.75 -0.66
C HIS B 132 -23.02 -5.41 -2.07
N ARG B 133 -23.38 -4.14 -2.26
CA ARG B 133 -23.73 -3.66 -3.59
C ARG B 133 -22.87 -2.44 -3.91
N ASN B 134 -22.46 -2.32 -5.16
CA ASN B 134 -21.57 -1.23 -5.54
C ASN B 134 -22.37 -0.02 -5.99
N GLU B 135 -22.35 1.02 -5.17
CA GLU B 135 -23.02 2.27 -5.49
C GLU B 135 -21.97 3.33 -5.76
N LEU B 136 -22.30 4.29 -6.63
CA LEU B 136 -21.37 5.35 -6.98
C LEU B 136 -21.09 6.23 -5.76
N SER B 137 -19.86 6.68 -5.64
CA SER B 137 -19.41 7.45 -4.47
C SER B 137 -20.21 8.74 -4.30
N GLY B 138 -20.72 9.27 -5.40
CA GLY B 138 -21.50 10.51 -5.37
C GLY B 138 -22.94 10.24 -4.92
N ALA B 139 -23.38 9.00 -5.07
CA ALA B 139 -24.73 8.62 -4.66
C ALA B 139 -24.83 8.39 -3.15
N LEU B 140 -23.71 8.02 -2.54
CA LEU B 140 -23.68 7.59 -1.15
C LEU B 140 -24.08 8.68 -0.16
N THR B 141 -25.10 8.41 0.66
CA THR B 141 -25.44 9.26 1.79
C THR B 141 -25.81 8.42 3.02
N GLY B 142 -25.05 8.56 4.09
CA GLY B 142 -25.36 7.95 5.38
C GLY B 142 -25.72 6.48 5.34
N LEU B 143 -26.75 6.12 6.10
CA LEU B 143 -27.27 4.76 6.12
C LEU B 143 -28.42 4.57 5.15
N THR B 144 -28.82 5.65 4.47
CA THR B 144 -29.92 5.60 3.53
C THR B 144 -29.51 4.93 2.22
N ARG B 145 -28.36 5.35 1.68
CA ARG B 145 -27.80 4.71 0.50
C ARG B 145 -26.41 4.18 0.84
N VAL B 146 -26.27 2.86 0.84
CA VAL B 146 -25.03 2.23 1.31
C VAL B 146 -24.45 1.22 0.33
N ARG B 147 -23.34 0.61 0.74
CA ARG B 147 -22.75 -0.49 0.00
C ARG B 147 -22.93 -1.78 0.80
N ARG B 148 -22.37 -1.81 2.00
CA ARG B 148 -22.60 -2.92 2.93
C ARG B 148 -23.88 -2.72 3.71
N PHE B 149 -24.73 -3.74 3.73
CA PHE B 149 -25.92 -3.71 4.59
C PHE B 149 -26.37 -5.12 4.95
N GLN B 150 -27.05 -5.26 6.08
CA GLN B 150 -27.67 -6.54 6.43
C GLN B 150 -29.17 -6.44 6.28
N GLN B 151 -29.77 -7.37 5.57
CA GLN B 151 -31.16 -7.31 5.22
C GLN B 151 -31.88 -8.30 6.04
N ASP B 152 -33.12 -8.03 6.44
CA ASP B 152 -33.88 -9.09 7.07
C ASP B 152 -34.49 -9.78 5.87
N ASP B 153 -33.98 -10.95 5.56
CA ASP B 153 -34.30 -11.55 4.27
C ASP B 153 -34.92 -12.91 4.50
N ALA B 154 -35.94 -13.24 3.74
CA ALA B 154 -36.44 -14.61 3.80
C ALA B 154 -36.96 -15.06 2.45
N HIS B 155 -36.77 -16.34 2.17
CA HIS B 155 -37.37 -16.95 1.00
C HIS B 155 -38.31 -18.05 1.43
N ILE B 156 -39.56 -17.94 0.98
CA ILE B 156 -40.53 -19.01 1.18
C ILE B 156 -40.50 -19.91 -0.04
N PHE B 157 -40.36 -21.22 0.18
CA PHE B 157 -40.53 -22.17 -0.91
C PHE B 157 -41.87 -22.84 -0.72
N CYS B 158 -42.79 -22.67 -1.66
CA CYS B 158 -44.12 -23.22 -1.45
C CYS B 158 -44.77 -23.78 -2.70
N ALA B 159 -45.79 -24.62 -2.51
CA ALA B 159 -46.60 -25.08 -3.62
C ALA B 159 -47.50 -23.93 -4.09
N MET B 160 -47.86 -23.94 -5.37
CA MET B 160 -48.64 -22.87 -5.99
C MET B 160 -49.92 -22.54 -5.21
N GLU B 161 -50.58 -23.57 -4.71
CA GLU B 161 -51.80 -23.44 -3.92
C GLU B 161 -51.52 -22.68 -2.61
N GLN B 162 -50.60 -23.22 -1.83
CA GLN B 162 -50.27 -22.69 -0.51
C GLN B 162 -49.98 -21.19 -0.55
N ILE B 163 -49.57 -20.71 -1.73
CA ILE B 163 -49.25 -19.30 -1.94
C ILE B 163 -50.30 -18.41 -1.32
N GLU B 164 -51.58 -18.70 -1.57
CA GLU B 164 -52.63 -17.81 -1.07
C GLU B 164 -52.45 -17.63 0.43
N ASP B 165 -52.49 -18.75 1.15
CA ASP B 165 -52.38 -18.73 2.59
C ASP B 165 -51.09 -18.02 2.98
N GLU B 166 -50.01 -18.33 2.28
CA GLU B 166 -48.72 -17.76 2.62
C GLU B 166 -48.78 -16.24 2.64
N ILE B 167 -49.40 -15.68 1.62
CA ILE B 167 -49.44 -14.22 1.50
C ILE B 167 -50.17 -13.64 2.71
N LYS B 168 -51.24 -14.31 3.14
CA LYS B 168 -51.97 -13.91 4.32
C LYS B 168 -50.97 -13.73 5.45
N GLY B 169 -50.20 -14.79 5.72
CA GLY B 169 -49.20 -14.76 6.76
C GLY B 169 -48.31 -13.55 6.58
N CYS B 170 -47.76 -13.40 5.37
CA CYS B 170 -46.85 -12.30 5.07
C CYS B 170 -47.49 -10.99 5.51
N LEU B 171 -48.72 -10.76 5.03
CA LEU B 171 -49.41 -9.52 5.35
C LEU B 171 -49.50 -9.36 6.85
N ASP B 172 -49.99 -10.39 7.53
CA ASP B 172 -50.10 -10.38 8.98
C ASP B 172 -48.78 -9.92 9.59
N PHE B 173 -47.71 -10.58 9.15
CA PHE B 173 -46.40 -10.33 9.70
C PHE B 173 -46.11 -8.83 9.58
N LEU B 174 -46.28 -8.27 8.39
CA LEU B 174 -46.04 -6.85 8.17
C LEU B 174 -46.77 -6.06 9.24
N ARG B 175 -48.09 -6.26 9.30
CA ARG B 175 -48.94 -5.51 10.19
C ARG B 175 -48.34 -5.52 11.58
N THR B 176 -48.07 -6.74 12.07
CA THR B 176 -47.62 -6.91 13.44
C THR B 176 -46.41 -6.03 13.67
N VAL B 177 -45.40 -6.20 12.81
CA VAL B 177 -44.14 -5.48 12.98
C VAL B 177 -44.41 -3.99 13.09
N TYR B 178 -45.18 -3.48 12.14
CA TYR B 178 -45.34 -2.05 12.04
C TYR B 178 -46.27 -1.56 13.15
N SER B 179 -47.12 -2.45 13.64
CA SER B 179 -47.98 -2.12 14.78
C SER B 179 -47.10 -1.75 15.97
N VAL B 180 -45.94 -2.40 16.08
CA VAL B 180 -45.01 -2.12 17.16
C VAL B 180 -44.36 -0.75 16.94
N PHE B 181 -44.06 -0.42 15.70
CA PHE B 181 -43.40 0.84 15.39
C PHE B 181 -44.40 1.99 15.36
N GLY B 182 -45.61 1.72 14.89
CA GLY B 182 -46.65 2.73 14.82
C GLY B 182 -46.79 3.31 13.43
N PHE B 183 -46.15 2.68 12.45
CA PHE B 183 -46.19 3.13 11.07
C PHE B 183 -47.47 2.68 10.38
N SER B 184 -47.96 3.50 9.45
CA SER B 184 -49.07 3.02 8.62
C SER B 184 -48.46 2.43 7.35
N PHE B 185 -49.28 1.85 6.49
CA PHE B 185 -48.78 1.38 5.21
C PHE B 185 -49.83 1.31 4.10
N LYS B 186 -49.37 1.54 2.87
CA LYS B 186 -50.22 1.43 1.70
C LYS B 186 -49.75 0.28 0.82
N LEU B 187 -50.70 -0.46 0.26
CA LEU B 187 -50.42 -1.68 -0.47
C LEU B 187 -50.59 -1.50 -1.98
N ASN B 188 -49.72 -2.11 -2.76
CA ASN B 188 -49.79 -2.00 -4.20
C ASN B 188 -49.53 -3.35 -4.89
N LEU B 189 -50.43 -3.74 -5.78
CA LEU B 189 -50.27 -5.00 -6.50
C LEU B 189 -49.75 -4.74 -7.91
N SER B 190 -48.50 -5.10 -8.13
CA SER B 190 -47.87 -4.98 -9.44
C SER B 190 -47.96 -6.33 -10.17
N THR B 191 -48.57 -6.30 -11.35
CA THR B 191 -48.90 -7.51 -12.09
C THR B 191 -48.07 -7.66 -13.37
N ARG B 192 -48.38 -8.70 -14.15
CA ARG B 192 -47.60 -9.07 -15.33
C ARG B 192 -47.40 -7.93 -16.32
N PRO B 193 -46.13 -7.63 -16.64
CA PRO B 193 -45.76 -6.60 -17.61
C PRO B 193 -45.85 -7.09 -19.06
N GLU B 194 -45.56 -6.20 -20.01
CA GLU B 194 -45.57 -6.55 -21.42
C GLU B 194 -44.41 -7.49 -21.73
N LYS B 195 -43.23 -7.15 -21.23
CA LYS B 195 -42.08 -8.02 -21.37
C LYS B 195 -41.97 -8.89 -20.12
N PHE B 196 -42.22 -10.18 -20.28
CA PHE B 196 -42.23 -11.11 -19.16
C PHE B 196 -41.73 -12.49 -19.55
N LEU B 197 -41.32 -13.26 -18.55
CA LEU B 197 -40.80 -14.61 -18.78
C LEU B 197 -41.54 -15.62 -17.89
N GLY B 198 -42.23 -16.56 -18.52
CA GLY B 198 -42.93 -17.60 -17.78
C GLY B 198 -44.14 -18.15 -18.49
N ASP B 199 -44.79 -19.14 -17.87
CA ASP B 199 -46.01 -19.72 -18.43
C ASP B 199 -47.22 -18.93 -17.94
N ILE B 200 -48.01 -18.44 -18.90
CA ILE B 200 -49.12 -17.53 -18.62
C ILE B 200 -50.11 -18.03 -17.55
N GLU B 201 -50.34 -19.34 -17.54
CA GLU B 201 -51.29 -19.95 -16.62
C GLU B 201 -50.80 -19.85 -15.18
N VAL B 202 -49.50 -20.08 -14.98
CA VAL B 202 -48.86 -19.95 -13.68
C VAL B 202 -49.02 -18.53 -13.13
N TRP B 203 -48.67 -17.54 -13.96
CA TRP B 203 -48.89 -16.14 -13.66
C TRP B 203 -50.32 -15.88 -13.24
N ASP B 204 -51.26 -16.39 -14.04
CA ASP B 204 -52.68 -16.18 -13.80
C ASP B 204 -53.12 -16.69 -12.42
N GLN B 205 -52.80 -17.95 -12.11
CA GLN B 205 -53.18 -18.51 -10.82
C GLN B 205 -52.54 -17.74 -9.66
N ALA B 206 -51.24 -17.47 -9.79
CA ALA B 206 -50.52 -16.73 -8.76
C ALA B 206 -51.16 -15.39 -8.45
N GLU B 207 -51.40 -14.59 -9.50
CA GLU B 207 -52.03 -13.28 -9.35
C GLU B 207 -53.44 -13.39 -8.76
N LYS B 208 -54.16 -14.44 -9.17
CA LYS B 208 -55.49 -14.72 -8.60
C LYS B 208 -55.39 -14.83 -7.08
N GLN B 209 -54.51 -15.72 -6.63
CA GLN B 209 -54.33 -15.92 -5.19
C GLN B 209 -53.88 -14.65 -4.47
N LEU B 210 -53.00 -13.89 -5.11
CA LEU B 210 -52.55 -12.61 -4.55
C LEU B 210 -53.70 -11.64 -4.32
N GLU B 211 -54.49 -11.40 -5.35
CA GLU B 211 -55.65 -10.51 -5.23
C GLU B 211 -56.62 -10.98 -4.15
N ASN B 212 -56.89 -12.27 -4.18
CA ASN B 212 -57.65 -13.02 -3.18
C ASN B 212 -57.23 -12.79 -1.70
N SER B 213 -55.99 -13.11 -1.37
CA SER B 213 -55.52 -12.82 -0.02
C SER B 213 -55.49 -11.32 0.28
N LEU B 214 -55.27 -10.50 -0.75
CA LEU B 214 -55.24 -9.04 -0.58
C LEU B 214 -56.58 -8.51 -0.09
N ASN B 215 -57.65 -8.96 -0.75
CA ASN B 215 -59.01 -8.60 -0.35
C ASN B 215 -59.38 -9.24 0.98
N GLU B 216 -58.94 -10.48 1.19
CA GLU B 216 -59.16 -11.16 2.45
C GLU B 216 -58.58 -10.40 3.65
N PHE B 217 -57.41 -9.81 3.48
CA PHE B 217 -56.71 -9.11 4.55
C PHE B 217 -57.55 -8.00 5.18
N GLY B 218 -58.36 -7.35 4.36
CA GLY B 218 -59.29 -6.35 4.85
C GLY B 218 -58.78 -4.92 4.76
N GLU B 219 -57.61 -4.76 4.15
CA GLU B 219 -57.00 -3.43 4.05
C GLU B 219 -57.28 -2.82 2.68
N LYS B 220 -56.85 -1.58 2.47
CA LYS B 220 -57.05 -0.90 1.20
C LYS B 220 -55.82 -1.05 0.31
N TRP B 221 -55.98 -1.71 -0.83
CA TRP B 221 -54.88 -1.88 -1.77
C TRP B 221 -55.24 -1.36 -3.15
N GLU B 222 -54.22 -1.09 -3.94
CA GLU B 222 -54.35 -0.40 -5.20
C GLU B 222 -53.74 -1.31 -6.25
N LEU B 223 -54.10 -1.16 -7.51
CA LEU B 223 -53.73 -2.09 -8.54
C LEU B 223 -52.87 -1.43 -9.56
N ASN B 224 -51.63 -1.84 -9.65
CA ASN B 224 -50.71 -1.24 -10.58
C ASN B 224 -50.50 -2.22 -11.70
N SER B 225 -51.56 -2.53 -12.43
CA SER B 225 -51.46 -3.50 -13.49
C SER B 225 -50.34 -3.17 -14.41
N GLY B 226 -49.44 -4.10 -14.64
CA GLY B 226 -48.35 -3.92 -15.57
C GLY B 226 -46.98 -3.61 -15.01
N ASP B 227 -46.91 -3.20 -13.75
CA ASP B 227 -45.67 -2.75 -13.14
C ASP B 227 -44.91 -3.78 -12.34
N GLY B 228 -45.24 -5.03 -12.54
CA GLY B 228 -44.57 -6.17 -11.95
C GLY B 228 -43.25 -6.53 -12.62
N ALA B 229 -42.45 -7.35 -11.94
CA ALA B 229 -41.17 -7.78 -12.48
C ALA B 229 -41.38 -8.79 -13.61
N PHE B 230 -40.37 -8.97 -14.45
CA PHE B 230 -40.47 -9.90 -15.56
C PHE B 230 -40.45 -11.34 -15.07
N TYR B 231 -39.90 -11.55 -13.87
CA TYR B 231 -39.78 -12.88 -13.29
C TYR B 231 -40.92 -13.21 -12.32
N GLY B 232 -41.81 -12.26 -12.07
CA GLY B 232 -42.95 -12.52 -11.20
C GLY B 232 -43.77 -11.30 -10.81
N PRO B 233 -44.99 -11.54 -10.31
CA PRO B 233 -45.87 -10.49 -9.76
C PRO B 233 -45.41 -10.11 -8.36
N LYS B 234 -45.77 -8.92 -7.87
CA LYS B 234 -45.31 -8.51 -6.56
C LYS B 234 -46.29 -7.63 -5.80
N ILE B 235 -46.21 -7.71 -4.47
CA ILE B 235 -46.91 -6.79 -3.59
C ILE B 235 -45.87 -5.85 -2.97
N ASP B 236 -46.00 -4.57 -3.32
CA ASP B 236 -45.16 -3.50 -2.80
C ASP B 236 -45.85 -2.84 -1.61
N ILE B 237 -45.06 -2.49 -0.61
CA ILE B 237 -45.58 -1.88 0.61
C ILE B 237 -44.88 -0.57 0.90
N GLN B 238 -45.64 0.49 1.11
CA GLN B 238 -45.05 1.77 1.51
C GLN B 238 -45.41 2.10 2.95
N ILE B 239 -44.40 2.35 3.79
CA ILE B 239 -44.69 2.70 5.17
C ILE B 239 -44.70 4.21 5.38
N LYS B 240 -45.60 4.68 6.24
CA LYS B 240 -45.62 6.09 6.61
C LYS B 240 -45.30 6.25 8.10
N ASP B 241 -44.32 7.10 8.37
CA ASP B 241 -43.84 7.38 9.72
C ASP B 241 -44.57 8.56 10.36
N ALA B 242 -44.04 9.05 11.48
CA ALA B 242 -44.66 10.14 12.22
C ALA B 242 -44.25 11.52 11.73
N ILE B 243 -43.29 11.59 10.81
CA ILE B 243 -42.92 12.85 10.19
C ILE B 243 -43.75 13.09 8.92
N GLY B 244 -44.41 12.03 8.46
CA GLY B 244 -45.19 12.11 7.24
C GLY B 244 -44.39 11.74 6.00
N ARG B 245 -43.32 10.98 6.20
CA ARG B 245 -42.50 10.50 5.09
C ARG B 245 -42.89 9.08 4.68
N TYR B 246 -42.83 8.80 3.38
CA TYR B 246 -43.13 7.47 2.88
C TYR B 246 -41.84 6.74 2.52
N HIS B 247 -41.76 5.47 2.92
CA HIS B 247 -40.55 4.70 2.69
C HIS B 247 -40.88 3.35 2.05
N GLN B 248 -40.03 2.95 1.09
CA GLN B 248 -40.16 1.62 0.50
C GLN B 248 -39.12 0.73 1.15
N CYS B 249 -39.60 -0.19 1.99
CA CYS B 249 -38.72 -1.04 2.79
C CYS B 249 -39.12 -2.49 2.59
N ALA B 250 -40.33 -2.81 3.03
CA ALA B 250 -40.87 -4.15 2.93
C ALA B 250 -41.25 -4.51 1.50
N THR B 251 -41.09 -5.78 1.15
CA THR B 251 -41.53 -6.26 -0.15
C THR B 251 -41.93 -7.73 -0.12
N ILE B 252 -42.92 -8.06 -0.94
CA ILE B 252 -43.30 -9.45 -1.21
C ILE B 252 -43.18 -9.70 -2.72
N GLN B 253 -42.24 -10.54 -3.13
CA GLN B 253 -41.95 -10.73 -4.55
C GLN B 253 -41.98 -12.19 -4.97
N LEU B 254 -42.90 -12.53 -5.89
CA LEU B 254 -42.96 -13.90 -6.40
C LEU B 254 -41.90 -14.12 -7.47
N ASP B 255 -41.31 -15.31 -7.45
CA ASP B 255 -40.30 -15.71 -8.42
C ASP B 255 -40.60 -17.12 -8.93
N PHE B 256 -40.95 -17.20 -10.21
CA PHE B 256 -41.03 -18.46 -10.95
C PHE B 256 -39.75 -18.80 -11.70
N GLN B 257 -38.87 -17.82 -11.88
CA GLN B 257 -37.71 -17.99 -12.74
C GLN B 257 -36.56 -18.70 -12.04
N LEU B 258 -36.34 -18.33 -10.79
CA LEU B 258 -35.27 -18.88 -9.97
C LEU B 258 -35.37 -20.41 -9.80
N PRO B 259 -36.58 -20.96 -9.54
CA PRO B 259 -36.65 -22.42 -9.46
C PRO B 259 -36.32 -23.11 -10.78
N ILE B 260 -36.64 -22.45 -11.89
CA ILE B 260 -36.28 -22.98 -13.21
C ILE B 260 -34.77 -23.00 -13.39
N ARG B 261 -34.14 -21.86 -13.16
CA ARG B 261 -32.71 -21.70 -13.40
C ARG B 261 -31.86 -22.62 -12.52
N PHE B 262 -32.32 -22.88 -11.31
CA PHE B 262 -31.62 -23.77 -10.40
C PHE B 262 -32.19 -25.19 -10.40
N ASN B 263 -33.20 -25.44 -11.22
CA ASN B 263 -33.76 -26.77 -11.41
C ASN B 263 -34.27 -27.38 -10.11
N LEU B 264 -35.06 -26.61 -9.37
CA LEU B 264 -35.58 -27.07 -8.08
C LEU B 264 -36.86 -27.87 -8.27
N THR B 265 -36.97 -29.00 -7.58
CA THR B 265 -38.21 -29.78 -7.63
C THR B 265 -38.60 -30.26 -6.23
N TYR B 266 -39.76 -30.91 -6.13
CA TYR B 266 -40.19 -31.53 -4.89
C TYR B 266 -41.15 -32.68 -5.19
N VAL B 267 -41.13 -33.69 -4.31
CA VAL B 267 -42.07 -34.80 -4.45
C VAL B 267 -43.43 -34.32 -3.98
N SER B 268 -44.42 -34.37 -4.87
CA SER B 268 -45.79 -34.02 -4.51
C SER B 268 -46.44 -35.21 -3.84
N HIS B 269 -47.68 -35.05 -3.38
CA HIS B 269 -48.38 -36.16 -2.75
C HIS B 269 -49.03 -37.03 -3.81
N ASP B 270 -48.84 -36.62 -5.06
CA ASP B 270 -49.24 -37.41 -6.22
C ASP B 270 -48.29 -38.59 -6.37
N GLY B 271 -47.04 -38.35 -5.99
CA GLY B 271 -45.95 -39.24 -6.34
C GLY B 271 -45.16 -38.59 -7.45
N ASP B 272 -45.62 -37.41 -7.87
CA ASP B 272 -45.00 -36.65 -8.96
C ASP B 272 -43.91 -35.72 -8.42
N ASP B 273 -42.67 -35.99 -8.83
CA ASP B 273 -41.50 -35.26 -8.32
C ASP B 273 -41.08 -34.06 -9.17
N LYS B 274 -41.67 -33.92 -10.36
CA LYS B 274 -41.18 -32.94 -11.33
C LYS B 274 -41.74 -31.54 -11.11
N LYS B 275 -42.60 -31.38 -10.10
CA LYS B 275 -43.23 -30.10 -9.83
C LYS B 275 -42.26 -29.08 -9.25
N ARG B 276 -42.35 -27.85 -9.76
CA ARG B 276 -41.49 -26.76 -9.31
C ARG B 276 -42.09 -26.00 -8.14
N PRO B 277 -41.25 -25.59 -7.18
CA PRO B 277 -41.69 -24.72 -6.10
C PRO B 277 -41.81 -23.27 -6.56
N VAL B 278 -42.66 -22.49 -5.92
CA VAL B 278 -42.68 -21.05 -6.13
C VAL B 278 -41.83 -20.41 -5.05
N ILE B 279 -41.00 -19.43 -5.43
CA ILE B 279 -40.17 -18.74 -4.45
C ILE B 279 -40.78 -17.39 -4.07
N VAL B 280 -40.88 -17.12 -2.78
CA VAL B 280 -41.36 -15.83 -2.34
C VAL B 280 -40.25 -15.08 -1.61
N HIS B 281 -39.71 -14.06 -2.27
CA HIS B 281 -38.75 -13.17 -1.66
C HIS B 281 -39.50 -12.23 -0.73
N ARG B 282 -39.09 -12.15 0.52
CA ARG B 282 -39.79 -11.29 1.46
C ARG B 282 -38.84 -10.55 2.38
N ALA B 283 -39.13 -9.26 2.56
CA ALA B 283 -38.43 -8.45 3.55
C ALA B 283 -39.43 -7.52 4.22
N ILE B 284 -39.16 -7.14 5.46
CA ILE B 284 -40.04 -6.22 6.18
C ILE B 284 -39.29 -4.94 6.52
N LEU B 285 -38.25 -5.06 7.34
CA LEU B 285 -37.42 -3.90 7.70
C LEU B 285 -36.62 -3.35 6.52
N GLY B 286 -36.61 -4.08 5.41
CA GLY B 286 -35.68 -3.77 4.33
C GLY B 286 -34.29 -4.11 4.82
N SER B 287 -33.38 -3.15 4.81
CA SER B 287 -32.08 -3.35 5.45
C SER B 287 -32.08 -2.76 6.85
N VAL B 288 -31.37 -3.42 7.77
CA VAL B 288 -31.26 -2.97 9.14
C VAL B 288 -30.72 -1.54 9.21
N GLU B 289 -29.77 -1.23 8.35
CA GLU B 289 -29.18 0.11 8.27
C GLU B 289 -30.23 1.17 7.92
N ARG B 290 -30.91 0.97 6.80
CA ARG B 290 -31.98 1.86 6.36
C ARG B 290 -33.00 2.10 7.47
N MET B 291 -33.42 1.02 8.12
CA MET B 291 -34.42 1.10 9.17
C MET B 291 -33.90 1.85 10.38
N ILE B 292 -32.60 1.70 10.66
CA ILE B 292 -31.98 2.44 11.76
C ILE B 292 -31.99 3.93 11.47
N ALA B 293 -31.68 4.30 10.23
CA ALA B 293 -31.78 5.70 9.81
C ALA B 293 -33.21 6.24 9.97
N ILE B 294 -34.16 5.53 9.35
CA ILE B 294 -35.57 5.90 9.40
C ILE B 294 -36.05 6.10 10.84
N LEU B 295 -35.77 5.12 11.70
CA LEU B 295 -36.18 5.18 13.10
C LEU B 295 -35.48 6.32 13.85
N THR B 296 -34.21 6.55 13.52
CA THR B 296 -33.46 7.65 14.13
C THR B 296 -34.14 8.98 13.86
N GLU B 297 -34.47 9.23 12.59
CA GLU B 297 -35.10 10.49 12.23
C GLU B 297 -36.56 10.58 12.70
N ASN B 298 -37.22 9.43 12.76
CA ASN B 298 -38.62 9.36 13.18
C ASN B 298 -38.80 9.63 14.67
N TYR B 299 -37.85 9.15 15.46
CA TYR B 299 -37.91 9.28 16.91
C TYR B 299 -37.22 10.55 17.39
N GLY B 300 -36.53 11.24 16.48
CA GLY B 300 -35.80 12.44 16.81
C GLY B 300 -34.65 12.16 17.76
N GLY B 301 -34.12 10.95 17.69
CA GLY B 301 -33.05 10.54 18.56
C GLY B 301 -33.56 10.10 19.93
N LYS B 302 -34.87 10.22 20.14
CA LYS B 302 -35.46 9.80 21.40
C LYS B 302 -36.13 8.45 21.21
N TRP B 303 -35.51 7.41 21.74
CA TRP B 303 -35.87 6.03 21.43
C TRP B 303 -36.93 5.49 22.39
N PRO B 304 -37.77 4.56 21.91
CA PRO B 304 -38.65 3.83 22.81
C PRO B 304 -37.80 3.02 23.80
N PHE B 305 -38.37 2.66 24.95
CA PHE B 305 -37.60 2.00 25.99
C PHE B 305 -36.93 0.71 25.54
N TRP B 306 -37.60 -0.05 24.68
CA TRP B 306 -37.10 -1.35 24.25
C TRP B 306 -35.98 -1.23 23.22
N LEU B 307 -35.98 -0.14 22.46
CA LEU B 307 -34.94 0.07 21.43
C LEU B 307 -33.77 0.91 21.94
N SER B 308 -33.89 1.41 23.17
CA SER B 308 -32.95 2.42 23.67
C SER B 308 -31.67 1.83 24.25
N PRO B 309 -30.52 2.28 23.73
CA PRO B 309 -29.19 1.94 24.26
C PRO B 309 -28.96 2.60 25.62
N ARG B 310 -29.66 3.69 25.88
CA ARG B 310 -29.67 4.29 27.22
C ARG B 310 -31.06 4.16 27.82
N GLN B 311 -31.20 3.29 28.81
CA GLN B 311 -32.48 2.98 29.41
C GLN B 311 -32.61 3.58 30.80
N VAL B 312 -31.76 3.14 31.70
CA VAL B 312 -31.78 3.63 33.08
C VAL B 312 -30.46 4.31 33.46
N MET B 313 -30.55 5.51 34.03
CA MET B 313 -29.36 6.07 34.66
C MET B 313 -29.58 6.28 36.15
N VAL B 314 -28.66 5.75 36.95
CA VAL B 314 -28.73 5.84 38.39
C VAL B 314 -27.93 7.05 38.87
N VAL B 315 -28.59 7.93 39.58
CA VAL B 315 -27.97 9.12 40.12
C VAL B 315 -28.09 9.17 41.61
N PRO B 316 -26.87 9.20 42.30
CA PRO B 316 -27.01 9.38 43.73
C PRO B 316 -26.85 10.83 44.06
N VAL B 317 -27.43 11.27 45.16
CA VAL B 317 -27.32 12.68 45.51
C VAL B 317 -25.98 12.99 46.14
N GLY B 318 -25.60 12.23 47.14
CA GLY B 318 -24.37 12.50 47.81
C GLY B 318 -23.46 11.32 47.73
N PRO B 319 -22.10 11.61 47.72
CA PRO B 319 -21.24 10.42 47.76
C PRO B 319 -21.61 9.46 48.84
N THR B 320 -22.34 9.96 49.81
CA THR B 320 -22.82 9.20 50.96
C THR B 320 -23.27 7.84 50.51
N CYS B 321 -23.90 7.82 49.34
CA CYS B 321 -24.46 6.61 48.85
C CYS B 321 -24.15 6.40 47.39
N ASP B 322 -22.96 6.79 46.98
CA ASP B 322 -22.47 6.42 45.66
C ASP B 322 -22.56 4.94 45.54
N GLU B 323 -22.39 4.28 46.66
CA GLU B 323 -22.27 2.86 46.66
C GLU B 323 -23.63 2.26 46.63
N TYR B 324 -24.58 2.83 47.33
CA TYR B 324 -25.90 2.18 47.20
C TYR B 324 -26.39 2.17 45.74
N ALA B 325 -26.01 3.21 44.98
CA ALA B 325 -26.36 3.26 43.56
C ALA B 325 -25.53 2.30 42.73
N GLN B 326 -24.31 2.01 43.19
CA GLN B 326 -23.51 0.95 42.59
C GLN B 326 -24.35 -0.31 42.63
N LYS B 327 -24.86 -0.62 43.82
CA LYS B 327 -25.72 -1.79 43.98
C LYS B 327 -26.95 -1.76 43.06
N VAL B 328 -27.70 -0.66 43.10
CA VAL B 328 -28.91 -0.52 42.28
C VAL B 328 -28.65 -0.73 40.78
N ARG B 329 -27.69 0.01 40.24
CA ARG B 329 -27.32 -0.09 38.84
C ARG B 329 -26.87 -1.50 38.49
N GLN B 330 -26.20 -2.16 39.42
CA GLN B 330 -25.81 -3.54 39.19
C GLN B 330 -27.03 -4.45 39.05
N GLN B 331 -27.99 -4.31 39.97
CA GLN B 331 -29.19 -5.14 39.93
C GLN B 331 -30.02 -4.87 38.67
N PHE B 332 -29.96 -3.65 38.15
CA PHE B 332 -30.64 -3.37 36.89
C PHE B 332 -29.85 -3.88 35.69
N HIS B 333 -28.53 -3.99 35.84
CA HIS B 333 -27.66 -4.50 34.79
C HIS B 333 -27.84 -6.00 34.59
N ASP B 334 -28.16 -6.71 35.67
CA ASP B 334 -28.30 -8.16 35.62
C ASP B 334 -29.73 -8.55 35.21
N ALA B 335 -30.59 -7.54 35.12
CA ALA B 335 -31.94 -7.71 34.60
C ALA B 335 -31.91 -7.48 33.09
N LYS B 336 -30.67 -7.35 32.58
CA LYS B 336 -30.38 -7.17 31.16
C LYS B 336 -30.87 -5.83 30.61
N PHE B 337 -31.01 -4.85 31.49
CA PHE B 337 -31.22 -3.48 31.08
C PHE B 337 -29.91 -2.80 30.71
N MET B 338 -29.98 -1.77 29.87
CA MET B 338 -28.81 -0.96 29.60
C MET B 338 -28.82 0.18 30.60
N ALA B 339 -27.89 0.13 31.55
CA ALA B 339 -27.95 1.02 32.70
C ALA B 339 -26.59 1.62 33.02
N ASP B 340 -26.58 2.92 33.25
CA ASP B 340 -25.35 3.60 33.64
C ASP B 340 -25.55 4.31 34.97
N ILE B 341 -24.53 5.01 35.42
CA ILE B 341 -24.56 5.66 36.72
C ILE B 341 -23.71 6.93 36.67
N ASP B 342 -24.13 7.99 37.37
CA ASP B 342 -23.31 9.19 37.40
C ASP B 342 -22.75 9.46 38.80
N LEU B 343 -21.46 9.22 38.98
CA LEU B 343 -20.83 9.34 40.29
C LEU B 343 -20.04 10.65 40.51
N ASP B 344 -20.04 11.53 39.51
CA ASP B 344 -19.21 12.73 39.57
C ASP B 344 -19.59 13.65 40.73
N PRO B 345 -18.66 13.83 41.69
CA PRO B 345 -18.87 14.73 42.82
C PRO B 345 -18.84 16.20 42.41
N GLY B 346 -18.29 16.48 41.24
CA GLY B 346 -18.17 17.83 40.76
C GLY B 346 -19.39 18.30 39.98
N CYS B 347 -20.51 17.61 40.14
CA CYS B 347 -21.74 17.98 39.45
C CYS B 347 -22.92 18.12 40.41
N THR B 348 -23.85 18.99 40.05
CA THR B 348 -25.09 19.15 40.79
C THR B 348 -26.02 17.98 40.47
N LEU B 349 -26.84 17.60 41.45
CA LEU B 349 -27.87 16.58 41.25
C LEU B 349 -28.75 16.94 40.04
N ASN B 350 -29.18 18.19 40.02
CA ASN B 350 -30.02 18.72 38.94
C ASN B 350 -29.33 18.66 37.58
N LYS B 351 -28.08 19.09 37.53
CA LYS B 351 -27.29 19.06 36.30
C LYS B 351 -27.14 17.63 35.79
N LYS B 352 -26.91 16.70 36.72
CA LYS B 352 -26.83 15.29 36.39
C LYS B 352 -28.13 14.79 35.76
N ILE B 353 -29.25 15.10 36.42
CA ILE B 353 -30.55 14.68 35.93
C ILE B 353 -30.81 15.20 34.52
N ARG B 354 -30.68 16.52 34.32
CA ARG B 354 -31.03 17.08 33.01
C ARG B 354 -30.01 16.66 31.94
N ASN B 355 -28.77 16.40 32.34
CA ASN B 355 -27.80 15.80 31.41
C ASN B 355 -28.27 14.41 30.99
N ALA B 356 -28.80 13.66 31.94
CA ALA B 356 -29.31 12.32 31.67
C ALA B 356 -30.49 12.37 30.71
N GLN B 357 -31.35 13.37 30.85
CA GLN B 357 -32.49 13.49 29.93
C GLN B 357 -32.08 14.05 28.57
N LEU B 358 -31.07 14.91 28.53
CA LEU B 358 -30.53 15.39 27.25
C LEU B 358 -29.85 14.26 26.49
N ALA B 359 -29.37 13.26 27.22
CA ALA B 359 -28.71 12.10 26.63
C ALA B 359 -29.75 11.06 26.22
N GLN B 360 -31.03 11.40 26.41
CA GLN B 360 -32.17 10.55 26.05
C GLN B 360 -32.24 9.26 26.86
N TYR B 361 -31.78 9.30 28.11
CA TYR B 361 -32.02 8.20 29.04
C TYR B 361 -33.51 8.15 29.36
N ASN B 362 -34.11 6.97 29.23
CA ASN B 362 -35.56 6.84 29.41
C ASN B 362 -36.00 7.06 30.85
N PHE B 363 -35.28 6.46 31.79
CA PHE B 363 -35.64 6.58 33.19
C PHE B 363 -34.46 7.01 34.05
N ILE B 364 -34.68 8.01 34.89
CA ILE B 364 -33.63 8.43 35.80
C ILE B 364 -34.00 8.01 37.21
N LEU B 365 -33.18 7.14 37.82
CA LEU B 365 -33.45 6.69 39.17
C LEU B 365 -32.59 7.49 40.13
N VAL B 366 -33.23 8.39 40.86
CA VAL B 366 -32.55 9.19 41.86
C VAL B 366 -32.53 8.40 43.16
N VAL B 367 -31.36 8.36 43.79
CA VAL B 367 -31.15 7.55 44.97
C VAL B 367 -30.61 8.40 46.13
N GLY B 368 -31.43 8.54 47.16
CA GLY B 368 -31.06 9.29 48.36
C GLY B 368 -30.86 8.41 49.59
N GLU B 369 -30.90 9.04 50.76
CA GLU B 369 -30.69 8.33 52.02
C GLU B 369 -31.89 7.46 52.38
N LYS B 370 -33.08 8.02 52.22
CA LYS B 370 -34.33 7.30 52.44
C LYS B 370 -34.42 6.07 51.54
N GLU B 371 -33.91 6.22 50.33
CA GLU B 371 -33.91 5.16 49.34
C GLU B 371 -32.96 4.03 49.72
N LYS B 372 -31.80 4.40 50.24
CA LYS B 372 -30.82 3.43 50.72
C LYS B 372 -31.35 2.70 51.95
N ILE B 373 -32.12 3.42 52.76
CA ILE B 373 -32.70 2.86 53.97
C ILE B 373 -33.81 1.84 53.67
N SER B 374 -34.78 2.25 52.87
CA SER B 374 -35.95 1.42 52.61
C SER B 374 -35.76 0.51 51.40
N GLY B 375 -34.57 0.52 50.82
CA GLY B 375 -34.26 -0.33 49.67
C GLY B 375 -35.12 0.00 48.46
N THR B 376 -35.18 1.29 48.12
CA THR B 376 -36.00 1.75 47.02
C THR B 376 -35.26 2.70 46.08
N VAL B 377 -36.03 3.26 45.15
CA VAL B 377 -35.54 4.24 44.18
C VAL B 377 -36.59 5.30 43.87
N ASN B 378 -36.21 6.47 43.39
CA ASN B 378 -37.17 7.49 43.03
C ASN B 378 -37.10 7.88 41.58
N ILE B 379 -38.21 7.80 40.89
CA ILE B 379 -38.22 7.74 39.46
C ILE B 379 -38.60 9.01 38.74
N ARG B 380 -37.77 9.42 37.80
CA ARG B 380 -38.03 10.57 36.99
C ARG B 380 -37.90 10.14 35.57
N THR B 381 -38.34 10.97 34.65
CA THR B 381 -38.56 10.57 33.29
C THR B 381 -37.92 11.51 32.29
N ARG B 382 -37.35 10.94 31.26
CA ARG B 382 -36.70 11.65 30.19
C ARG B 382 -37.38 12.92 29.82
N ASP B 383 -38.69 12.87 29.90
CA ASP B 383 -39.50 14.03 29.67
C ASP B 383 -39.77 14.72 30.99
N ASN B 384 -39.27 14.17 32.08
CA ASN B 384 -39.52 14.74 33.35
C ASN B 384 -40.96 14.50 33.64
N LYS B 385 -41.23 13.34 34.21
CA LYS B 385 -42.47 13.07 34.87
C LYS B 385 -41.83 12.53 36.08
N VAL B 386 -42.59 12.17 37.09
CA VAL B 386 -42.01 11.78 38.33
C VAL B 386 -42.90 10.75 38.95
N HIS B 387 -42.39 9.55 39.12
CA HIS B 387 -43.23 8.48 39.61
C HIS B 387 -42.94 8.17 41.04
N GLY B 388 -42.01 8.91 41.61
CA GLY B 388 -41.77 8.81 43.02
C GLY B 388 -41.34 7.45 43.43
N GLU B 389 -41.03 7.30 44.70
CA GLU B 389 -40.48 6.10 45.22
C GLU B 389 -41.21 4.88 44.74
N ARG B 390 -40.45 3.82 44.57
CA ARG B 390 -40.97 2.54 44.25
C ARG B 390 -39.83 1.67 44.64
N THR B 391 -40.15 0.46 44.99
CA THR B 391 -39.17 -0.55 45.38
C THR B 391 -38.45 -1.09 44.14
N ILE B 392 -37.25 -1.64 44.34
CA ILE B 392 -36.43 -2.15 43.25
C ILE B 392 -37.14 -3.24 42.46
N SER B 393 -37.80 -4.14 43.19
CA SER B 393 -38.50 -5.28 42.60
C SER B 393 -39.54 -4.87 41.55
N GLU B 394 -40.58 -4.15 41.99
CA GLU B 394 -41.68 -3.80 41.10
C GLU B 394 -41.22 -2.84 39.99
N THR B 395 -40.16 -2.07 40.26
CA THR B 395 -39.58 -1.20 39.24
C THR B 395 -39.00 -2.06 38.13
N ILE B 396 -38.20 -3.05 38.52
CA ILE B 396 -37.62 -3.99 37.56
C ILE B 396 -38.69 -4.78 36.80
N GLU B 397 -39.72 -5.21 37.51
CA GLU B 397 -40.81 -5.97 36.90
C GLU B 397 -41.57 -5.15 35.87
N ARG B 398 -41.91 -3.91 36.24
CA ARG B 398 -42.64 -3.00 35.35
C ARG B 398 -41.80 -2.66 34.12
N LEU B 399 -40.53 -2.34 34.33
CA LEU B 399 -39.63 -2.04 33.22
C LEU B 399 -39.45 -3.28 32.32
N GLN B 400 -39.50 -4.45 32.92
CA GLN B 400 -39.36 -5.70 32.19
C GLN B 400 -40.59 -5.93 31.31
N GLN B 401 -41.76 -5.63 31.85
CA GLN B 401 -43.01 -5.74 31.09
C GLN B 401 -43.05 -4.73 29.95
N LEU B 402 -42.58 -3.51 30.22
CA LEU B 402 -42.57 -2.45 29.23
C LEU B 402 -41.51 -2.70 28.15
N LYS B 403 -40.51 -3.50 28.50
CA LYS B 403 -39.48 -3.92 27.54
C LYS B 403 -39.97 -5.08 26.68
N GLU B 404 -40.67 -6.02 27.30
CA GLU B 404 -41.16 -7.22 26.63
C GLU B 404 -42.30 -6.92 25.65
N PHE B 405 -43.25 -6.09 26.08
CA PHE B 405 -44.39 -5.74 25.25
C PHE B 405 -44.01 -4.69 24.22
N ARG B 406 -42.81 -4.14 24.34
CA ARG B 406 -42.32 -3.07 23.46
C ARG B 406 -43.31 -1.91 23.41
N SER B 407 -43.48 -1.23 24.54
CA SER B 407 -44.40 -0.10 24.63
C SER B 407 -43.87 1.09 23.83
N LYS B 408 -44.75 1.71 23.04
CA LYS B 408 -44.36 2.86 22.24
C LYS B 408 -44.04 4.06 23.12
N GLN B 409 -44.71 4.14 24.27
CA GLN B 409 -44.30 5.05 25.33
C GLN B 409 -44.19 4.26 26.63
N ALA B 410 -42.97 4.08 27.13
CA ALA B 410 -42.81 3.49 28.45
C ALA B 410 -42.95 4.57 29.52
N GLU B 411 -42.43 5.74 29.18
CA GLU B 411 -42.37 6.89 30.08
C GLU B 411 -43.73 7.29 30.66
N GLU B 412 -44.76 7.28 29.83
CA GLU B 412 -46.10 7.62 30.24
C GLU B 412 -46.79 6.48 31.01
N GLU B 413 -46.71 5.28 30.44
CA GLU B 413 -47.49 4.14 30.91
C GLU B 413 -46.85 3.36 32.06
N PHE B 414 -45.71 3.82 32.56
CA PHE B 414 -45.08 3.15 33.69
C PHE B 414 -45.99 3.22 34.91
N SER C 12 4.42 31.26 -22.67
CA SER C 12 5.73 31.57 -22.13
C SER C 12 5.98 30.86 -20.81
N ASP C 13 5.12 29.89 -20.49
CA ASP C 13 5.30 29.07 -19.30
C ASP C 13 6.14 27.84 -19.61
N HIS C 14 7.15 27.57 -18.79
CA HIS C 14 8.07 26.47 -19.04
C HIS C 14 7.41 25.11 -18.87
N ARG C 15 6.29 25.08 -18.16
CA ARG C 15 5.56 23.83 -17.95
C ARG C 15 4.87 23.40 -19.24
N LYS C 16 4.16 24.33 -19.87
CA LYS C 16 3.42 24.03 -21.09
C LYS C 16 4.37 23.84 -22.28
N ILE C 17 5.45 24.63 -22.32
CA ILE C 17 6.49 24.43 -23.32
C ILE C 17 7.15 23.07 -23.10
N GLY C 18 7.32 22.70 -21.83
CA GLY C 18 7.90 21.42 -21.47
C GLY C 18 7.05 20.25 -21.94
N ARG C 19 5.73 20.39 -21.82
CA ARG C 19 4.81 19.38 -22.33
C ARG C 19 4.80 19.32 -23.86
N ASP C 20 4.68 20.49 -24.49
CA ASP C 20 4.56 20.57 -25.95
C ASP C 20 5.75 19.96 -26.69
N GLN C 21 6.96 20.29 -26.26
CA GLN C 21 8.18 19.78 -26.90
C GLN C 21 8.59 18.41 -26.38
N GLU C 22 7.80 17.88 -25.44
CA GLU C 22 8.09 16.60 -24.79
C GLU C 22 9.47 16.61 -24.13
N LEU C 23 9.84 17.73 -23.53
CA LEU C 23 11.08 17.81 -22.79
C LEU C 23 10.94 17.16 -21.41
N TYR C 24 9.88 17.55 -20.70
CA TYR C 24 9.64 17.05 -19.35
C TYR C 24 8.17 17.23 -18.93
N PHE C 25 7.77 16.50 -17.89
CA PHE C 25 6.43 16.68 -17.31
C PHE C 25 6.42 16.37 -15.81
N PHE C 26 5.25 16.51 -15.20
CA PHE C 26 5.12 16.31 -13.76
C PHE C 26 3.95 15.38 -13.45
N HIS C 27 3.99 14.74 -12.29
CA HIS C 27 2.94 13.79 -11.93
C HIS C 27 2.57 13.83 -10.45
N GLU C 28 1.29 13.54 -10.17
CA GLU C 28 0.73 13.54 -8.83
C GLU C 28 1.45 12.60 -7.88
N LEU C 29 2.07 11.57 -8.44
CA LEU C 29 2.66 10.49 -7.66
C LEU C 29 4.04 10.88 -7.09
N SER C 30 4.63 11.93 -7.62
CA SER C 30 5.90 12.45 -7.07
C SER C 30 5.93 13.97 -7.14
N PRO C 31 5.18 14.65 -6.25
CA PRO C 31 5.10 16.11 -6.25
C PRO C 31 6.44 16.77 -5.92
N GLY C 32 6.81 17.79 -6.69
CA GLY C 32 8.05 18.49 -6.45
C GLY C 32 9.24 17.86 -7.16
N SER C 33 8.99 16.79 -7.90
CA SER C 33 10.03 16.14 -8.69
C SER C 33 9.68 16.24 -10.17
N CYS C 34 10.55 15.73 -11.04
CA CYS C 34 10.33 15.90 -12.48
C CYS C 34 10.67 14.67 -13.31
N PHE C 35 9.88 14.46 -14.37
CA PHE C 35 10.14 13.40 -15.33
C PHE C 35 10.73 13.99 -16.61
N PHE C 36 12.00 13.72 -16.87
CA PHE C 36 12.62 14.23 -18.08
C PHE C 36 12.60 13.19 -19.20
N LEU C 37 11.79 13.47 -20.22
CA LEU C 37 11.76 12.67 -21.44
C LEU C 37 13.10 12.86 -22.15
N PRO C 38 13.43 11.96 -23.11
CA PRO C 38 14.76 11.96 -23.74
C PRO C 38 15.30 13.32 -24.20
N LYS C 39 14.44 14.17 -24.74
CA LYS C 39 14.86 15.49 -25.20
C LYS C 39 15.33 16.38 -24.02
N GLY C 40 14.44 16.54 -23.04
CA GLY C 40 14.76 17.30 -21.85
C GLY C 40 15.98 16.75 -21.14
N ALA C 41 16.10 15.42 -21.13
CA ALA C 41 17.26 14.76 -20.56
C ALA C 41 18.53 15.14 -21.30
N TYR C 42 18.44 15.22 -22.63
CA TYR C 42 19.56 15.69 -23.44
C TYR C 42 19.98 17.07 -22.96
N ILE C 43 19.00 17.97 -22.80
CA ILE C 43 19.29 19.31 -22.33
C ILE C 43 20.01 19.29 -20.96
N TYR C 44 19.48 18.48 -20.05
CA TYR C 44 20.06 18.25 -18.73
C TYR C 44 21.55 17.93 -18.80
N ASN C 45 21.85 16.79 -19.42
CA ASN C 45 23.24 16.35 -19.55
C ASN C 45 24.10 17.32 -20.36
N ALA C 46 23.46 18.13 -21.20
CA ALA C 46 24.19 19.15 -21.96
C ALA C 46 24.69 20.25 -21.04
N LEU C 47 23.82 20.71 -20.15
CA LEU C 47 24.20 21.70 -19.14
C LEU C 47 25.32 21.15 -18.25
N ILE C 48 25.09 19.95 -17.72
CA ILE C 48 26.09 19.30 -16.87
C ILE C 48 27.44 19.21 -17.60
N GLU C 49 27.40 18.84 -18.88
CA GLU C 49 28.62 18.71 -19.67
C GLU C 49 29.34 20.05 -19.86
N PHE C 50 28.57 21.11 -20.10
CA PHE C 50 29.12 22.45 -20.23
C PHE C 50 29.92 22.83 -18.97
N ILE C 51 29.23 22.73 -17.83
CA ILE C 51 29.88 23.02 -16.55
C ILE C 51 31.13 22.16 -16.36
N ARG C 52 31.04 20.89 -16.77
CA ARG C 52 32.17 19.96 -16.64
C ARG C 52 33.39 20.39 -17.46
N SER C 53 33.17 20.77 -18.71
CA SER C 53 34.25 21.26 -19.54
C SER C 53 34.92 22.45 -18.87
N GLU C 54 34.11 23.36 -18.35
CA GLU C 54 34.67 24.52 -17.67
C GLU C 54 35.48 24.12 -16.42
N TYR C 55 34.97 23.12 -15.68
CA TYR C 55 35.70 22.53 -14.57
C TYR C 55 37.08 22.05 -15.01
N ARG C 56 37.10 21.33 -16.14
CA ARG C 56 38.34 20.79 -16.71
C ARG C 56 39.33 21.91 -16.98
N LYS C 57 38.84 23.01 -17.54
CA LYS C 57 39.70 24.18 -17.75
C LYS C 57 40.23 24.77 -16.44
N ARG C 58 39.37 24.84 -15.42
CA ARG C 58 39.62 25.67 -14.25
C ARG C 58 40.19 24.96 -13.01
N GLY C 59 40.48 23.67 -13.11
CA GLY C 59 41.09 22.95 -12.00
C GLY C 59 40.12 22.52 -10.91
N PHE C 60 38.92 22.12 -11.32
CA PHE C 60 37.95 21.55 -10.39
C PHE C 60 37.93 20.04 -10.53
N GLN C 61 37.80 19.34 -9.40
CA GLN C 61 37.78 17.88 -9.42
C GLN C 61 36.44 17.33 -8.95
N GLU C 62 35.75 16.62 -9.83
CA GLU C 62 34.42 16.10 -9.52
C GLU C 62 34.50 14.85 -8.66
N VAL C 63 33.58 14.73 -7.70
CA VAL C 63 33.51 13.58 -6.81
C VAL C 63 32.09 13.01 -6.76
N VAL C 64 31.94 11.82 -6.19
CA VAL C 64 30.64 11.20 -6.01
C VAL C 64 30.41 10.87 -4.54
N THR C 65 29.38 11.46 -3.95
CA THR C 65 29.11 11.32 -2.52
C THR C 65 27.76 10.65 -2.25
N PRO C 66 27.62 9.98 -1.09
CA PRO C 66 26.37 9.32 -0.69
C PRO C 66 25.17 10.27 -0.61
N ASN C 67 23.99 9.75 -0.93
CA ASN C 67 22.76 10.53 -0.86
C ASN C 67 22.16 10.58 0.55
N ILE C 68 22.33 9.51 1.32
CA ILE C 68 21.78 9.45 2.67
C ILE C 68 22.89 9.42 3.73
N PHE C 69 22.59 9.99 4.89
CA PHE C 69 23.57 10.02 5.98
C PHE C 69 22.94 9.77 7.33
N ASN C 70 23.75 9.27 8.26
CA ASN C 70 23.36 9.13 9.66
C ASN C 70 23.09 10.50 10.25
N SER C 71 22.20 10.57 11.22
CA SER C 71 21.77 11.85 11.78
C SER C 71 22.84 12.55 12.60
N ARG C 72 23.94 11.85 12.89
CA ARG C 72 25.03 12.46 13.65
C ARG C 72 25.83 13.42 12.77
N LEU C 73 25.79 13.19 11.45
CA LEU C 73 26.44 14.10 10.52
C LEU C 73 25.69 15.42 10.46
N TRP C 74 24.36 15.34 10.38
CA TRP C 74 23.52 16.53 10.37
C TRP C 74 23.53 17.19 11.75
N MET C 75 23.81 16.39 12.77
CA MET C 75 24.08 16.88 14.11
C MET C 75 25.30 17.79 14.09
N THR C 76 26.38 17.27 13.52
CA THR C 76 27.65 17.98 13.46
C THR C 76 27.59 19.25 12.60
N SER C 77 27.06 19.13 11.38
CA SER C 77 27.02 20.26 10.45
C SER C 77 26.07 21.36 10.93
N GLY C 78 25.06 20.98 11.71
CA GLY C 78 24.14 21.95 12.27
C GLY C 78 22.80 21.98 11.55
N HIS C 79 22.58 21.02 10.66
CA HIS C 79 21.33 20.97 9.91
C HIS C 79 20.14 20.57 10.78
N TRP C 80 20.40 19.86 11.90
CA TRP C 80 19.33 19.48 12.81
C TRP C 80 18.85 20.69 13.60
N GLN C 81 19.79 21.40 14.21
CA GLN C 81 19.42 22.62 14.91
C GLN C 81 18.92 23.76 14.02
N HIS C 82 19.04 23.67 12.70
CA HIS C 82 18.47 24.72 11.84
C HIS C 82 17.51 24.22 10.74
N TYR C 83 18.05 23.40 9.86
CA TYR C 83 17.40 23.06 8.60
C TYR C 83 16.47 21.85 8.65
N SER C 84 16.26 21.28 9.84
CA SER C 84 15.53 20.02 9.99
C SER C 84 14.15 19.94 9.33
N GLU C 85 13.44 21.06 9.31
CA GLU C 85 12.08 21.10 8.74
C GLU C 85 12.06 20.81 7.24
N ASN C 86 13.18 21.08 6.58
CA ASN C 86 13.30 20.89 5.13
C ASN C 86 13.87 19.52 4.75
N MET C 87 14.16 18.70 5.75
CA MET C 87 14.84 17.43 5.49
C MET C 87 13.92 16.21 5.59
N PHE C 88 14.02 15.32 4.61
CA PHE C 88 13.33 14.04 4.69
C PHE C 88 14.16 13.10 5.56
N SER C 89 13.58 12.62 6.65
CA SER C 89 14.29 11.71 7.55
C SER C 89 13.51 10.42 7.73
N PHE C 90 14.24 9.33 7.98
CA PHE C 90 13.64 8.02 8.19
C PHE C 90 14.53 7.19 9.10
N GLU C 91 13.96 6.13 9.66
CA GLU C 91 14.71 5.32 10.63
C GLU C 91 15.25 4.04 10.02
N VAL C 92 16.53 3.78 10.25
CA VAL C 92 17.20 2.58 9.77
C VAL C 92 17.87 1.88 10.95
N GLU C 93 17.42 0.66 11.25
CA GLU C 93 17.94 -0.13 12.36
C GLU C 93 18.00 0.68 13.65
N LYS C 94 16.89 1.33 13.98
CA LYS C 94 16.74 2.14 15.19
C LYS C 94 17.72 3.32 15.26
N GLU C 95 18.20 3.78 14.12
CA GLU C 95 18.99 5.02 14.08
C GLU C 95 18.38 6.00 13.08
N LEU C 96 18.53 7.29 13.33
CA LEU C 96 17.98 8.29 12.42
C LEU C 96 18.89 8.51 11.21
N PHE C 97 18.26 8.59 10.03
CA PHE C 97 18.97 8.88 8.79
C PHE C 97 18.21 9.96 8.02
N ALA C 98 18.90 10.60 7.08
CA ALA C 98 18.25 11.62 6.26
C ALA C 98 18.88 11.73 4.86
N LEU C 99 18.07 12.20 3.90
CA LEU C 99 18.55 12.53 2.57
C LEU C 99 19.24 13.88 2.59
N LYS C 100 20.42 13.97 1.97
CA LYS C 100 21.22 15.19 2.00
C LYS C 100 20.54 16.36 1.29
N PRO C 101 20.23 17.43 2.05
CA PRO C 101 19.78 18.70 1.47
C PRO C 101 20.93 19.43 0.80
N MET C 102 22.15 19.14 1.26
CA MET C 102 23.36 19.78 0.74
C MET C 102 24.51 18.77 0.61
N ASN C 103 25.51 19.12 -0.19
CA ASN C 103 26.70 18.28 -0.38
C ASN C 103 27.86 18.60 0.56
N CYS C 104 27.73 19.68 1.33
CA CYS C 104 28.83 20.24 2.11
C CYS C 104 29.46 19.29 3.14
N PRO C 105 28.66 18.68 4.03
CA PRO C 105 29.30 17.84 5.06
C PRO C 105 30.02 16.63 4.49
N GLY C 106 29.52 16.09 3.37
CA GLY C 106 30.16 14.98 2.72
C GLY C 106 31.55 15.36 2.22
N HIS C 107 31.66 16.53 1.62
CA HIS C 107 32.94 17.02 1.13
C HIS C 107 33.86 17.34 2.29
N CYS C 108 33.29 17.78 3.42
CA CYS C 108 34.07 17.98 4.63
C CYS C 108 34.63 16.65 5.12
N LEU C 109 33.86 15.59 4.95
CA LEU C 109 34.33 14.24 5.27
C LEU C 109 35.45 13.83 4.34
N MET C 110 35.32 14.18 3.05
CA MET C 110 36.32 13.82 2.07
C MET C 110 37.63 14.58 2.29
N PHE C 111 37.54 15.79 2.83
CA PHE C 111 38.73 16.57 3.14
C PHE C 111 39.51 15.93 4.28
N ASP C 112 38.79 15.41 5.26
CA ASP C 112 39.40 14.86 6.46
C ASP C 112 39.81 13.39 6.28
N HIS C 113 39.58 12.85 5.09
CA HIS C 113 39.91 11.45 4.79
C HIS C 113 41.37 11.14 5.11
N ARG C 114 42.28 12.01 4.68
CA ARG C 114 43.70 11.87 4.99
C ARG C 114 44.30 13.24 5.28
N PRO C 115 45.46 13.27 5.97
CA PRO C 115 46.18 14.54 6.16
C PRO C 115 46.48 15.24 4.84
N ARG C 116 46.47 16.56 4.84
CA ARG C 116 46.70 17.34 3.62
C ARG C 116 47.65 18.50 3.89
N SER C 117 48.56 18.75 2.95
CA SER C 117 49.50 19.85 3.09
C SER C 117 48.98 21.12 2.42
N TRP C 118 49.78 22.18 2.51
CA TRP C 118 49.46 23.45 1.88
C TRP C 118 49.55 23.34 0.36
N ARG C 119 50.40 22.42 -0.10
CA ARG C 119 50.68 22.25 -1.52
C ARG C 119 49.45 21.82 -2.32
N GLU C 120 48.47 21.24 -1.64
CA GLU C 120 47.26 20.75 -2.31
C GLU C 120 46.19 21.84 -2.42
N LEU C 121 46.39 22.93 -1.69
CA LEU C 121 45.43 24.03 -1.69
C LEU C 121 45.75 25.05 -2.79
N PRO C 122 44.71 25.65 -3.39
CA PRO C 122 43.28 25.37 -3.17
C PRO C 122 42.82 24.03 -3.74
N LEU C 123 42.03 23.30 -2.94
CA LEU C 123 41.47 22.03 -3.38
C LEU C 123 39.98 22.20 -3.67
N ARG C 124 39.60 22.09 -4.93
CA ARG C 124 38.22 22.38 -5.35
C ARG C 124 37.46 21.10 -5.68
N LEU C 125 36.50 20.74 -4.82
CA LEU C 125 35.73 19.52 -5.02
C LEU C 125 34.35 19.83 -5.59
N ALA C 126 33.97 19.13 -6.66
CA ALA C 126 32.70 19.39 -7.33
C ALA C 126 31.74 18.20 -7.24
N ASP C 127 30.47 18.50 -7.05
CA ASP C 127 29.43 17.49 -6.96
C ASP C 127 28.16 17.91 -7.71
N PHE C 128 27.65 16.99 -8.52
CA PHE C 128 26.37 17.11 -9.19
C PHE C 128 25.26 16.35 -8.47
N GLY C 129 25.59 15.80 -7.30
CA GLY C 129 24.72 14.87 -6.59
C GLY C 129 23.30 15.33 -6.33
N VAL C 130 22.40 14.35 -6.21
CA VAL C 130 20.98 14.63 -6.07
C VAL C 130 20.63 15.12 -4.67
N LEU C 131 19.94 16.26 -4.60
CA LEU C 131 19.54 16.86 -3.33
C LEU C 131 18.03 16.86 -3.15
N HIS C 132 17.59 16.56 -1.94
CA HIS C 132 16.17 16.58 -1.60
C HIS C 132 15.88 17.52 -0.43
N ARG C 133 14.94 18.45 -0.64
CA ARG C 133 14.48 19.34 0.41
C ARG C 133 12.96 19.26 0.48
N ASN C 134 12.39 19.44 1.67
CA ASN C 134 10.96 19.23 1.81
C ASN C 134 10.19 20.54 1.79
N GLU C 135 9.53 20.79 0.66
CA GLU C 135 8.77 22.02 0.48
C GLU C 135 7.30 21.73 0.67
N LEU C 136 6.58 22.67 1.28
CA LEU C 136 5.14 22.50 1.43
C LEU C 136 4.49 22.49 0.06
N SER C 137 3.61 21.52 -0.17
CA SER C 137 3.03 21.25 -1.48
C SER C 137 2.37 22.46 -2.13
N GLY C 138 1.84 23.35 -1.31
CA GLY C 138 1.19 24.56 -1.80
C GLY C 138 2.19 25.52 -2.44
N ALA C 139 3.46 25.37 -2.07
CA ALA C 139 4.51 26.23 -2.62
C ALA C 139 5.14 25.63 -3.88
N LEU C 140 4.78 24.38 -4.19
CA LEU C 140 5.40 23.67 -5.29
C LEU C 140 4.87 24.13 -6.65
N THR C 141 5.76 24.63 -7.49
CA THR C 141 5.42 24.97 -8.87
C THR C 141 6.56 24.62 -9.85
N GLY C 142 6.23 23.81 -10.85
CA GLY C 142 7.14 23.49 -11.93
C GLY C 142 8.52 23.05 -11.52
N LEU C 143 9.52 23.53 -12.25
CA LEU C 143 10.92 23.26 -11.93
C LEU C 143 11.55 24.36 -11.08
N THR C 144 10.80 25.44 -10.87
CA THR C 144 11.31 26.60 -10.13
C THR C 144 11.44 26.32 -8.64
N ARG C 145 10.36 25.83 -8.03
CA ARG C 145 10.43 25.38 -6.64
C ARG C 145 10.14 23.89 -6.55
N VAL C 146 11.17 23.12 -6.21
CA VAL C 146 11.12 21.67 -6.28
C VAL C 146 11.63 21.00 -5.01
N ARG C 147 11.21 19.76 -4.79
CA ARG C 147 11.73 18.96 -3.69
C ARG C 147 13.07 18.30 -4.07
N ARG C 148 13.19 17.88 -5.32
CA ARG C 148 14.40 17.22 -5.79
C ARG C 148 15.11 18.03 -6.86
N PHE C 149 16.42 18.24 -6.69
CA PHE C 149 17.19 18.95 -7.70
C PHE C 149 18.66 18.54 -7.68
N GLN C 150 19.32 18.64 -8.83
CA GLN C 150 20.77 18.47 -8.88
C GLN C 150 21.42 19.84 -9.04
N GLN C 151 22.34 20.13 -8.14
CA GLN C 151 22.98 21.44 -8.09
C GLN C 151 24.35 21.32 -8.74
N ASP C 152 24.81 22.37 -9.40
CA ASP C 152 26.20 22.33 -9.81
C ASP C 152 26.92 22.90 -8.60
N ASP C 153 27.58 22.03 -7.86
CA ASP C 153 28.02 22.42 -6.53
C ASP C 153 29.52 22.28 -6.46
N ALA C 154 30.18 23.24 -5.82
CA ALA C 154 31.59 23.05 -5.55
C ALA C 154 31.99 23.68 -4.24
N HIS C 155 32.88 23.02 -3.52
CA HIS C 155 33.47 23.60 -2.34
C HIS C 155 34.96 23.79 -2.57
N ILE C 156 35.39 25.03 -2.44
CA ILE C 156 36.80 25.36 -2.51
C ILE C 156 37.38 25.30 -1.10
N PHE C 157 38.42 24.52 -0.91
CA PHE C 157 39.14 24.53 0.36
C PHE C 157 40.42 25.30 0.15
N CYS C 158 40.58 26.42 0.85
CA CYS C 158 41.78 27.23 0.61
C CYS C 158 42.37 27.87 1.85
N ALA C 159 43.64 28.28 1.75
CA ALA C 159 44.27 29.08 2.79
C ALA C 159 43.72 30.50 2.73
N MET C 160 43.85 31.24 3.84
CA MET C 160 43.20 32.55 3.96
C MET C 160 43.62 33.56 2.89
N GLU C 161 44.91 33.61 2.59
CA GLU C 161 45.42 34.53 1.57
C GLU C 161 44.89 34.17 0.18
N GLN C 162 44.99 32.89 -0.16
CA GLN C 162 44.59 32.39 -1.47
C GLN C 162 43.19 32.83 -1.84
N ILE C 163 42.37 33.08 -0.82
CA ILE C 163 40.98 33.49 -0.99
C ILE C 163 40.87 34.57 -2.05
N GLU C 164 41.70 35.61 -1.94
CA GLU C 164 41.58 36.73 -2.88
C GLU C 164 41.60 36.20 -4.30
N ASP C 165 42.70 35.50 -4.62
CA ASP C 165 42.89 34.98 -5.97
C ASP C 165 41.70 34.12 -6.36
N GLU C 166 41.28 33.24 -5.45
CA GLU C 166 40.20 32.31 -5.75
C GLU C 166 38.96 33.06 -6.17
N ILE C 167 38.63 34.14 -5.46
CA ILE C 167 37.41 34.86 -5.74
C ILE C 167 37.46 35.41 -7.17
N LYS C 168 38.64 35.91 -7.55
CA LYS C 168 38.86 36.39 -8.90
C LYS C 168 38.46 35.28 -9.86
N GLY C 169 39.03 34.10 -9.66
CA GLY C 169 38.71 32.94 -10.47
C GLY C 169 37.22 32.71 -10.50
N CYS C 170 36.59 32.72 -9.32
CA CYS C 170 35.14 32.51 -9.24
C CYS C 170 34.42 33.47 -10.17
N LEU C 171 34.75 34.75 -10.04
CA LEU C 171 34.11 35.77 -10.85
C LEU C 171 34.30 35.44 -12.32
N ASP C 172 35.52 35.09 -12.69
CA ASP C 172 35.84 34.74 -14.07
C ASP C 172 34.86 33.67 -14.54
N PHE C 173 34.72 32.62 -13.74
CA PHE C 173 33.86 31.49 -14.07
C PHE C 173 32.52 32.06 -14.48
N LEU C 174 31.94 32.85 -13.57
CA LEU C 174 30.61 33.40 -13.75
C LEU C 174 30.52 34.03 -15.12
N ARG C 175 31.41 34.98 -15.38
CA ARG C 175 31.36 35.78 -16.59
C ARG C 175 31.26 34.82 -17.76
N THR C 176 32.22 33.90 -17.81
CA THR C 176 32.34 33.00 -18.93
C THR C 176 31.00 32.32 -19.17
N VAL C 177 30.47 31.68 -18.13
CA VAL C 177 29.25 30.89 -18.27
C VAL C 177 28.15 31.78 -18.82
N TYR C 178 27.98 32.94 -18.22
CA TYR C 178 26.84 33.77 -18.57
C TYR C 178 27.10 34.43 -19.91
N SER C 179 28.38 34.63 -20.23
CA SER C 179 28.74 35.17 -21.53
C SER C 179 28.35 34.20 -22.63
N VAL C 180 28.19 32.92 -22.27
CA VAL C 180 27.72 31.92 -23.21
C VAL C 180 26.20 32.04 -23.37
N PHE C 181 25.51 32.29 -22.25
CA PHE C 181 24.06 32.41 -22.28
C PHE C 181 23.63 33.79 -22.78
N GLY C 182 24.43 34.81 -22.46
CA GLY C 182 24.13 36.17 -22.85
C GLY C 182 23.42 36.95 -21.76
N PHE C 183 23.49 36.42 -20.54
CA PHE C 183 22.83 37.07 -19.41
C PHE C 183 23.71 38.16 -18.80
N SER C 184 23.08 39.27 -18.40
CA SER C 184 23.81 40.25 -17.59
C SER C 184 23.87 39.73 -16.16
N PHE C 185 24.81 40.23 -15.37
CA PHE C 185 24.77 39.92 -13.94
C PHE C 185 25.19 41.12 -13.10
N LYS C 186 24.65 41.20 -11.89
CA LYS C 186 24.99 42.29 -10.99
C LYS C 186 25.34 41.73 -9.62
N LEU C 187 26.25 42.42 -8.93
CA LEU C 187 26.95 41.84 -7.79
C LEU C 187 26.56 42.47 -6.46
N ASN C 188 26.71 41.74 -5.37
CA ASN C 188 26.49 42.26 -4.06
C ASN C 188 27.54 41.70 -3.16
N LEU C 189 27.97 42.48 -2.21
CA LEU C 189 28.79 42.01 -1.10
C LEU C 189 28.03 42.16 0.20
N SER C 190 27.65 41.02 0.78
CA SER C 190 27.01 40.99 2.08
C SER C 190 28.05 40.65 3.14
N THR C 191 28.17 41.52 4.14
CA THR C 191 29.23 41.43 5.13
C THR C 191 28.69 41.05 6.51
N ARG C 192 29.58 41.04 7.50
CA ARG C 192 29.27 40.54 8.84
C ARG C 192 28.03 41.17 9.48
N PRO C 193 27.08 40.32 9.91
CA PRO C 193 25.84 40.73 10.57
C PRO C 193 26.04 41.03 12.05
N GLU C 194 24.98 41.44 12.73
CA GLU C 194 25.03 41.72 14.16
C GLU C 194 25.27 40.45 14.95
N LYS C 195 24.57 39.39 14.57
CA LYS C 195 24.79 38.07 15.18
C LYS C 195 25.63 37.22 14.26
N PHE C 196 26.89 36.99 14.65
CA PHE C 196 27.79 36.17 13.86
C PHE C 196 28.58 35.21 14.73
N LEU C 197 29.39 34.38 14.09
CA LEU C 197 30.23 33.46 14.80
C LEU C 197 31.60 33.42 14.22
N GLY C 198 32.60 33.69 15.03
CA GLY C 198 33.98 33.54 14.62
C GLY C 198 34.88 34.61 15.21
N ASP C 199 36.18 34.51 14.92
CA ASP C 199 37.11 35.58 15.26
C ASP C 199 36.93 36.72 14.27
N ILE C 200 36.73 37.94 14.79
CA ILE C 200 36.46 39.10 13.96
C ILE C 200 37.64 39.43 13.05
N GLU C 201 38.84 39.04 13.46
CA GLU C 201 40.04 39.26 12.66
C GLU C 201 39.96 38.47 11.35
N VAL C 202 39.52 37.22 11.46
CA VAL C 202 39.30 36.34 10.31
C VAL C 202 38.29 36.93 9.33
N TRP C 203 37.12 37.29 9.88
CA TRP C 203 36.08 38.00 9.14
C TRP C 203 36.69 39.17 8.37
N ASP C 204 37.26 40.11 9.11
CA ASP C 204 37.87 41.32 8.56
C ASP C 204 38.84 41.05 7.40
N GLN C 205 39.79 40.14 7.59
CA GLN C 205 40.76 39.87 6.53
C GLN C 205 40.05 39.29 5.29
N ALA C 206 39.15 38.33 5.54
CA ALA C 206 38.39 37.72 4.45
C ALA C 206 37.63 38.76 3.62
N GLU C 207 36.85 39.60 4.31
CA GLU C 207 36.08 40.66 3.66
C GLU C 207 36.97 41.65 2.92
N LYS C 208 38.14 41.93 3.50
CA LYS C 208 39.15 42.75 2.85
C LYS C 208 39.50 42.16 1.48
N GLN C 209 39.83 40.88 1.46
CA GLN C 209 40.18 40.20 0.21
C GLN C 209 39.02 40.19 -0.78
N LEU C 210 37.81 39.94 -0.28
CA LEU C 210 36.61 39.97 -1.11
C LEU C 210 36.44 41.31 -1.82
N GLU C 211 36.49 42.39 -1.06
CA GLU C 211 36.38 43.72 -1.62
C GLU C 211 37.48 43.98 -2.66
N ASN C 212 38.71 43.57 -2.31
CA ASN C 212 39.84 43.72 -3.22
C ASN C 212 39.62 43.04 -4.57
N SER C 213 39.29 41.75 -4.56
CA SER C 213 39.07 41.00 -5.80
C SER C 213 37.86 41.54 -6.57
N LEU C 214 36.85 42.00 -5.83
CA LEU C 214 35.67 42.62 -6.44
C LEU C 214 36.06 43.84 -7.26
N ASN C 215 36.80 44.75 -6.64
CA ASN C 215 37.27 45.95 -7.35
C ASN C 215 38.23 45.60 -8.49
N GLU C 216 39.03 44.56 -8.27
CA GLU C 216 39.95 44.08 -9.30
C GLU C 216 39.21 43.60 -10.54
N PHE C 217 38.06 42.96 -10.33
CA PHE C 217 37.28 42.37 -11.42
C PHE C 217 36.85 43.41 -12.47
N GLY C 218 36.73 44.66 -12.04
CA GLY C 218 36.40 45.74 -12.94
C GLY C 218 34.91 45.91 -13.17
N GLU C 219 34.12 45.08 -12.49
CA GLU C 219 32.68 45.10 -12.65
C GLU C 219 32.04 45.93 -11.54
N LYS C 220 31.04 46.74 -11.90
CA LYS C 220 30.34 47.56 -10.92
C LYS C 220 29.61 46.67 -9.91
N TRP C 221 29.90 46.86 -8.63
CA TRP C 221 29.26 46.07 -7.58
C TRP C 221 28.70 46.96 -6.49
N GLU C 222 27.86 46.39 -5.66
CA GLU C 222 27.13 47.13 -4.65
C GLU C 222 27.36 46.49 -3.31
N LEU C 223 27.19 47.21 -2.22
CA LEU C 223 27.53 46.69 -0.92
C LEU C 223 26.38 46.69 0.01
N ASN C 224 25.76 45.54 0.18
CA ASN C 224 24.73 45.42 1.18
C ASN C 224 25.45 45.06 2.42
N SER C 225 25.45 45.96 3.37
CA SER C 225 26.28 45.77 4.56
C SER C 225 25.53 45.17 5.74
N GLY C 226 26.09 44.12 6.32
CA GLY C 226 25.54 43.50 7.51
C GLY C 226 24.52 42.41 7.22
N ASP C 227 24.30 42.13 5.94
CA ASP C 227 23.31 41.13 5.54
C ASP C 227 23.92 39.74 5.29
N GLY C 228 25.22 39.61 5.53
CA GLY C 228 25.89 38.33 5.37
C GLY C 228 25.40 37.28 6.33
N ALA C 229 25.71 36.02 6.05
CA ALA C 229 25.30 34.91 6.92
C ALA C 229 26.15 34.88 8.19
N PHE C 230 25.62 34.27 9.24
CA PHE C 230 26.31 34.26 10.53
C PHE C 230 27.60 33.44 10.48
N TYR C 231 27.68 32.52 9.51
CA TYR C 231 28.85 31.66 9.37
C TYR C 231 29.86 32.18 8.34
N GLY C 232 29.53 33.29 7.68
CA GLY C 232 30.46 33.91 6.74
C GLY C 232 29.88 35.00 5.86
N PRO C 233 30.78 35.81 5.25
CA PRO C 233 30.42 36.84 4.28
C PRO C 233 30.09 36.22 2.93
N LYS C 234 29.36 36.92 2.07
CA LYS C 234 28.97 36.32 0.79
C LYS C 234 28.92 37.31 -0.36
N ILE C 235 29.18 36.80 -1.56
CA ILE C 235 28.95 37.54 -2.78
C ILE C 235 27.75 36.92 -3.51
N ASP C 236 26.72 37.75 -3.65
CA ASP C 236 25.48 37.38 -4.33
C ASP C 236 25.51 37.83 -5.77
N ILE C 237 25.01 36.97 -6.67
CA ILE C 237 25.00 37.26 -8.10
C ILE C 237 23.56 37.25 -8.61
N GLN C 238 23.18 38.27 -9.37
CA GLN C 238 21.84 38.30 -9.95
C GLN C 238 21.89 38.39 -11.46
N ILE C 239 21.37 37.37 -12.14
CA ILE C 239 21.37 37.35 -13.60
C ILE C 239 20.13 38.02 -14.17
N LYS C 240 20.28 38.74 -15.29
CA LYS C 240 19.12 39.17 -16.04
C LYS C 240 19.14 38.60 -17.45
N ASP C 241 17.98 38.05 -17.82
CA ASP C 241 17.72 37.38 -19.09
C ASP C 241 17.14 38.32 -20.14
N ALA C 242 16.63 37.74 -21.23
CA ALA C 242 16.09 38.53 -22.34
C ALA C 242 14.61 38.88 -22.16
N ILE C 243 13.97 38.39 -21.11
CA ILE C 243 12.59 38.76 -20.82
C ILE C 243 12.59 39.93 -19.82
N GLY C 244 13.77 40.29 -19.34
CA GLY C 244 13.91 41.35 -18.37
C GLY C 244 13.63 40.91 -16.95
N ARG C 245 13.91 39.64 -16.66
CA ARG C 245 13.71 39.10 -15.32
C ARG C 245 15.04 38.89 -14.60
N TYR C 246 15.06 39.13 -13.29
CA TYR C 246 16.22 38.85 -12.49
C TYR C 246 16.09 37.51 -11.78
N HIS C 247 17.19 36.76 -11.72
CA HIS C 247 17.20 35.47 -11.04
C HIS C 247 18.40 35.36 -10.13
N GLN C 248 18.18 34.73 -8.97
CA GLN C 248 19.25 34.42 -8.03
C GLN C 248 19.62 32.96 -8.21
N CYS C 249 20.79 32.73 -8.80
CA CYS C 249 21.24 31.39 -9.14
C CYS C 249 22.63 31.17 -8.60
N ALA C 250 23.58 31.92 -9.13
CA ALA C 250 24.97 31.84 -8.69
C ALA C 250 25.13 32.33 -7.25
N THR C 251 26.01 31.69 -6.51
CA THR C 251 26.33 32.12 -5.15
C THR C 251 27.80 31.85 -4.83
N ILE C 252 28.40 32.81 -4.13
CA ILE C 252 29.74 32.62 -3.56
C ILE C 252 29.66 32.85 -2.05
N GLN C 253 29.90 31.82 -1.27
CA GLN C 253 29.67 31.88 0.18
C GLN C 253 30.88 31.43 1.00
N LEU C 254 31.45 32.33 1.77
CA LEU C 254 32.56 31.96 2.67
C LEU C 254 32.02 31.29 3.93
N ASP C 255 32.74 30.27 4.38
CA ASP C 255 32.39 29.53 5.60
C ASP C 255 33.63 29.28 6.45
N PHE C 256 33.63 29.89 7.64
CA PHE C 256 34.59 29.60 8.69
C PHE C 256 34.10 28.61 9.75
N GLN C 257 32.79 28.35 9.79
CA GLN C 257 32.22 27.47 10.79
C GLN C 257 32.44 26.01 10.51
N LEU C 258 32.10 25.64 9.30
CA LEU C 258 32.16 24.25 8.86
C LEU C 258 33.51 23.57 9.12
N PRO C 259 34.64 24.27 8.84
CA PRO C 259 35.91 23.60 9.15
C PRO C 259 36.10 23.38 10.65
N ILE C 260 35.50 24.23 11.47
CA ILE C 260 35.59 24.10 12.92
C ILE C 260 34.77 22.91 13.41
N ARG C 261 33.51 22.84 12.98
CA ARG C 261 32.62 21.77 13.43
C ARG C 261 33.12 20.39 12.99
N PHE C 262 33.76 20.33 11.83
CA PHE C 262 34.34 19.08 11.36
C PHE C 262 35.83 18.96 11.68
N ASN C 263 36.37 19.98 12.36
CA ASN C 263 37.76 19.97 12.83
C ASN C 263 38.76 19.73 11.69
N LEU C 264 38.65 20.55 10.64
CA LEU C 264 39.52 20.40 9.48
C LEU C 264 40.85 21.15 9.68
N THR C 265 41.95 20.49 9.32
CA THR C 265 43.27 21.10 9.44
C THR C 265 44.13 20.81 8.22
N TYR C 266 45.16 21.62 8.00
CA TYR C 266 46.14 21.35 6.95
C TYR C 266 47.54 21.71 7.43
N VAL C 267 48.55 21.09 6.81
CA VAL C 267 49.93 21.33 7.17
C VAL C 267 50.46 22.50 6.34
N SER C 268 50.79 23.60 7.02
CA SER C 268 51.25 24.79 6.31
C SER C 268 52.75 24.66 6.00
N HIS C 269 53.30 25.65 5.29
CA HIS C 269 54.68 25.56 4.83
C HIS C 269 55.67 25.85 5.95
N ASP C 270 55.25 26.66 6.91
CA ASP C 270 56.08 26.96 8.07
C ASP C 270 56.11 25.79 9.06
N GLY C 271 55.30 24.78 8.80
CA GLY C 271 55.32 23.56 9.59
C GLY C 271 54.16 23.41 10.56
N ASP C 272 53.32 24.44 10.66
CA ASP C 272 52.17 24.39 11.56
C ASP C 272 51.00 23.64 10.93
N ASP C 273 50.56 22.56 11.58
CA ASP C 273 49.49 21.71 11.06
C ASP C 273 48.11 22.05 11.63
N LYS C 274 48.04 23.05 12.50
CA LYS C 274 46.80 23.34 13.22
C LYS C 274 45.93 24.40 12.54
N LYS C 275 46.39 24.91 11.41
CA LYS C 275 45.69 25.99 10.72
C LYS C 275 44.43 25.47 10.01
N ARG C 276 43.33 26.22 10.13
CA ARG C 276 42.07 25.83 9.53
C ARG C 276 41.89 26.37 8.11
N PRO C 277 41.35 25.55 7.20
CA PRO C 277 41.04 25.99 5.84
C PRO C 277 39.74 26.80 5.80
N VAL C 278 39.63 27.70 4.82
CA VAL C 278 38.39 28.40 4.56
C VAL C 278 37.60 27.63 3.51
N ILE C 279 36.29 27.52 3.70
CA ILE C 279 35.45 26.80 2.72
C ILE C 279 34.61 27.76 1.89
N VAL C 280 34.73 27.68 0.57
CA VAL C 280 33.92 28.50 -0.31
C VAL C 280 32.86 27.66 -0.99
N HIS C 281 31.60 27.86 -0.59
CA HIS C 281 30.48 27.22 -1.26
C HIS C 281 30.21 28.02 -2.52
N ARG C 282 30.33 27.37 -3.68
CA ARG C 282 30.12 28.07 -4.93
C ARG C 282 29.17 27.31 -5.83
N ALA C 283 28.23 28.04 -6.41
CA ALA C 283 27.34 27.51 -7.44
C ALA C 283 27.13 28.58 -8.50
N ILE C 284 26.80 28.17 -9.71
CA ILE C 284 26.61 29.11 -10.80
C ILE C 284 25.24 28.95 -11.45
N LEU C 285 25.00 27.78 -12.04
CA LEU C 285 23.70 27.46 -12.60
C LEU C 285 22.61 27.43 -11.53
N GLY C 286 23.02 27.40 -10.26
CA GLY C 286 22.09 27.09 -9.19
C GLY C 286 21.77 25.62 -9.31
N SER C 287 20.49 25.28 -9.39
CA SER C 287 20.10 23.90 -9.68
C SER C 287 19.87 23.74 -11.18
N VAL C 288 20.24 22.57 -11.71
CA VAL C 288 20.04 22.27 -13.13
C VAL C 288 18.57 22.44 -13.52
N GLU C 289 17.67 22.01 -12.63
CA GLU C 289 16.23 22.21 -12.82
C GLU C 289 15.84 23.67 -13.02
N ARG C 290 16.10 24.49 -12.00
CA ARG C 290 15.82 25.91 -12.04
C ARG C 290 16.35 26.55 -13.32
N MET C 291 17.59 26.19 -13.69
CA MET C 291 18.22 26.75 -14.88
C MET C 291 17.52 26.29 -16.14
N ILE C 292 17.03 25.05 -16.16
CA ILE C 292 16.27 24.54 -17.29
C ILE C 292 14.98 25.34 -17.47
N ALA C 293 14.29 25.59 -16.36
CA ALA C 293 13.08 26.42 -16.41
C ALA C 293 13.37 27.82 -16.94
N ILE C 294 14.37 28.47 -16.33
CA ILE C 294 14.80 29.80 -16.73
C ILE C 294 15.11 29.88 -18.23
N LEU C 295 15.94 28.95 -18.70
CA LEU C 295 16.34 28.90 -20.10
C LEU C 295 15.16 28.62 -21.02
N THR C 296 14.25 27.76 -20.59
CA THR C 296 13.06 27.43 -21.36
C THR C 296 12.21 28.67 -21.60
N GLU C 297 11.90 29.40 -20.53
CA GLU C 297 11.09 30.60 -20.66
C GLU C 297 11.83 31.71 -21.41
N ASN C 298 13.13 31.82 -21.15
CA ASN C 298 13.97 32.83 -21.80
C ASN C 298 14.06 32.65 -23.31
N TYR C 299 14.14 31.40 -23.75
CA TYR C 299 14.25 31.09 -25.17
C TYR C 299 12.89 30.90 -25.83
N GLY C 300 11.85 30.81 -25.02
CA GLY C 300 10.51 30.56 -25.53
C GLY C 300 10.40 29.17 -26.14
N GLY C 301 11.31 28.29 -25.75
CA GLY C 301 11.34 26.95 -26.30
C GLY C 301 12.19 26.86 -27.56
N LYS C 302 12.68 27.99 -28.03
CA LYS C 302 13.54 28.02 -29.20
C LYS C 302 14.99 27.97 -28.73
N TRP C 303 15.63 26.82 -28.89
CA TRP C 303 16.92 26.58 -28.26
C TRP C 303 18.10 26.94 -29.15
N PRO C 304 19.22 27.36 -28.55
CA PRO C 304 20.46 27.49 -29.30
C PRO C 304 20.88 26.11 -29.82
N PHE C 305 21.66 26.06 -30.89
CA PHE C 305 22.00 24.80 -31.54
C PHE C 305 22.64 23.77 -30.61
N TRP C 306 23.44 24.23 -29.66
CA TRP C 306 24.18 23.33 -28.78
C TRP C 306 23.32 22.75 -27.66
N LEU C 307 22.30 23.50 -27.25
CA LEU C 307 21.40 23.05 -26.18
C LEU C 307 20.18 22.29 -26.71
N SER C 308 20.02 22.31 -28.03
CA SER C 308 18.78 21.83 -28.65
C SER C 308 18.73 20.32 -28.81
N PRO C 309 17.67 19.70 -28.26
CA PRO C 309 17.38 18.27 -28.43
C PRO C 309 16.94 17.96 -29.86
N ARG C 310 16.44 18.97 -30.56
CA ARG C 310 16.18 18.86 -31.99
C ARG C 310 17.13 19.77 -32.76
N GLN C 311 18.09 19.16 -33.45
CA GLN C 311 19.12 19.91 -34.15
C GLN C 311 18.93 19.83 -35.66
N VAL C 312 19.02 18.62 -36.20
CA VAL C 312 18.86 18.41 -37.64
C VAL C 312 17.61 17.61 -37.96
N MET C 313 16.78 18.15 -38.87
CA MET C 313 15.63 17.41 -39.39
C MET C 313 15.83 17.13 -40.87
N VAL C 314 15.95 15.87 -41.25
CA VAL C 314 16.20 15.57 -42.63
C VAL C 314 14.94 15.23 -43.38
N VAL C 315 14.69 15.93 -44.47
CA VAL C 315 13.49 15.72 -45.24
C VAL C 315 13.77 15.32 -46.65
N PRO C 316 13.17 14.12 -47.04
CA PRO C 316 13.37 13.80 -48.45
C PRO C 316 12.21 14.31 -49.24
N VAL C 317 12.44 14.51 -50.51
CA VAL C 317 11.44 15.09 -51.37
C VAL C 317 10.50 14.04 -51.90
N GLY C 318 11.03 12.89 -52.21
CA GLY C 318 10.21 11.82 -52.72
C GLY C 318 10.75 10.51 -52.23
N PRO C 319 9.77 9.53 -52.06
CA PRO C 319 10.28 8.22 -51.60
C PRO C 319 11.53 7.74 -52.26
N THR C 320 11.69 8.01 -53.54
CA THR C 320 12.86 7.54 -54.24
C THR C 320 14.08 7.98 -53.51
N CYS C 321 13.94 8.96 -52.65
CA CYS C 321 15.06 9.53 -51.93
C CYS C 321 15.03 9.19 -50.47
N ASP C 322 13.96 8.59 -50.01
CA ASP C 322 13.77 8.22 -48.61
C ASP C 322 15.02 7.58 -48.12
N GLU C 323 15.58 6.85 -49.03
CA GLU C 323 16.80 6.06 -48.79
C GLU C 323 18.04 6.96 -48.64
N TYR C 324 18.26 7.84 -49.60
CA TYR C 324 19.44 8.70 -49.50
C TYR C 324 19.40 9.57 -48.23
N ALA C 325 18.19 9.97 -47.82
CA ALA C 325 18.02 10.72 -46.58
C ALA C 325 18.35 9.87 -45.37
N GLN C 326 18.07 8.57 -45.45
CA GLN C 326 18.47 7.65 -44.41
C GLN C 326 19.98 7.74 -44.25
N LYS C 327 20.72 7.73 -45.33
CA LYS C 327 22.15 7.89 -45.25
C LYS C 327 22.49 9.18 -44.57
N VAL C 328 22.02 10.27 -45.12
CA VAL C 328 22.34 11.58 -44.54
C VAL C 328 22.13 11.64 -43.02
N ARG C 329 20.91 11.29 -42.61
CA ARG C 329 20.54 11.24 -41.19
C ARG C 329 21.52 10.41 -40.38
N GLN C 330 21.93 9.27 -40.92
CA GLN C 330 22.90 8.43 -40.22
C GLN C 330 24.24 9.12 -40.08
N GLN C 331 24.70 9.76 -41.17
CA GLN C 331 25.99 10.44 -41.13
C GLN C 331 26.02 11.58 -40.13
N PHE C 332 24.90 12.29 -39.98
CA PHE C 332 24.82 13.35 -38.98
C PHE C 332 24.66 12.79 -37.56
N HIS C 333 24.02 11.63 -37.45
CA HIS C 333 23.84 10.98 -36.16
C HIS C 333 25.16 10.54 -35.55
N ASP C 334 26.09 10.11 -36.39
CA ASP C 334 27.38 9.60 -35.92
C ASP C 334 28.37 10.76 -35.70
N ALA C 335 27.92 11.96 -36.00
CA ALA C 335 28.67 13.18 -35.70
C ALA C 335 28.26 13.67 -34.32
N LYS C 336 27.48 12.84 -33.64
CA LYS C 336 26.95 13.10 -32.30
C LYS C 336 25.93 14.23 -32.29
N PHE C 337 25.33 14.48 -33.45
CA PHE C 337 24.19 15.40 -33.54
C PHE C 337 22.88 14.72 -33.17
N MET C 338 21.90 15.51 -32.74
CA MET C 338 20.56 15.00 -32.56
C MET C 338 19.83 15.22 -33.88
N ALA C 339 19.56 14.12 -34.57
CA ALA C 339 19.05 14.21 -35.93
C ALA C 339 17.90 13.24 -36.17
N ASP C 340 16.79 13.76 -36.66
CA ASP C 340 15.64 12.93 -37.00
C ASP C 340 15.33 13.05 -38.48
N ILE C 341 14.28 12.36 -38.91
CA ILE C 341 13.95 12.30 -40.33
C ILE C 341 12.43 12.18 -40.50
N ASP C 342 11.89 12.78 -41.56
CA ASP C 342 10.45 12.62 -41.82
C ASP C 342 10.22 11.83 -43.10
N LEU C 343 9.80 10.57 -42.95
CA LEU C 343 9.62 9.69 -44.10
C LEU C 343 8.18 9.53 -44.57
N ASP C 344 7.25 10.22 -43.92
CA ASP C 344 5.83 10.07 -44.24
C ASP C 344 5.54 10.43 -45.69
N PRO C 345 5.07 9.44 -46.48
CA PRO C 345 4.67 9.70 -47.87
C PRO C 345 3.39 10.51 -47.96
N GLY C 346 2.62 10.53 -46.86
CA GLY C 346 1.34 11.19 -46.83
C GLY C 346 1.41 12.65 -46.42
N CYS C 347 2.60 13.24 -46.49
CA CYS C 347 2.78 14.65 -46.17
C CYS C 347 3.48 15.40 -47.29
N THR C 348 3.07 16.64 -47.52
CA THR C 348 3.72 17.50 -48.50
C THR C 348 5.08 17.94 -47.96
N LEU C 349 6.02 18.19 -48.87
CA LEU C 349 7.35 18.68 -48.50
C LEU C 349 7.25 19.93 -47.63
N ASN C 350 6.47 20.90 -48.11
CA ASN C 350 6.23 22.14 -47.38
C ASN C 350 5.61 21.90 -46.00
N LYS C 351 4.67 20.96 -45.94
CA LYS C 351 4.06 20.54 -44.69
C LYS C 351 5.13 20.11 -43.69
N LYS C 352 5.97 19.17 -44.12
CA LYS C 352 7.06 18.65 -43.29
C LYS C 352 8.01 19.75 -42.81
N ILE C 353 8.46 20.58 -43.74
CA ILE C 353 9.38 21.67 -43.41
C ILE C 353 8.74 22.59 -42.36
N ARG C 354 7.47 22.95 -42.56
CA ARG C 354 6.78 23.84 -41.65
C ARG C 354 6.62 23.22 -40.26
N ASN C 355 6.33 21.92 -40.22
CA ASN C 355 6.19 21.22 -38.94
C ASN C 355 7.53 21.12 -38.20
N ALA C 356 8.60 20.90 -38.96
CA ALA C 356 9.94 20.84 -38.40
C ALA C 356 10.34 22.19 -37.82
N GLN C 357 9.95 23.27 -38.50
CA GLN C 357 10.19 24.62 -38.01
C GLN C 357 9.38 24.91 -36.75
N LEU C 358 8.13 24.45 -36.73
CA LEU C 358 7.25 24.64 -35.59
C LEU C 358 7.73 23.81 -34.39
N ALA C 359 8.41 22.70 -34.67
CA ALA C 359 8.92 21.82 -33.62
C ALA C 359 10.27 22.31 -33.10
N GLN C 360 10.69 23.46 -33.62
CA GLN C 360 11.92 24.15 -33.23
C GLN C 360 13.19 23.39 -33.60
N TYR C 361 13.15 22.61 -34.67
CA TYR C 361 14.37 22.03 -35.24
C TYR C 361 15.24 23.16 -35.78
N ASN C 362 16.52 23.15 -35.42
CA ASN C 362 17.43 24.25 -35.82
C ASN C 362 17.67 24.29 -37.32
N PHE C 363 18.07 23.17 -37.90
CA PHE C 363 18.38 23.13 -39.31
C PHE C 363 17.56 22.05 -40.03
N ILE C 364 16.91 22.45 -41.12
CA ILE C 364 16.16 21.48 -41.91
C ILE C 364 16.93 21.16 -43.19
N LEU C 365 17.43 19.94 -43.28
CA LEU C 365 18.15 19.51 -44.47
C LEU C 365 17.19 18.84 -45.44
N VAL C 366 16.90 19.52 -46.55
CA VAL C 366 16.04 18.98 -47.57
C VAL C 366 16.89 18.29 -48.62
N VAL C 367 16.43 17.12 -49.05
CA VAL C 367 17.19 16.29 -49.97
C VAL C 367 16.37 15.94 -51.22
N GLY C 368 16.85 16.40 -52.37
CA GLY C 368 16.26 16.04 -53.65
C GLY C 368 17.16 15.03 -54.32
N GLU C 369 16.90 14.72 -55.59
CA GLU C 369 17.74 13.76 -56.29
C GLU C 369 18.99 14.42 -56.88
N LYS C 370 18.97 15.75 -57.00
CA LYS C 370 20.17 16.51 -57.30
C LYS C 370 21.15 16.30 -56.14
N GLU C 371 20.59 16.14 -54.96
CA GLU C 371 21.34 15.93 -53.73
C GLU C 371 21.87 14.51 -53.65
N LYS C 372 21.03 13.54 -54.01
CA LYS C 372 21.44 12.14 -54.08
C LYS C 372 22.60 11.98 -55.06
N ILE C 373 22.47 12.64 -56.21
CA ILE C 373 23.53 12.68 -57.20
C ILE C 373 24.82 13.31 -56.66
N SER C 374 24.75 14.59 -56.34
CA SER C 374 25.92 15.39 -56.01
C SER C 374 26.54 15.08 -54.64
N GLY C 375 25.88 14.25 -53.86
CA GLY C 375 26.35 13.94 -52.51
C GLY C 375 26.30 15.17 -51.62
N THR C 376 25.11 15.77 -51.51
CA THR C 376 24.96 17.06 -50.86
C THR C 376 23.59 17.19 -50.18
N VAL C 377 23.46 18.21 -49.35
CA VAL C 377 22.19 18.56 -48.72
C VAL C 377 21.79 20.00 -49.04
N ASN C 378 20.49 20.28 -49.08
CA ASN C 378 20.03 21.65 -49.24
C ASN C 378 19.54 22.17 -47.90
N ILE C 379 20.21 23.18 -47.37
CA ILE C 379 19.97 23.65 -46.01
C ILE C 379 18.96 24.76 -45.83
N ARG C 380 18.16 24.68 -44.78
CA ARG C 380 17.15 25.67 -44.48
C ARG C 380 17.02 25.77 -42.99
N THR C 381 16.48 26.88 -42.51
CA THR C 381 16.54 27.19 -41.09
C THR C 381 15.19 27.21 -40.39
N ARG C 382 15.23 27.15 -39.06
CA ARG C 382 14.03 27.21 -38.24
C ARG C 382 13.26 28.49 -38.54
N ASP C 383 13.97 29.50 -39.04
CA ASP C 383 13.33 30.75 -39.38
C ASP C 383 13.14 30.82 -40.88
N ASN C 384 13.26 29.70 -41.53
CA ASN C 384 13.12 29.62 -42.95
C ASN C 384 14.11 30.44 -43.71
N LYS C 385 15.22 30.79 -43.09
CA LYS C 385 16.31 31.36 -43.85
C LYS C 385 16.77 30.25 -44.74
N VAL C 386 17.64 30.52 -45.69
CA VAL C 386 18.01 29.51 -46.66
C VAL C 386 19.45 29.60 -47.07
N HIS C 387 20.23 28.62 -46.69
CA HIS C 387 21.64 28.66 -47.01
C HIS C 387 21.95 27.85 -48.23
N GLY C 388 20.94 27.19 -48.75
CA GLY C 388 21.08 26.47 -49.97
C GLY C 388 22.06 25.35 -49.88
N GLU C 389 22.32 24.77 -51.01
CA GLU C 389 23.10 23.57 -51.14
C GLU C 389 24.48 23.70 -50.57
N ARG C 390 24.75 22.91 -49.55
CA ARG C 390 26.12 22.60 -49.14
C ARG C 390 26.34 21.09 -49.25
N THR C 391 27.59 20.63 -49.22
CA THR C 391 27.83 19.18 -49.21
C THR C 391 27.74 18.66 -47.77
N ILE C 392 27.90 17.36 -47.60
CA ILE C 392 27.74 16.74 -46.28
C ILE C 392 28.87 17.10 -45.33
N SER C 393 30.11 16.98 -45.82
CA SER C 393 31.30 17.20 -45.00
C SER C 393 31.40 18.64 -44.47
N GLU C 394 31.28 19.61 -45.36
CA GLU C 394 31.31 21.02 -44.96
C GLU C 394 30.22 21.32 -43.94
N THR C 395 29.01 20.84 -44.20
CA THR C 395 27.88 21.06 -43.33
C THR C 395 28.16 20.51 -41.93
N ILE C 396 28.65 19.28 -41.87
CA ILE C 396 28.99 18.63 -40.61
C ILE C 396 30.08 19.40 -39.87
N GLU C 397 31.12 19.83 -40.58
CA GLU C 397 32.22 20.58 -39.97
C GLU C 397 31.75 21.91 -39.40
N ARG C 398 30.92 22.61 -40.16
CA ARG C 398 30.39 23.91 -39.74
C ARG C 398 29.50 23.77 -38.51
N LEU C 399 28.59 22.79 -38.56
CA LEU C 399 27.72 22.52 -37.42
C LEU C 399 28.52 22.07 -36.19
N GLN C 400 29.66 21.42 -36.45
CA GLN C 400 30.54 20.97 -35.38
C GLN C 400 31.21 22.17 -34.72
N GLN C 401 31.61 23.13 -35.54
CA GLN C 401 32.16 24.40 -35.06
C GLN C 401 31.14 25.16 -34.21
N LEU C 402 29.93 25.31 -34.76
CA LEU C 402 28.86 26.05 -34.10
C LEU C 402 28.41 25.38 -32.81
N LYS C 403 28.53 24.04 -32.76
CA LYS C 403 28.22 23.29 -31.56
C LYS C 403 29.32 23.45 -30.51
N GLU C 404 30.57 23.44 -30.97
CA GLU C 404 31.72 23.54 -30.10
C GLU C 404 31.83 24.90 -29.41
N PHE C 405 31.61 25.96 -30.17
CA PHE C 405 31.75 27.32 -29.64
C PHE C 405 30.45 27.83 -29.01
N ARG C 406 29.41 27.01 -29.07
CA ARG C 406 28.11 27.35 -28.49
C ARG C 406 27.57 28.68 -28.99
N SER C 407 27.48 28.81 -30.31
CA SER C 407 26.92 30.01 -30.95
C SER C 407 25.50 30.26 -30.49
N LYS C 408 25.20 31.51 -30.13
CA LYS C 408 23.88 31.88 -29.64
C LYS C 408 22.90 31.98 -30.80
N GLN C 409 23.39 32.41 -31.96
CA GLN C 409 22.66 32.19 -33.20
C GLN C 409 23.52 31.35 -34.13
N ALA C 410 23.17 30.08 -34.28
CA ALA C 410 23.84 29.22 -35.25
C ALA C 410 23.19 29.41 -36.61
N GLU C 411 21.87 29.56 -36.56
CA GLU C 411 21.03 29.73 -37.73
C GLU C 411 21.49 30.89 -38.61
N GLU C 412 21.77 32.03 -37.98
CA GLU C 412 22.33 33.18 -38.69
C GLU C 412 23.77 32.95 -39.09
N GLU C 413 24.59 32.60 -38.11
CA GLU C 413 26.04 32.57 -38.27
C GLU C 413 26.57 31.41 -39.11
N PHE C 414 25.68 30.52 -39.56
CA PHE C 414 26.08 29.40 -40.39
C PHE C 414 26.82 29.87 -41.64
N SER D 12 43.85 -10.04 -3.15
CA SER D 12 43.49 -8.93 -4.04
C SER D 12 42.12 -8.37 -3.67
N ASP D 13 42.11 -7.26 -2.94
CA ASP D 13 40.86 -6.70 -2.40
C ASP D 13 40.62 -5.27 -2.90
N HIS D 14 39.40 -5.01 -3.34
CA HIS D 14 39.06 -3.72 -3.96
C HIS D 14 38.99 -2.58 -2.95
N ARG D 15 38.84 -2.91 -1.68
CA ARG D 15 38.75 -1.91 -0.63
C ARG D 15 40.13 -1.31 -0.33
N LYS D 16 41.12 -2.18 -0.17
CA LYS D 16 42.49 -1.74 0.07
C LYS D 16 43.06 -1.01 -1.14
N ILE D 17 42.88 -1.59 -2.32
CA ILE D 17 43.30 -0.96 -3.57
C ILE D 17 42.57 0.38 -3.74
N GLY D 18 41.30 0.41 -3.33
CA GLY D 18 40.51 1.62 -3.37
C GLY D 18 41.11 2.71 -2.50
N ARG D 19 41.53 2.34 -1.29
CA ARG D 19 42.19 3.28 -0.39
C ARG D 19 43.52 3.78 -0.94
N ASP D 20 44.39 2.86 -1.32
CA ASP D 20 45.77 3.19 -1.68
C ASP D 20 45.90 4.08 -2.92
N GLN D 21 45.04 3.85 -3.92
CA GLN D 21 45.08 4.65 -5.15
C GLN D 21 44.24 5.92 -5.00
N GLU D 22 43.68 6.12 -3.81
CA GLU D 22 42.78 7.25 -3.54
C GLU D 22 41.65 7.28 -4.55
N LEU D 23 41.00 6.14 -4.77
CA LEU D 23 39.86 6.04 -5.65
C LEU D 23 38.59 6.29 -4.84
N TYR D 24 38.34 5.42 -3.86
CA TYR D 24 37.16 5.53 -3.03
C TYR D 24 37.41 5.06 -1.59
N PHE D 25 36.54 5.47 -0.67
CA PHE D 25 36.59 4.97 0.70
C PHE D 25 35.20 4.90 1.31
N PHE D 26 35.12 4.44 2.55
CA PHE D 26 33.83 4.24 3.22
C PHE D 26 33.83 4.88 4.60
N HIS D 27 32.65 5.30 5.06
CA HIS D 27 32.54 5.95 6.37
C HIS D 27 31.36 5.44 7.18
N GLU D 28 31.49 5.60 8.50
CA GLU D 28 30.54 5.05 9.47
C GLU D 28 29.19 5.75 9.39
N LEU D 29 29.20 6.96 8.85
CA LEU D 29 28.04 7.83 8.89
C LEU D 29 27.10 7.58 7.72
N SER D 30 27.55 6.79 6.75
CA SER D 30 26.69 6.35 5.65
C SER D 30 27.00 4.91 5.25
N PRO D 31 26.63 3.93 6.09
CA PRO D 31 26.90 2.53 5.81
C PRO D 31 26.18 2.05 4.55
N GLY D 32 26.89 1.36 3.66
CA GLY D 32 26.30 0.86 2.44
C GLY D 32 26.39 1.84 1.29
N SER D 33 26.98 3.01 1.54
CA SER D 33 27.18 4.02 0.51
C SER D 33 28.65 4.36 0.41
N CYS D 34 29.06 4.89 -0.74
CA CYS D 34 30.49 5.06 -1.02
C CYS D 34 30.91 6.51 -1.29
N PHE D 35 32.16 6.81 -0.97
CA PHE D 35 32.77 8.10 -1.26
C PHE D 35 33.79 7.95 -2.37
N PHE D 36 33.49 8.48 -3.56
CA PHE D 36 34.45 8.42 -4.65
C PHE D 36 35.28 9.69 -4.74
N LEU D 37 36.58 9.57 -4.46
CA LEU D 37 37.50 10.68 -4.61
C LEU D 37 37.62 10.98 -6.11
N PRO D 38 38.34 12.05 -6.50
CA PRO D 38 38.38 12.43 -7.92
C PRO D 38 38.71 11.30 -8.91
N LYS D 39 39.71 10.49 -8.60
CA LYS D 39 40.12 9.40 -9.48
C LYS D 39 39.02 8.35 -9.66
N GLY D 40 38.48 7.87 -8.54
CA GLY D 40 37.38 6.93 -8.56
C GLY D 40 36.18 7.48 -9.32
N ALA D 41 35.88 8.75 -9.09
CA ALA D 41 34.80 9.42 -9.82
C ALA D 41 35.07 9.43 -11.32
N TYR D 42 36.33 9.63 -11.70
CA TYR D 42 36.71 9.53 -13.11
C TYR D 42 36.34 8.17 -13.65
N ILE D 43 36.73 7.12 -12.92
CA ILE D 43 36.40 5.75 -13.36
C ILE D 43 34.88 5.56 -13.52
N TYR D 44 34.13 6.06 -12.55
CA TYR D 44 32.66 6.04 -12.54
C TYR D 44 32.07 6.60 -13.83
N ASN D 45 32.44 7.85 -14.11
CA ASN D 45 31.93 8.54 -15.29
C ASN D 45 32.45 7.93 -16.58
N ALA D 46 33.60 7.26 -16.51
CA ALA D 46 34.16 6.56 -17.65
C ALA D 46 33.28 5.38 -18.04
N LEU D 47 32.91 4.59 -17.05
CA LEU D 47 31.99 3.46 -17.28
C LEU D 47 30.66 3.97 -17.84
N ILE D 48 30.08 4.96 -17.16
CA ILE D 48 28.81 5.52 -17.62
C ILE D 48 28.90 6.02 -19.07
N GLU D 49 30.00 6.67 -19.40
CA GLU D 49 30.22 7.19 -20.75
C GLU D 49 30.31 6.06 -21.79
N PHE D 50 31.01 4.98 -21.43
CA PHE D 50 31.10 3.80 -22.28
C PHE D 50 29.72 3.27 -22.63
N ILE D 51 28.94 2.99 -21.58
CA ILE D 51 27.57 2.51 -21.77
C ILE D 51 26.75 3.49 -22.61
N ARG D 52 26.98 4.79 -22.43
CA ARG D 52 26.24 5.80 -23.18
C ARG D 52 26.56 5.78 -24.67
N SER D 53 27.84 5.72 -25.01
CA SER D 53 28.25 5.63 -26.40
C SER D 53 27.57 4.43 -27.05
N GLU D 54 27.61 3.30 -26.35
CA GLU D 54 26.98 2.10 -26.89
C GLU D 54 25.46 2.29 -27.05
N TYR D 55 24.85 2.96 -26.08
CA TYR D 55 23.44 3.34 -26.15
C TYR D 55 23.14 4.06 -27.45
N ARG D 56 23.97 5.05 -27.77
CA ARG D 56 23.72 5.88 -28.93
C ARG D 56 24.01 5.13 -30.23
N LYS D 57 24.83 4.10 -30.16
CA LYS D 57 24.94 3.19 -31.29
C LYS D 57 23.65 2.37 -31.47
N ARG D 58 23.07 1.94 -30.35
CA ARG D 58 22.04 0.90 -30.36
C ARG D 58 20.58 1.36 -30.30
N GLY D 59 20.33 2.67 -30.29
CA GLY D 59 18.96 3.17 -30.28
C GLY D 59 18.31 3.21 -28.90
N PHE D 60 19.11 3.47 -27.88
CA PHE D 60 18.58 3.66 -26.54
C PHE D 60 18.47 5.15 -26.23
N GLN D 61 17.42 5.53 -25.50
CA GLN D 61 17.20 6.92 -25.13
C GLN D 61 17.21 7.10 -23.61
N GLU D 62 18.13 7.94 -23.12
CA GLU D 62 18.27 8.13 -21.69
C GLU D 62 17.26 9.14 -21.14
N VAL D 63 16.72 8.84 -19.96
CA VAL D 63 15.77 9.73 -19.30
C VAL D 63 16.22 10.02 -17.87
N VAL D 64 15.63 11.02 -17.25
CA VAL D 64 15.90 11.34 -15.85
C VAL D 64 14.59 11.30 -15.05
N THR D 65 14.58 10.49 -13.99
CA THR D 65 13.35 10.25 -13.22
C THR D 65 13.52 10.56 -11.73
N PRO D 66 12.42 10.91 -11.04
CA PRO D 66 12.43 11.22 -9.60
C PRO D 66 13.00 10.11 -8.74
N ASN D 67 13.60 10.46 -7.61
CA ASN D 67 14.17 9.47 -6.69
C ASN D 67 13.22 9.02 -5.58
N ILE D 68 12.11 9.73 -5.40
CA ILE D 68 11.15 9.38 -4.35
C ILE D 68 9.72 9.38 -4.91
N PHE D 69 8.90 8.46 -4.41
CA PHE D 69 7.55 8.33 -4.94
C PHE D 69 6.50 8.08 -3.85
N ASN D 70 5.24 8.35 -4.19
CA ASN D 70 4.12 8.15 -3.28
C ASN D 70 3.85 6.67 -3.04
N SER D 71 3.17 6.37 -1.95
CA SER D 71 2.78 5.00 -1.60
C SER D 71 2.01 4.30 -2.72
N ARG D 72 1.13 5.05 -3.37
CA ARG D 72 0.23 4.50 -4.39
C ARG D 72 0.98 3.87 -5.57
N LEU D 73 2.09 4.47 -5.96
CA LEU D 73 2.90 3.95 -7.06
C LEU D 73 3.50 2.60 -6.69
N TRP D 74 4.05 2.50 -5.49
CA TRP D 74 4.67 1.27 -5.03
C TRP D 74 3.64 0.19 -4.76
N MET D 75 2.41 0.58 -4.45
CA MET D 75 1.34 -0.40 -4.29
C MET D 75 0.88 -0.90 -5.65
N THR D 76 0.86 0.00 -6.64
CA THR D 76 0.61 -0.39 -8.03
C THR D 76 1.64 -1.42 -8.50
N SER D 77 2.91 -1.01 -8.54
CA SER D 77 4.00 -1.87 -9.01
C SER D 77 4.09 -3.18 -8.23
N GLY D 78 3.67 -3.16 -6.98
CA GLY D 78 3.69 -4.36 -6.15
C GLY D 78 4.89 -4.41 -5.21
N HIS D 79 5.55 -3.27 -5.01
CA HIS D 79 6.74 -3.21 -4.18
C HIS D 79 6.41 -3.23 -2.68
N TRP D 80 5.22 -2.78 -2.31
CA TRP D 80 4.77 -2.89 -0.93
C TRP D 80 4.41 -4.33 -0.62
N GLN D 81 3.70 -4.95 -1.55
CA GLN D 81 3.26 -6.34 -1.43
C GLN D 81 4.41 -7.33 -1.26
N HIS D 82 5.57 -6.98 -1.81
CA HIS D 82 6.70 -7.88 -1.86
C HIS D 82 7.98 -7.27 -1.29
N TYR D 83 8.42 -6.18 -1.91
CA TYR D 83 9.76 -5.64 -1.69
C TYR D 83 9.90 -4.65 -0.54
N SER D 84 8.81 -4.41 0.19
CA SER D 84 8.74 -3.34 1.19
C SER D 84 9.83 -3.35 2.25
N GLU D 85 10.27 -4.55 2.64
CA GLU D 85 11.30 -4.70 3.68
C GLU D 85 12.63 -4.06 3.28
N ASN D 86 12.89 -4.00 1.98
CA ASN D 86 14.15 -3.44 1.47
C ASN D 86 14.04 -1.96 1.12
N MET D 87 12.89 -1.36 1.39
CA MET D 87 12.65 0.03 0.98
C MET D 87 12.70 1.00 2.14
N PHE D 88 13.43 2.10 1.94
CA PHE D 88 13.40 3.19 2.91
C PHE D 88 12.14 4.02 2.67
N SER D 89 11.29 4.11 3.69
CA SER D 89 10.05 4.86 3.57
C SER D 89 9.99 5.96 4.61
N PHE D 90 9.29 7.04 4.27
CA PHE D 90 9.12 8.16 5.19
C PHE D 90 7.82 8.88 4.90
N GLU D 91 7.27 9.55 5.91
CA GLU D 91 5.97 10.20 5.78
C GLU D 91 6.12 11.70 5.55
N VAL D 92 5.39 12.22 4.57
CA VAL D 92 5.34 13.67 4.35
C VAL D 92 3.90 14.10 4.10
N GLU D 93 3.48 15.12 4.85
CA GLU D 93 2.10 15.63 4.80
C GLU D 93 1.07 14.52 4.87
N LYS D 94 1.25 13.64 5.86
CA LYS D 94 0.34 12.53 6.16
C LYS D 94 0.33 11.42 5.09
N GLU D 95 1.08 11.61 4.01
CA GLU D 95 1.14 10.58 2.97
C GLU D 95 2.46 9.80 3.01
N LEU D 96 2.39 8.51 2.70
CA LEU D 96 3.57 7.64 2.69
C LEU D 96 4.38 7.81 1.40
N PHE D 97 5.70 7.91 1.56
CA PHE D 97 6.61 8.01 0.44
C PHE D 97 7.77 7.03 0.61
N ALA D 98 8.49 6.77 -0.48
CA ALA D 98 9.67 5.91 -0.41
C ALA D 98 10.71 6.24 -1.48
N LEU D 99 11.97 5.95 -1.16
CA LEU D 99 13.06 6.03 -2.13
C LEU D 99 12.94 4.87 -3.10
N LYS D 100 13.18 5.13 -4.39
CA LYS D 100 13.00 4.11 -5.41
C LYS D 100 14.10 3.03 -5.36
N PRO D 101 13.69 1.78 -5.08
CA PRO D 101 14.58 0.62 -5.17
C PRO D 101 14.86 0.26 -6.64
N MET D 102 13.95 0.67 -7.52
CA MET D 102 14.05 0.37 -8.95
C MET D 102 13.57 1.55 -9.80
N ASN D 103 13.91 1.53 -11.09
CA ASN D 103 13.50 2.59 -12.02
C ASN D 103 12.22 2.26 -12.81
N CYS D 104 11.70 1.05 -12.62
CA CYS D 104 10.64 0.52 -13.49
C CYS D 104 9.32 1.30 -13.51
N PRO D 105 8.69 1.52 -12.34
CA PRO D 105 7.36 2.13 -12.37
C PRO D 105 7.37 3.54 -12.93
N GLY D 106 8.44 4.28 -12.68
CA GLY D 106 8.60 5.61 -13.23
C GLY D 106 8.59 5.58 -14.74
N HIS D 107 9.30 4.60 -15.31
CA HIS D 107 9.34 4.43 -16.76
C HIS D 107 7.98 4.02 -17.30
N CYS D 108 7.24 3.23 -16.52
CA CYS D 108 5.87 2.89 -16.87
C CYS D 108 5.01 4.15 -16.93
N LEU D 109 5.28 5.09 -16.02
CA LEU D 109 4.60 6.38 -16.02
C LEU D 109 4.97 7.19 -17.25
N MET D 110 6.24 7.12 -17.65
CA MET D 110 6.71 7.84 -18.84
C MET D 110 6.10 7.27 -20.11
N PHE D 111 5.88 5.96 -20.14
CA PHE D 111 5.24 5.32 -21.29
C PHE D 111 3.78 5.73 -21.38
N ASP D 112 3.10 5.74 -20.24
CA ASP D 112 1.69 6.06 -20.17
C ASP D 112 1.41 7.56 -20.32
N HIS D 113 2.49 8.35 -20.40
CA HIS D 113 2.39 9.81 -20.48
C HIS D 113 1.45 10.29 -21.61
N ARG D 114 1.41 9.57 -22.72
CA ARG D 114 0.54 9.94 -23.83
C ARG D 114 0.18 8.73 -24.71
N PRO D 115 -0.71 8.93 -25.69
CA PRO D 115 -0.94 7.86 -26.67
C PRO D 115 0.31 7.50 -27.45
N ARG D 116 0.59 6.21 -27.58
CA ARG D 116 1.75 5.74 -28.32
C ARG D 116 1.34 4.70 -29.36
N SER D 117 1.87 4.84 -30.57
CA SER D 117 1.52 3.92 -31.65
C SER D 117 2.59 2.84 -31.82
N TRP D 118 2.36 1.94 -32.77
CA TRP D 118 3.27 0.84 -33.07
C TRP D 118 4.57 1.34 -33.67
N ARG D 119 4.52 2.50 -34.33
CA ARG D 119 5.67 3.06 -35.02
C ARG D 119 6.79 3.48 -34.05
N GLU D 120 6.43 3.63 -32.78
CA GLU D 120 7.40 4.05 -31.77
C GLU D 120 8.11 2.86 -31.12
N LEU D 121 7.59 1.67 -31.36
CA LEU D 121 8.14 0.46 -30.76
C LEU D 121 9.21 -0.19 -31.65
N PRO D 122 10.22 -0.83 -31.04
CA PRO D 122 10.49 -0.87 -29.59
C PRO D 122 11.00 0.46 -29.04
N LEU D 123 10.46 0.88 -27.89
CA LEU D 123 10.92 2.09 -27.23
C LEU D 123 11.85 1.73 -26.07
N ARG D 124 13.10 2.17 -26.14
CA ARG D 124 14.08 1.80 -25.13
C ARG D 124 14.44 2.98 -24.24
N LEU D 125 13.99 2.93 -22.98
CA LEU D 125 14.26 4.02 -22.05
C LEU D 125 15.34 3.63 -21.06
N ALA D 126 16.42 4.41 -21.03
CA ALA D 126 17.55 4.12 -20.17
C ALA D 126 17.66 5.10 -19.00
N ASP D 127 17.92 4.55 -17.81
CA ASP D 127 18.13 5.34 -16.61
C ASP D 127 19.38 4.91 -15.86
N PHE D 128 20.16 5.91 -15.47
CA PHE D 128 21.30 5.76 -14.57
C PHE D 128 20.95 6.16 -13.13
N GLY D 129 19.67 6.46 -12.89
CA GLY D 129 19.25 7.05 -11.64
C GLY D 129 19.65 6.30 -10.38
N VAL D 130 19.79 7.04 -9.28
CA VAL D 130 20.30 6.48 -8.03
C VAL D 130 19.25 5.62 -7.33
N LEU D 131 19.66 4.42 -6.94
CA LEU D 131 18.76 3.48 -6.28
C LEU D 131 19.23 3.18 -4.87
N HIS D 132 18.26 3.16 -3.95
CA HIS D 132 18.51 2.81 -2.55
C HIS D 132 17.69 1.61 -2.13
N ARG D 133 18.37 0.59 -1.61
CA ARG D 133 17.70 -0.57 -1.05
C ARG D 133 18.22 -0.79 0.36
N ASN D 134 17.36 -1.28 1.25
CA ASN D 134 17.78 -1.45 2.64
C ASN D 134 18.34 -2.85 2.87
N GLU D 135 19.64 -2.90 3.10
CA GLU D 135 20.33 -4.15 3.41
C GLU D 135 20.82 -4.10 4.85
N LEU D 136 20.75 -5.24 5.52
CA LEU D 136 21.17 -5.33 6.92
C LEU D 136 22.61 -4.87 7.09
N SER D 137 22.88 -4.14 8.17
CA SER D 137 24.18 -3.55 8.42
C SER D 137 25.31 -4.58 8.43
N GLY D 138 25.00 -5.78 8.92
CA GLY D 138 26.00 -6.85 8.99
C GLY D 138 26.21 -7.54 7.64
N ALA D 139 25.35 -7.24 6.68
CA ALA D 139 25.45 -7.83 5.35
C ALA D 139 26.26 -6.95 4.41
N LEU D 140 26.66 -5.77 4.89
CA LEU D 140 27.32 -4.79 4.05
C LEU D 140 28.82 -5.06 3.87
N THR D 141 29.24 -5.24 2.63
CA THR D 141 30.66 -5.40 2.31
C THR D 141 31.05 -4.54 1.11
N GLY D 142 31.91 -3.55 1.35
CA GLY D 142 32.50 -2.74 0.30
C GLY D 142 31.53 -2.18 -0.73
N LEU D 143 31.88 -2.36 -2.00
CA LEU D 143 31.00 -1.97 -3.10
C LEU D 143 30.19 -3.16 -3.61
N THR D 144 30.40 -4.32 -3.00
CA THR D 144 29.68 -5.53 -3.40
C THR D 144 28.25 -5.52 -2.89
N ARG D 145 28.08 -5.55 -1.57
CA ARG D 145 26.76 -5.43 -0.96
C ARG D 145 26.57 -4.01 -0.45
N VAL D 146 25.70 -3.25 -1.11
CA VAL D 146 25.56 -1.82 -0.81
C VAL D 146 24.10 -1.37 -0.67
N ARG D 147 23.90 -0.25 0.00
CA ARG D 147 22.57 0.36 0.10
C ARG D 147 22.30 1.41 -0.97
N ARG D 148 23.33 1.83 -1.68
CA ARG D 148 23.19 2.85 -2.71
C ARG D 148 23.97 2.50 -3.95
N PHE D 149 23.30 2.49 -5.09
CA PHE D 149 24.00 2.22 -6.34
C PHE D 149 23.32 2.85 -7.53
N GLN D 150 24.12 3.19 -8.54
CA GLN D 150 23.56 3.58 -9.83
C GLN D 150 23.66 2.38 -10.75
N GLN D 151 22.62 2.10 -11.49
CA GLN D 151 22.55 0.89 -12.27
C GLN D 151 22.52 1.30 -13.69
N ASP D 152 23.08 0.51 -14.59
CA ASP D 152 22.89 0.84 -15.99
C ASP D 152 21.60 0.13 -16.31
N ASP D 153 20.52 0.90 -16.42
CA ASP D 153 19.23 0.26 -16.44
C ASP D 153 18.51 0.66 -17.70
N ALA D 154 17.90 -0.30 -18.39
CA ALA D 154 17.06 0.09 -19.51
C ALA D 154 15.84 -0.79 -19.61
N HIS D 155 14.82 -0.23 -20.25
CA HIS D 155 13.53 -0.85 -20.29
C HIS D 155 13.04 -0.81 -21.73
N ILE D 156 12.83 -2.00 -22.30
CA ILE D 156 12.39 -2.11 -23.68
C ILE D 156 10.88 -2.35 -23.72
N PHE D 157 10.16 -1.38 -24.26
CA PHE D 157 8.73 -1.53 -24.48
C PHE D 157 8.51 -2.01 -25.90
N CYS D 158 8.01 -3.24 -26.09
CA CYS D 158 7.86 -3.73 -27.46
C CYS D 158 6.67 -4.66 -27.67
N ALA D 159 6.25 -4.81 -28.92
CA ALA D 159 5.22 -5.78 -29.26
C ALA D 159 5.76 -7.19 -29.08
N MET D 160 4.85 -8.13 -28.80
CA MET D 160 5.22 -9.53 -28.51
C MET D 160 6.11 -10.14 -29.60
N GLU D 161 5.78 -9.84 -30.85
CA GLU D 161 6.57 -10.24 -32.01
C GLU D 161 8.02 -9.74 -31.94
N GLN D 162 8.16 -8.41 -31.95
CA GLN D 162 9.46 -7.75 -32.03
C GLN D 162 10.44 -8.29 -31.01
N ILE D 163 9.88 -8.88 -29.94
CA ILE D 163 10.65 -9.43 -28.83
C ILE D 163 11.83 -10.22 -29.35
N GLU D 164 11.59 -11.13 -30.30
CA GLU D 164 12.69 -12.00 -30.74
C GLU D 164 13.89 -11.14 -31.13
N ASP D 165 13.66 -10.22 -32.06
CA ASP D 165 14.72 -9.38 -32.58
C ASP D 165 15.41 -8.64 -31.43
N GLU D 166 14.61 -8.10 -30.52
CA GLU D 166 15.16 -7.31 -29.42
C GLU D 166 16.18 -8.13 -28.65
N ILE D 167 15.84 -9.37 -28.36
CA ILE D 167 16.73 -10.20 -27.55
C ILE D 167 18.06 -10.36 -28.27
N LYS D 168 18.00 -10.54 -29.59
CA LYS D 168 19.21 -10.63 -30.40
C LYS D 168 20.08 -9.42 -30.07
N GLY D 169 19.50 -8.23 -30.21
CA GLY D 169 20.20 -7.00 -29.92
C GLY D 169 20.81 -7.07 -28.54
N CYS D 170 20.00 -7.45 -27.55
CA CYS D 170 20.46 -7.52 -26.17
C CYS D 170 21.72 -8.35 -26.10
N LEU D 171 21.66 -9.55 -26.67
CA LEU D 171 22.80 -10.46 -26.62
C LEU D 171 24.00 -9.78 -27.24
N ASP D 172 23.81 -9.20 -28.42
CA ASP D 172 24.90 -8.51 -29.11
C ASP D 172 25.48 -7.46 -28.18
N PHE D 173 24.60 -6.68 -27.57
CA PHE D 173 24.99 -5.62 -26.65
C PHE D 173 25.95 -6.22 -25.64
N LEU D 174 25.49 -7.28 -24.97
CA LEU D 174 26.28 -7.95 -23.95
C LEU D 174 27.66 -8.22 -24.49
N ARG D 175 27.71 -8.93 -25.62
CA ARG D 175 28.95 -9.40 -26.19
C ARG D 175 29.90 -8.23 -26.25
N THR D 176 29.44 -7.17 -26.91
CA THR D 176 30.29 -6.03 -27.21
C THR D 176 30.93 -5.56 -25.91
N VAL D 177 30.10 -5.28 -24.92
CA VAL D 177 30.58 -4.70 -23.68
C VAL D 177 31.66 -5.58 -23.09
N TYR D 178 31.36 -6.87 -22.95
CA TYR D 178 32.26 -7.75 -22.23
C TYR D 178 33.49 -8.00 -23.08
N SER D 179 33.33 -7.92 -24.40
CA SER D 179 34.46 -8.10 -25.30
C SER D 179 35.51 -7.02 -25.04
N VAL D 180 35.04 -5.85 -24.61
CA VAL D 180 35.94 -4.75 -24.29
C VAL D 180 36.67 -5.03 -22.98
N PHE D 181 35.98 -5.66 -22.03
CA PHE D 181 36.58 -6.02 -20.75
C PHE D 181 37.42 -7.29 -20.88
N GLY D 182 36.99 -8.19 -21.75
CA GLY D 182 37.68 -9.45 -21.95
C GLY D 182 37.10 -10.59 -21.13
N PHE D 183 35.86 -10.41 -20.68
CA PHE D 183 35.21 -11.41 -19.84
C PHE D 183 34.47 -12.45 -20.66
N SER D 184 34.63 -13.72 -20.29
CA SER D 184 33.80 -14.77 -20.89
C SER D 184 32.42 -14.70 -20.24
N PHE D 185 31.41 -15.33 -20.84
CA PHE D 185 30.12 -15.43 -20.16
C PHE D 185 29.33 -16.66 -20.58
N LYS D 186 28.52 -17.19 -19.66
CA LYS D 186 27.57 -18.23 -20.03
C LYS D 186 26.14 -17.77 -19.73
N LEU D 187 25.19 -18.33 -20.49
CA LEU D 187 23.81 -17.89 -20.45
C LEU D 187 22.91 -19.02 -19.94
N ASN D 188 21.86 -18.67 -19.22
CA ASN D 188 20.86 -19.69 -18.91
C ASN D 188 19.44 -19.15 -19.08
N LEU D 189 18.54 -20.03 -19.46
CA LEU D 189 17.14 -19.68 -19.71
C LEU D 189 16.25 -20.22 -18.60
N SER D 190 15.62 -19.30 -17.87
CA SER D 190 14.68 -19.67 -16.82
C SER D 190 13.26 -19.43 -17.31
N THR D 191 12.47 -20.51 -17.33
CA THR D 191 11.14 -20.49 -17.93
C THR D 191 10.04 -20.58 -16.88
N ARG D 192 8.79 -20.65 -17.34
CA ARG D 192 7.62 -20.53 -16.47
C ARG D 192 7.63 -21.50 -15.28
N PRO D 193 7.54 -20.95 -14.06
CA PRO D 193 7.47 -21.70 -12.81
C PRO D 193 6.08 -22.24 -12.52
N GLU D 194 5.93 -22.96 -11.41
CA GLU D 194 4.64 -23.51 -11.01
C GLU D 194 3.64 -22.40 -10.74
N LYS D 195 4.01 -21.47 -9.87
CA LYS D 195 3.20 -20.28 -9.63
C LYS D 195 3.60 -19.19 -10.62
N PHE D 196 2.67 -18.82 -11.49
CA PHE D 196 2.91 -17.75 -12.46
C PHE D 196 1.68 -16.89 -12.63
N LEU D 197 1.79 -15.84 -13.43
CA LEU D 197 0.67 -14.94 -13.71
C LEU D 197 0.62 -14.63 -15.20
N GLY D 198 -0.56 -14.24 -15.69
CA GLY D 198 -0.72 -13.95 -17.10
C GLY D 198 -1.19 -15.16 -17.89
N ASP D 199 -1.53 -14.94 -19.16
CA ASP D 199 -2.03 -16.01 -20.01
C ASP D 199 -0.88 -16.91 -20.46
N ILE D 200 -1.17 -18.20 -20.59
CA ILE D 200 -0.15 -19.21 -20.88
C ILE D 200 0.44 -19.09 -22.29
N GLU D 201 -0.39 -18.75 -23.28
CA GLU D 201 0.11 -18.64 -24.66
C GLU D 201 1.03 -17.43 -24.84
N VAL D 202 0.81 -16.40 -24.02
CA VAL D 202 1.72 -15.26 -23.95
C VAL D 202 3.12 -15.74 -23.56
N TRP D 203 3.17 -16.46 -22.44
CA TRP D 203 4.37 -17.13 -21.97
C TRP D 203 5.02 -17.99 -23.05
N ASP D 204 4.20 -18.79 -23.72
CA ASP D 204 4.68 -19.76 -24.70
C ASP D 204 5.32 -19.10 -25.92
N GLN D 205 4.71 -18.05 -26.44
CA GLN D 205 5.29 -17.44 -27.58
C GLN D 205 6.43 -16.51 -27.25
N ALA D 206 6.43 -15.98 -26.04
CA ALA D 206 7.61 -15.32 -25.47
C ALA D 206 8.82 -16.24 -25.40
N GLU D 207 8.68 -17.31 -24.60
CA GLU D 207 9.73 -18.31 -24.42
C GLU D 207 10.20 -18.93 -25.74
N LYS D 208 9.26 -19.11 -26.67
CA LYS D 208 9.58 -19.57 -28.01
C LYS D 208 10.60 -18.64 -28.66
N GLN D 209 10.29 -17.35 -28.67
CA GLN D 209 11.17 -16.35 -29.27
C GLN D 209 12.53 -16.28 -28.54
N LEU D 210 12.49 -16.35 -27.21
CA LEU D 210 13.70 -16.37 -26.41
C LEU D 210 14.62 -17.52 -26.81
N GLU D 211 14.08 -18.72 -26.82
CA GLU D 211 14.85 -19.91 -27.20
C GLU D 211 15.39 -19.77 -28.62
N ASN D 212 14.54 -19.27 -29.52
CA ASN D 212 14.95 -19.05 -30.91
C ASN D 212 16.17 -18.13 -31.03
N SER D 213 16.10 -16.95 -30.43
CA SER D 213 17.20 -16.00 -30.51
C SER D 213 18.44 -16.50 -29.76
N LEU D 214 18.22 -17.29 -28.72
CA LEU D 214 19.32 -17.92 -28.00
C LEU D 214 20.10 -18.87 -28.90
N ASN D 215 19.38 -19.72 -29.63
CA ASN D 215 20.01 -20.63 -30.58
C ASN D 215 20.64 -19.88 -31.76
N GLU D 216 19.97 -18.82 -32.20
CA GLU D 216 20.45 -17.99 -33.30
C GLU D 216 21.76 -17.30 -32.94
N PHE D 217 21.91 -16.95 -31.66
CA PHE D 217 23.08 -16.23 -31.17
C PHE D 217 24.38 -16.98 -31.45
N GLY D 218 24.35 -18.30 -31.32
CA GLY D 218 25.48 -19.12 -31.71
C GLY D 218 26.29 -19.70 -30.58
N GLU D 219 26.07 -19.24 -29.35
CA GLU D 219 26.83 -19.77 -28.23
C GLU D 219 26.00 -20.66 -27.32
N LYS D 220 26.63 -21.64 -26.71
CA LYS D 220 25.94 -22.60 -25.89
C LYS D 220 25.24 -21.94 -24.76
N TRP D 221 24.17 -22.55 -24.30
CA TRP D 221 23.48 -22.07 -23.14
C TRP D 221 22.78 -23.19 -22.44
N GLU D 222 22.32 -22.96 -21.22
CA GLU D 222 21.71 -24.01 -20.44
C GLU D 222 20.27 -23.69 -20.11
N LEU D 223 19.44 -24.69 -19.98
CA LEU D 223 18.02 -24.49 -19.76
C LEU D 223 17.61 -24.83 -18.37
N ASN D 224 17.13 -23.86 -17.63
CA ASN D 224 16.61 -24.14 -16.31
C ASN D 224 15.11 -23.97 -16.27
N SER D 225 14.39 -25.08 -16.31
CA SER D 225 12.96 -25.01 -16.46
C SER D 225 12.25 -24.79 -15.17
N GLY D 226 11.28 -23.90 -15.18
CA GLY D 226 10.52 -23.61 -14.00
C GLY D 226 11.19 -22.65 -13.07
N ASP D 227 12.37 -22.19 -13.41
CA ASP D 227 13.14 -21.32 -12.54
C ASP D 227 12.90 -19.86 -12.83
N GLY D 228 12.00 -19.57 -13.74
CA GLY D 228 11.67 -18.20 -14.08
C GLY D 228 10.91 -17.46 -12.98
N ALA D 229 10.80 -16.15 -13.14
CA ALA D 229 10.04 -15.33 -12.20
C ALA D 229 8.55 -15.43 -12.47
N PHE D 230 7.73 -15.21 -11.45
CA PHE D 230 6.29 -15.41 -11.57
C PHE D 230 5.66 -14.43 -12.57
N TYR D 231 6.34 -13.32 -12.82
CA TYR D 231 5.86 -12.33 -13.78
C TYR D 231 6.47 -12.46 -15.16
N GLY D 232 7.42 -13.39 -15.34
CA GLY D 232 8.04 -13.58 -16.64
C GLY D 232 9.26 -14.49 -16.69
N PRO D 233 9.61 -14.95 -17.90
CA PRO D 233 10.81 -15.75 -18.17
C PRO D 233 12.04 -14.86 -18.19
N LYS D 234 13.24 -15.42 -17.98
CA LYS D 234 14.44 -14.58 -17.98
C LYS D 234 15.67 -15.28 -18.53
N ILE D 235 16.53 -14.49 -19.18
CA ILE D 235 17.87 -14.94 -19.55
C ILE D 235 18.86 -14.33 -18.57
N ASP D 236 19.57 -15.20 -17.86
CA ASP D 236 20.60 -14.77 -16.92
C ASP D 236 21.98 -14.98 -17.52
N ILE D 237 22.89 -14.05 -17.22
CA ILE D 237 24.24 -14.11 -17.77
C ILE D 237 25.27 -14.08 -16.65
N GLN D 238 26.17 -15.05 -16.63
CA GLN D 238 27.26 -15.02 -15.67
C GLN D 238 28.59 -14.79 -16.37
N ILE D 239 29.28 -13.74 -15.94
CA ILE D 239 30.56 -13.38 -16.52
C ILE D 239 31.72 -14.01 -15.74
N LYS D 240 32.75 -14.43 -16.46
CA LYS D 240 33.98 -14.91 -15.86
C LYS D 240 35.12 -13.96 -16.20
N ASP D 241 35.79 -13.51 -15.14
CA ASP D 241 36.89 -12.56 -15.22
C ASP D 241 38.24 -13.25 -15.36
N ALA D 242 39.31 -12.49 -15.21
CA ALA D 242 40.66 -13.02 -15.39
C ALA D 242 41.18 -13.81 -14.17
N ILE D 243 40.50 -13.68 -13.03
CA ILE D 243 40.92 -14.40 -11.83
C ILE D 243 40.23 -15.76 -11.77
N GLY D 244 39.26 -15.97 -12.67
CA GLY D 244 38.49 -17.19 -12.67
C GLY D 244 37.25 -17.06 -11.80
N ARG D 245 36.91 -15.83 -11.43
CA ARG D 245 35.72 -15.56 -10.63
C ARG D 245 34.47 -15.44 -11.50
N TYR D 246 33.36 -15.92 -10.98
CA TYR D 246 32.10 -15.83 -11.69
C TYR D 246 31.17 -14.81 -11.02
N HIS D 247 30.55 -13.97 -11.85
CA HIS D 247 29.70 -12.91 -11.34
C HIS D 247 28.36 -12.86 -12.08
N GLN D 248 27.29 -12.61 -11.34
CA GLN D 248 25.99 -12.39 -11.97
C GLN D 248 25.71 -10.89 -11.99
N CYS D 249 25.81 -10.30 -13.17
CA CYS D 249 25.70 -8.86 -13.31
C CYS D 249 24.57 -8.50 -14.26
N ALA D 250 24.74 -8.90 -15.51
CA ALA D 250 23.76 -8.62 -16.56
C ALA D 250 22.49 -9.45 -16.37
N THR D 251 21.36 -8.89 -16.78
CA THR D 251 20.11 -9.65 -16.79
C THR D 251 19.18 -9.19 -17.89
N ILE D 252 18.46 -10.16 -18.46
CA ILE D 252 17.38 -9.90 -19.40
C ILE D 252 16.09 -10.51 -18.82
N GLN D 253 15.14 -9.67 -18.44
CA GLN D 253 13.94 -10.14 -17.74
C GLN D 253 12.65 -9.67 -18.41
N LEU D 254 11.81 -10.61 -18.85
CA LEU D 254 10.53 -10.25 -19.41
C LEU D 254 9.51 -9.97 -18.31
N ASP D 255 8.64 -8.99 -18.56
CA ASP D 255 7.56 -8.65 -17.66
C ASP D 255 6.26 -8.49 -18.45
N PHE D 256 5.32 -9.39 -18.16
CA PHE D 256 3.93 -9.27 -18.61
C PHE D 256 3.02 -8.65 -17.54
N GLN D 257 3.51 -8.57 -16.31
CA GLN D 257 2.68 -8.13 -15.19
C GLN D 257 2.59 -6.61 -15.07
N LEU D 258 3.74 -5.97 -15.25
CA LEU D 258 3.84 -4.52 -15.12
C LEU D 258 2.97 -3.74 -16.11
N PRO D 259 2.91 -4.18 -17.39
CA PRO D 259 2.01 -3.44 -18.29
C PRO D 259 0.54 -3.59 -17.92
N ILE D 260 0.20 -4.68 -17.22
CA ILE D 260 -1.16 -4.88 -16.74
C ILE D 260 -1.45 -3.98 -15.55
N ARG D 261 -0.56 -3.98 -14.56
CA ARG D 261 -0.76 -3.22 -13.34
C ARG D 261 -0.86 -1.72 -13.60
N PHE D 262 -0.10 -1.24 -14.58
CA PHE D 262 -0.14 0.18 -14.93
C PHE D 262 -1.07 0.47 -16.11
N ASN D 263 -1.72 -0.58 -16.63
CA ASN D 263 -2.64 -0.47 -17.75
C ASN D 263 -1.98 0.21 -18.97
N LEU D 264 -0.85 -0.34 -19.40
CA LEU D 264 -0.13 0.20 -20.53
C LEU D 264 -0.71 -0.34 -21.85
N THR D 265 -0.95 0.57 -22.80
CA THR D 265 -1.54 0.20 -24.08
C THR D 265 -0.85 0.92 -25.24
N TYR D 266 -1.09 0.45 -26.46
CA TYR D 266 -0.56 1.11 -27.65
C TYR D 266 -1.41 0.79 -28.87
N VAL D 267 -1.27 1.60 -29.91
CA VAL D 267 -2.01 1.42 -31.15
C VAL D 267 -1.21 0.56 -32.13
N SER D 268 -1.77 -0.57 -32.54
CA SER D 268 -1.09 -1.44 -33.49
C SER D 268 -1.49 -1.08 -34.92
N HIS D 269 -0.91 -1.76 -35.90
CA HIS D 269 -1.09 -1.37 -37.31
C HIS D 269 -2.50 -1.64 -37.85
N ASP D 270 -3.21 -2.56 -37.22
CA ASP D 270 -4.56 -2.89 -37.67
C ASP D 270 -5.62 -2.01 -36.99
N GLY D 271 -5.16 -1.17 -36.06
CA GLY D 271 -6.05 -0.21 -35.41
C GLY D 271 -6.46 -0.54 -33.99
N ASP D 272 -6.11 -1.73 -33.52
CA ASP D 272 -6.48 -2.14 -32.17
C ASP D 272 -5.59 -1.45 -31.14
N ASP D 273 -6.22 -0.66 -30.26
CA ASP D 273 -5.51 0.12 -29.25
C ASP D 273 -5.45 -0.57 -27.90
N LYS D 274 -5.99 -1.78 -27.83
CA LYS D 274 -6.10 -2.51 -26.57
C LYS D 274 -4.92 -3.45 -26.32
N LYS D 275 -3.95 -3.45 -27.21
CA LYS D 275 -2.80 -4.35 -27.09
C LYS D 275 -1.83 -3.91 -26.00
N ARG D 276 -1.38 -4.87 -25.19
CA ARG D 276 -0.40 -4.63 -24.13
C ARG D 276 1.02 -4.84 -24.63
N PRO D 277 1.92 -3.91 -24.29
CA PRO D 277 3.33 -4.10 -24.63
C PRO D 277 4.00 -5.08 -23.67
N VAL D 278 5.05 -5.75 -24.14
CA VAL D 278 5.90 -6.54 -23.27
C VAL D 278 7.03 -5.65 -22.77
N ILE D 279 7.37 -5.79 -21.49
CA ILE D 279 8.47 -5.00 -20.93
C ILE D 279 9.72 -5.86 -20.77
N VAL D 280 10.86 -5.36 -21.22
CA VAL D 280 12.11 -6.06 -21.02
C VAL D 280 13.02 -5.25 -20.11
N HIS D 281 13.20 -5.73 -18.88
CA HIS D 281 14.16 -5.13 -17.96
C HIS D 281 15.53 -5.65 -18.35
N ARG D 282 16.43 -4.75 -18.70
CA ARG D 282 17.77 -5.17 -19.08
C ARG D 282 18.85 -4.36 -18.38
N ALA D 283 19.88 -5.08 -17.93
CA ALA D 283 21.08 -4.43 -17.41
C ALA D 283 22.31 -5.23 -17.83
N ILE D 284 23.45 -4.57 -17.94
CA ILE D 284 24.69 -5.25 -18.34
C ILE D 284 25.72 -5.19 -17.21
N LEU D 285 26.16 -3.98 -16.88
CA LEU D 285 27.14 -3.79 -15.80
C LEU D 285 26.57 -4.18 -14.43
N GLY D 286 25.25 -4.30 -14.34
CA GLY D 286 24.61 -4.38 -13.04
C GLY D 286 24.67 -3.00 -12.44
N SER D 287 25.06 -2.88 -11.17
CA SER D 287 25.31 -1.57 -10.60
C SER D 287 26.72 -1.12 -10.98
N VAL D 288 26.90 0.19 -11.17
CA VAL D 288 28.20 0.74 -11.49
C VAL D 288 29.20 0.44 -10.38
N GLU D 289 28.72 0.49 -9.14
CA GLU D 289 29.54 0.18 -7.97
C GLU D 289 30.10 -1.24 -8.01
N ARG D 290 29.21 -2.22 -8.14
CA ARG D 290 29.61 -3.63 -8.21
C ARG D 290 30.63 -3.85 -9.30
N MET D 291 30.40 -3.23 -10.46
CA MET D 291 31.30 -3.38 -11.59
C MET D 291 32.66 -2.73 -11.31
N ILE D 292 32.66 -1.64 -10.54
CA ILE D 292 33.91 -0.99 -10.16
C ILE D 292 34.70 -1.90 -9.23
N ALA D 293 34.01 -2.55 -8.29
CA ALA D 293 34.64 -3.53 -7.41
C ALA D 293 35.27 -4.67 -8.21
N ILE D 294 34.43 -5.30 -9.05
CA ILE D 294 34.86 -6.41 -9.90
C ILE D 294 36.08 -6.04 -10.74
N LEU D 295 36.01 -4.92 -11.45
CA LEU D 295 37.12 -4.46 -12.28
C LEU D 295 38.37 -4.15 -11.47
N THR D 296 38.19 -3.55 -10.29
CA THR D 296 39.31 -3.20 -9.42
C THR D 296 40.08 -4.44 -9.01
N GLU D 297 39.37 -5.47 -8.55
CA GLU D 297 40.03 -6.70 -8.13
C GLU D 297 40.56 -7.51 -9.33
N ASN D 298 39.86 -7.42 -10.45
CA ASN D 298 40.23 -8.16 -11.65
C ASN D 298 41.53 -7.64 -12.25
N TYR D 299 41.70 -6.33 -12.23
CA TYR D 299 42.88 -5.69 -12.77
C TYR D 299 44.01 -5.61 -11.74
N GLY D 300 43.66 -5.89 -10.48
CA GLY D 300 44.62 -5.79 -9.40
C GLY D 300 45.05 -4.35 -9.18
N GLY D 301 44.19 -3.42 -9.57
CA GLY D 301 44.51 -2.01 -9.47
C GLY D 301 45.27 -1.51 -10.67
N LYS D 302 45.53 -2.40 -11.63
CA LYS D 302 46.28 -2.03 -12.81
C LYS D 302 45.29 -1.81 -13.96
N TRP D 303 45.04 -0.55 -14.27
CA TRP D 303 43.92 -0.19 -15.14
C TRP D 303 44.30 -0.10 -16.61
N PRO D 304 43.37 -0.45 -17.51
CA PRO D 304 43.55 -0.17 -18.93
C PRO D 304 43.63 1.34 -19.15
N PHE D 305 44.28 1.78 -20.23
CA PHE D 305 44.53 3.19 -20.45
C PHE D 305 43.25 4.04 -20.50
N TRP D 306 42.20 3.49 -21.10
CA TRP D 306 40.95 4.22 -21.26
C TRP D 306 40.20 4.35 -19.93
N LEU D 307 40.39 3.39 -19.04
CA LEU D 307 39.71 3.39 -17.75
C LEU D 307 40.52 4.06 -16.65
N SER D 308 41.77 4.39 -16.95
CA SER D 308 42.72 4.79 -15.92
C SER D 308 42.60 6.27 -15.52
N PRO D 309 42.42 6.52 -14.20
CA PRO D 309 42.45 7.86 -13.63
C PRO D 309 43.85 8.46 -13.66
N ARG D 310 44.86 7.59 -13.68
CA ARG D 310 46.24 8.01 -13.89
C ARG D 310 46.73 7.47 -15.22
N GLN D 311 46.88 8.35 -16.21
CA GLN D 311 47.24 7.95 -17.55
C GLN D 311 48.66 8.35 -17.90
N VAL D 312 48.92 9.66 -17.90
CA VAL D 312 50.24 10.17 -18.22
C VAL D 312 50.91 10.86 -17.03
N MET D 313 52.14 10.44 -16.72
CA MET D 313 52.96 11.17 -15.75
C MET D 313 54.11 11.85 -16.47
N VAL D 314 54.22 13.17 -16.28
CA VAL D 314 55.29 13.93 -16.93
C VAL D 314 56.44 14.20 -15.95
N VAL D 315 57.61 13.70 -16.30
CA VAL D 315 58.81 13.83 -15.47
C VAL D 315 59.92 14.62 -16.15
N PRO D 316 60.31 15.73 -15.55
CA PRO D 316 61.42 16.52 -16.06
C PRO D 316 62.72 15.94 -15.58
N VAL D 317 63.79 16.13 -16.34
CA VAL D 317 65.07 15.60 -15.92
C VAL D 317 65.76 16.49 -14.92
N GLY D 318 65.47 17.78 -14.93
CA GLY D 318 65.98 18.66 -13.92
C GLY D 318 65.37 20.03 -14.06
N PRO D 319 65.47 20.87 -12.94
CA PRO D 319 64.74 22.14 -13.10
C PRO D 319 65.11 22.89 -14.35
N THR D 320 66.22 22.51 -14.94
CA THR D 320 66.66 23.07 -16.20
C THR D 320 65.49 23.11 -17.17
N CYS D 321 64.64 22.10 -17.10
CA CYS D 321 63.53 22.04 -18.01
C CYS D 321 62.28 21.54 -17.30
N ASP D 322 61.70 22.42 -16.52
CA ASP D 322 60.52 22.13 -15.73
C ASP D 322 59.36 22.72 -16.42
N GLU D 323 59.59 23.83 -17.07
CA GLU D 323 58.52 24.55 -17.69
C GLU D 323 58.25 23.98 -19.04
N TYR D 324 59.12 23.13 -19.54
CA TYR D 324 58.83 22.39 -20.74
C TYR D 324 57.98 21.23 -20.36
N ALA D 325 58.16 20.74 -19.15
CA ALA D 325 57.33 19.69 -18.67
C ALA D 325 55.97 20.26 -18.48
N GLN D 326 55.89 21.48 -17.96
CA GLN D 326 54.63 22.12 -17.77
C GLN D 326 53.95 22.32 -19.10
N LYS D 327 54.67 22.81 -20.09
CA LYS D 327 54.04 22.90 -21.41
C LYS D 327 53.54 21.54 -21.92
N VAL D 328 54.38 20.51 -21.82
CA VAL D 328 54.01 19.17 -22.27
C VAL D 328 52.76 18.63 -21.58
N ARG D 329 52.78 18.62 -20.25
CA ARG D 329 51.64 18.17 -19.46
C ARG D 329 50.40 18.95 -19.82
N GLN D 330 50.54 20.26 -19.97
CA GLN D 330 49.40 21.10 -20.34
C GLN D 330 48.80 20.67 -21.68
N GLN D 331 49.66 20.41 -22.66
CA GLN D 331 49.21 19.94 -23.96
C GLN D 331 48.47 18.61 -23.87
N PHE D 332 48.98 17.70 -23.03
CA PHE D 332 48.32 16.41 -22.86
C PHE D 332 47.02 16.52 -22.06
N HIS D 333 46.89 17.58 -21.27
CA HIS D 333 45.71 17.80 -20.45
C HIS D 333 44.55 18.26 -21.31
N ASP D 334 44.84 19.12 -22.27
CA ASP D 334 43.83 19.70 -23.15
C ASP D 334 43.34 18.68 -24.18
N ALA D 335 44.03 17.55 -24.25
CA ALA D 335 43.62 16.43 -25.11
C ALA D 335 42.68 15.51 -24.36
N LYS D 336 42.30 15.95 -23.15
CA LYS D 336 41.31 15.30 -22.28
C LYS D 336 41.89 14.12 -21.50
N PHE D 337 43.17 13.82 -21.73
CA PHE D 337 43.86 12.80 -20.95
C PHE D 337 43.98 13.22 -19.49
N MET D 338 44.13 12.25 -18.60
CA MET D 338 44.42 12.54 -17.20
C MET D 338 45.94 12.52 -17.05
N ALA D 339 46.52 13.70 -16.84
CA ALA D 339 47.96 13.84 -16.87
C ALA D 339 48.48 14.67 -15.70
N ASP D 340 49.39 14.09 -14.93
CA ASP D 340 50.01 14.79 -13.83
C ASP D 340 51.50 14.99 -14.11
N ILE D 341 52.20 15.59 -13.14
CA ILE D 341 53.60 15.96 -13.34
C ILE D 341 54.36 15.86 -12.02
N ASP D 342 55.65 15.57 -12.07
CA ASP D 342 56.45 15.57 -10.85
C ASP D 342 57.58 16.59 -10.90
N LEU D 343 57.45 17.68 -10.13
CA LEU D 343 58.45 18.75 -10.15
C LEU D 343 59.46 18.70 -9.01
N ASP D 344 59.32 17.75 -8.09
CA ASP D 344 60.13 17.74 -6.86
C ASP D 344 61.63 17.65 -7.17
N PRO D 345 62.38 18.71 -6.82
CA PRO D 345 63.83 18.74 -6.99
C PRO D 345 64.55 17.80 -6.03
N GLY D 346 63.86 17.40 -4.97
CA GLY D 346 64.44 16.54 -3.96
C GLY D 346 64.26 15.06 -4.25
N CYS D 347 64.04 14.73 -5.52
CA CYS D 347 63.86 13.33 -5.92
C CYS D 347 64.71 12.96 -7.13
N THR D 348 65.23 11.74 -7.12
CA THR D 348 65.96 11.19 -8.25
C THR D 348 64.98 10.89 -9.39
N LEU D 349 65.44 11.00 -10.63
CA LEU D 349 64.62 10.69 -11.80
C LEU D 349 64.07 9.26 -11.73
N ASN D 350 64.94 8.30 -11.45
CA ASN D 350 64.56 6.90 -11.32
C ASN D 350 63.51 6.68 -10.22
N LYS D 351 63.72 7.37 -9.09
CA LYS D 351 62.77 7.32 -7.98
C LYS D 351 61.40 7.79 -8.42
N LYS D 352 61.36 8.93 -9.11
CA LYS D 352 60.12 9.45 -9.66
C LYS D 352 59.45 8.46 -10.60
N ILE D 353 60.25 7.87 -11.48
CA ILE D 353 59.74 6.94 -12.48
C ILE D 353 59.08 5.71 -11.85
N ARG D 354 59.80 5.02 -10.97
CA ARG D 354 59.21 3.83 -10.38
C ARG D 354 58.11 4.19 -9.38
N ASN D 355 58.15 5.41 -8.85
CA ASN D 355 57.03 5.91 -8.06
C ASN D 355 55.77 6.00 -8.91
N ALA D 356 55.91 6.56 -10.11
CA ALA D 356 54.81 6.67 -11.06
C ALA D 356 54.30 5.28 -11.46
N GLN D 357 55.23 4.34 -11.64
CA GLN D 357 54.88 2.98 -12.01
C GLN D 357 54.12 2.27 -10.89
N LEU D 358 54.53 2.51 -9.65
CA LEU D 358 53.86 1.93 -8.49
C LEU D 358 52.49 2.57 -8.27
N ALA D 359 52.32 3.76 -8.84
CA ALA D 359 51.05 4.48 -8.77
C ALA D 359 50.15 4.10 -9.95
N GLN D 360 50.62 3.12 -10.74
CA GLN D 360 49.88 2.55 -11.87
C GLN D 360 49.64 3.52 -13.03
N TYR D 361 50.53 4.50 -13.20
CA TYR D 361 50.47 5.37 -14.38
C TYR D 361 50.80 4.56 -15.64
N ASN D 362 49.92 4.62 -16.64
CA ASN D 362 50.10 3.83 -17.86
C ASN D 362 51.34 4.25 -18.64
N PHE D 363 51.54 5.55 -18.78
CA PHE D 363 52.64 6.07 -19.58
C PHE D 363 53.46 7.11 -18.81
N ILE D 364 54.77 6.90 -18.79
CA ILE D 364 55.66 7.88 -18.18
C ILE D 364 56.43 8.60 -19.28
N LEU D 365 56.22 9.92 -19.38
CA LEU D 365 56.92 10.73 -20.36
C LEU D 365 58.08 11.45 -19.71
N VAL D 366 59.29 11.04 -20.06
CA VAL D 366 60.50 11.66 -19.55
C VAL D 366 60.95 12.76 -20.50
N VAL D 367 61.25 13.92 -19.92
CA VAL D 367 61.69 15.07 -20.70
C VAL D 367 63.12 15.46 -20.32
N GLY D 368 64.04 15.29 -21.26
CA GLY D 368 65.40 15.77 -21.11
C GLY D 368 65.53 17.02 -21.97
N GLU D 369 66.76 17.49 -22.17
CA GLU D 369 66.93 18.71 -22.95
C GLU D 369 66.97 18.43 -24.46
N LYS D 370 67.27 17.20 -24.84
CA LYS D 370 67.10 16.77 -26.23
C LYS D 370 65.63 16.86 -26.58
N GLU D 371 64.80 16.38 -25.64
CA GLU D 371 63.36 16.43 -25.78
C GLU D 371 62.86 17.87 -25.86
N LYS D 372 63.41 18.73 -25.00
CA LYS D 372 63.04 20.13 -24.96
C LYS D 372 63.40 20.86 -26.26
N ILE D 373 64.57 20.54 -26.81
CA ILE D 373 65.01 21.16 -28.05
C ILE D 373 64.21 20.66 -29.26
N SER D 374 64.11 19.35 -29.41
CA SER D 374 63.45 18.76 -30.57
C SER D 374 61.93 18.89 -30.51
N GLY D 375 61.41 19.30 -29.37
CA GLY D 375 59.97 19.42 -29.18
C GLY D 375 59.31 18.05 -29.09
N THR D 376 59.87 17.20 -28.24
CA THR D 376 59.41 15.81 -28.13
C THR D 376 59.39 15.30 -26.70
N VAL D 377 59.02 14.02 -26.55
CA VAL D 377 59.02 13.36 -25.26
C VAL D 377 59.64 11.96 -25.40
N ASN D 378 60.19 11.44 -24.29
CA ASN D 378 60.73 10.09 -24.28
C ASN D 378 59.77 9.16 -23.55
N ILE D 379 59.25 8.14 -24.21
CA ILE D 379 58.20 7.34 -23.61
C ILE D 379 58.60 6.02 -22.97
N ARG D 380 57.97 5.73 -21.85
CA ARG D 380 58.25 4.53 -21.08
C ARG D 380 56.99 4.13 -20.36
N THR D 381 56.80 2.83 -20.14
CA THR D 381 55.53 2.32 -19.63
C THR D 381 55.58 1.94 -18.16
N ARG D 382 54.40 1.76 -17.57
CA ARG D 382 54.29 1.35 -16.18
C ARG D 382 55.11 0.09 -15.94
N ASP D 383 55.25 -0.74 -16.98
CA ASP D 383 56.04 -1.94 -16.88
C ASP D 383 57.41 -1.67 -17.40
N ASN D 384 57.78 -0.40 -17.44
CA ASN D 384 59.07 0.00 -17.94
C ASN D 384 59.40 -0.69 -19.23
N LYS D 385 58.68 -0.34 -20.27
CA LYS D 385 59.09 -0.63 -21.61
C LYS D 385 59.43 0.73 -22.05
N VAL D 386 60.33 0.84 -22.99
CA VAL D 386 60.72 2.13 -23.48
C VAL D 386 60.37 2.12 -24.94
N HIS D 387 59.46 2.99 -25.32
CA HIS D 387 59.05 3.07 -26.69
C HIS D 387 59.86 4.19 -27.23
N GLY D 388 60.92 4.48 -26.52
CA GLY D 388 61.77 5.53 -26.96
C GLY D 388 60.99 6.77 -27.24
N GLU D 389 61.68 7.65 -27.87
CA GLU D 389 61.30 9.02 -28.18
C GLU D 389 60.27 9.19 -29.30
N ARG D 390 59.27 10.05 -29.05
CA ARG D 390 58.29 10.45 -30.06
C ARG D 390 57.98 11.94 -29.89
N THR D 391 57.59 12.63 -30.97
CA THR D 391 57.15 14.02 -30.82
C THR D 391 55.78 14.02 -30.16
N ILE D 392 55.40 15.17 -29.60
CA ILE D 392 54.14 15.29 -28.86
C ILE D 392 52.90 14.86 -29.68
N SER D 393 52.87 15.23 -30.95
CA SER D 393 51.71 14.95 -31.79
C SER D 393 51.50 13.45 -32.06
N GLU D 394 52.59 12.76 -32.41
CA GLU D 394 52.58 11.30 -32.55
C GLU D 394 52.01 10.65 -31.30
N THR D 395 52.55 11.04 -30.16
CA THR D 395 52.16 10.51 -28.86
C THR D 395 50.68 10.72 -28.58
N ILE D 396 50.22 11.97 -28.72
CA ILE D 396 48.83 12.33 -28.46
C ILE D 396 47.87 11.58 -29.38
N GLU D 397 48.22 11.50 -30.66
CA GLU D 397 47.38 10.80 -31.62
C GLU D 397 47.27 9.29 -31.33
N ARG D 398 48.42 8.67 -31.06
CA ARG D 398 48.44 7.23 -30.76
C ARG D 398 47.67 6.92 -29.48
N LEU D 399 47.92 7.72 -28.43
CA LEU D 399 47.23 7.57 -27.16
C LEU D 399 45.73 7.80 -27.32
N GLN D 400 45.36 8.72 -28.21
CA GLN D 400 43.96 9.02 -28.47
C GLN D 400 43.29 7.84 -29.16
N GLN D 401 44.03 7.20 -30.07
CA GLN D 401 43.58 5.98 -30.71
C GLN D 401 43.33 4.88 -29.68
N LEU D 402 44.36 4.61 -28.88
CA LEU D 402 44.30 3.55 -27.87
C LEU D 402 43.23 3.82 -26.81
N LYS D 403 42.88 5.10 -26.65
CA LYS D 403 41.80 5.49 -25.75
C LYS D 403 40.45 5.18 -26.39
N GLU D 404 40.19 5.82 -27.53
CA GLU D 404 38.95 5.67 -28.27
C GLU D 404 38.56 4.21 -28.54
N PHE D 405 39.56 3.37 -28.81
CA PHE D 405 39.32 1.97 -29.12
C PHE D 405 39.27 1.11 -27.85
N ARG D 406 39.53 1.73 -26.71
CA ARG D 406 39.54 1.04 -25.41
C ARG D 406 40.40 -0.21 -25.44
N SER D 407 41.65 -0.05 -25.90
CA SER D 407 42.60 -1.15 -25.99
C SER D 407 42.85 -1.78 -24.63
N LYS D 408 42.89 -3.11 -24.58
CA LYS D 408 43.05 -3.82 -23.32
C LYS D 408 44.49 -3.75 -22.81
N GLN D 409 45.46 -3.84 -23.71
CA GLN D 409 46.81 -3.44 -23.36
C GLN D 409 47.24 -2.30 -24.28
N ALA D 410 47.27 -1.09 -23.74
CA ALA D 410 47.70 0.07 -24.51
C ALA D 410 49.21 0.21 -24.46
N GLU D 411 49.77 -0.12 -23.30
CA GLU D 411 51.19 -0.02 -23.03
C GLU D 411 52.01 -0.75 -24.08
N GLU D 412 51.66 -2.00 -24.34
CA GLU D 412 52.39 -2.82 -25.30
C GLU D 412 52.03 -2.46 -26.74
N GLU D 413 50.75 -2.22 -27.01
CA GLU D 413 50.29 -1.96 -28.37
C GLU D 413 50.68 -0.58 -28.91
N PHE D 414 51.28 0.26 -28.06
CA PHE D 414 51.66 1.61 -28.47
C PHE D 414 52.59 1.58 -29.69
C1 BC9 E . -4.48 -12.47 15.61
C2 BC9 E . -4.58 -13.94 15.44
C3 BC9 E . -5.45 -14.02 16.66
C5 BC9 E . -5.26 -12.55 16.90
C6 BC9 E . -3.08 -11.95 15.80
C7 BC9 E . -3.40 -10.52 16.12
C8 BC9 E . -2.49 -9.51 15.55
C9 BC9 E . -2.91 -8.47 14.87
C10 BC9 E . -1.77 -7.68 14.51
C11 BC9 E . -1.69 -6.52 13.90
C12 BC9 E . -2.65 -5.88 13.46
C13 BC9 E . -0.30 -6.06 13.78
C14 BC9 E . 0.15 -6.17 12.36
C15 BC9 E . 1.48 -5.50 12.28
C16 BC9 E . 0.25 -7.62 11.98
C17 BC9 E . 0.36 -7.81 10.50
C18 BC9 E . -0.72 -7.05 9.79
C19 BC9 E . 0.23 -9.27 10.13
C20 BC9 E . 1.03 -10.19 11.02
C21 BC9 E . 2.43 -10.35 10.53
C22 BC9 E . 0.31 -11.51 11.02
C23 BC9 E . 1.12 -12.68 11.53
C24 BC9 E . 0.75 -13.84 10.66
C25 BC9 E . 0.77 -13.00 12.97
C26 BC9 E . -0.72 -13.21 13.08
C27 BC9 E . -1.35 -13.01 14.41
O28 BC9 E . -1.04 -13.67 15.35
O29 BC9 E . -2.39 -12.04 14.57
C30 BC9 E . -5.32 -14.25 14.21
O31 BC9 E . -6.32 -13.59 13.96
O32 BC9 E . -4.88 -15.13 13.48
O33 BC9 E . -0.24 -4.72 14.21
O34 BC9 E . 1.15 -11.87 13.73
N35 BC9 E . -3.52 -5.28 13.05
ZN ZN F . -7.03 -8.40 16.87
C1 BC9 G . -35.31 -8.29 -4.03
C2 BC9 G . -35.39 -6.86 -3.64
C3 BC9 G . -36.06 -7.27 -2.36
C5 BC9 G . -36.11 -8.70 -2.81
C6 BC9 G . -35.95 -8.63 -5.34
C7 BC9 G . -35.98 -10.14 -5.27
C8 BC9 G . -35.50 -10.88 -6.48
C9 BC9 G . -34.46 -11.68 -6.54
C10 BC9 G . -34.45 -12.12 -7.89
C11 BC9 G . -33.75 -13.02 -8.53
C12 BC9 G . -32.83 -13.70 -8.07
C13 BC9 G . -34.19 -13.07 -9.95
C14 BC9 G . -33.18 -12.38 -10.82
C15 BC9 G . -33.77 -12.39 -12.19
C16 BC9 G . -32.94 -10.97 -10.35
C17 BC9 G . -32.05 -10.22 -11.29
C18 BC9 G . -30.70 -10.88 -11.29
C19 BC9 G . -31.90 -8.83 -10.74
C20 BC9 G . -33.07 -7.95 -11.09
C21 BC9 G . -33.17 -7.91 -12.58
C22 BC9 G . -32.74 -6.59 -10.55
C23 BC9 G . -33.94 -5.70 -10.36
C24 BC9 G . -33.40 -4.37 -9.90
C25 BC9 G . -34.96 -6.22 -9.38
C26 BC9 G . -34.34 -6.47 -8.04
C27 BC9 G . -35.32 -6.97 -7.03
O28 BC9 G . -36.28 -6.34 -6.75
O29 BC9 G . -35.08 -8.21 -6.37
C30 BC9 G . -34.03 -6.38 -3.38
O31 BC9 G . -33.68 -5.31 -3.86
O32 BC9 G . -33.31 -7.10 -2.73
O33 BC9 G . -34.40 -14.39 -10.39
O34 BC9 G . -35.44 -7.46 -9.87
N35 BC9 G . -31.98 -14.36 -7.68
ZN ZN H . -34.56 -12.84 -2.25
C1 BC9 I . 24.07 27.12 0.07
C2 BC9 I . 22.92 27.62 -0.75
C3 BC9 I . 23.83 27.67 -1.95
C5 BC9 I . 25.00 27.24 -1.11
C6 BC9 I . 24.47 27.95 1.26
C7 BC9 I . 25.80 27.33 1.62
C8 BC9 I . 26.03 26.97 3.04
C9 BC9 I . 26.33 25.78 3.48
C10 BC9 I . 26.50 25.97 4.89
C11 BC9 I . 26.77 25.19 5.91
C12 BC9 I . 26.89 23.96 5.90
C13 BC9 I . 26.90 25.99 7.15
C14 BC9 I . 25.72 25.71 8.02
C15 BC9 I . 25.86 26.57 9.22
C16 BC9 I . 24.43 26.02 7.32
C17 BC9 I . 23.30 25.62 8.22
C18 BC9 I . 23.38 24.14 8.49
C19 BC9 I . 22.01 25.94 7.52
C20 BC9 I . 21.94 27.41 7.19
C21 BC9 I . 21.34 28.13 8.38
C22 BC9 I . 21.04 27.54 5.99
C23 BC9 I . 20.55 28.93 5.70
C24 BC9 I . 19.10 28.85 5.32
C25 BC9 I . 21.34 29.55 4.57
C26 BC9 I . 21.40 28.63 3.37
C27 BC9 I . 22.62 28.84 2.54
O28 BC9 I . 22.79 29.90 2.06
O29 BC9 I . 23.56 27.79 2.31
C30 BC9 I . 21.88 26.59 -0.93
O31 BC9 I . 20.74 26.94 -1.20
O32 BC9 I . 22.17 25.39 -0.80
O33 BC9 I . 28.09 25.67 7.83
O34 BC9 I . 22.64 29.77 5.08
N35 BC9 I . 27.02 22.82 5.94
ZN ZN J . 27.99 24.13 -0.07
C1 BC9 K . 15.37 -6.49 -11.57
C2 BC9 K . 16.71 -6.92 -11.08
C3 BC9 K . 17.35 -6.50 -12.37
C5 BC9 K . 15.98 -6.20 -12.91
C6 BC9 K . 14.32 -7.59 -11.56
C7 BC9 K . 13.06 -7.28 -12.36
C8 BC9 K . 12.66 -5.86 -12.22
C9 BC9 K . 11.46 -5.37 -11.98
C10 BC9 K . 10.26 -6.15 -11.81
C11 BC9 K . 9.08 -5.63 -11.49
C12 BC9 K . 8.85 -4.43 -11.32
C13 BC9 K . 7.93 -6.56 -11.38
C14 BC9 K . 7.42 -6.61 -9.98
C15 BC9 K . 6.13 -7.41 -9.99
C16 BC9 K . 8.42 -7.29 -9.07
C17 BC9 K . 8.16 -7.06 -7.61
C18 BC9 K . 7.83 -5.62 -7.34
C19 BC9 K . 9.39 -7.44 -6.81
C20 BC9 K . 9.91 -8.80 -7.18
C21 BC9 K . 9.24 -9.85 -6.33
C22 BC9 K . 11.40 -8.78 -6.95
C23 BC9 K . 12.06 -10.12 -6.74
C24 BC9 K . 13.01 -10.02 -5.59
C25 BC9 K . 12.82 -10.50 -7.98
C26 BC9 K . 13.85 -9.43 -8.26
C27 BC9 K . 14.10 -9.15 -9.71
O28 BC9 K . 14.43 -10.04 -10.42
O29 BC9 K . 13.93 -7.82 -10.21
C30 BC9 K . 17.22 -6.17 -9.91
O31 BC9 K . 17.93 -6.76 -9.10
O32 BC9 K . 16.93 -4.98 -9.77
O33 BC9 K . 6.90 -6.07 -12.22
O34 BC9 K . 11.88 -10.55 -9.02
N35 BC9 K . 8.60 -3.33 -11.17
ZN ZN L . 13.49 -2.80 -14.41
#